data_8SXJ
#
_entry.id   8SXJ
#
_cell.length_a   1.00
_cell.length_b   1.00
_cell.length_c   1.00
_cell.angle_alpha   90.00
_cell.angle_beta   90.00
_cell.angle_gamma   90.00
#
_symmetry.space_group_name_H-M   'P 1'
#
loop_
_entity.id
_entity.type
_entity.pdbx_description
1 polymer 'Envelope glycoprotein gp160'
2 polymer 'HIV-1 gp41'
3 polymer 'CH235.12 Heavy Chain'
4 polymer 'CH235.12 Light Chain'
#
loop_
_entity_poly.entity_id
_entity_poly.type
_entity_poly.pdbx_seq_one_letter_code
_entity_poly.pdbx_strand_id
1 'polypeptide(L)'
;ENLWVTVYYGVPVWKEAKTTLFCASDAKAYEKEVHNIWATHACVPTDPNPQEMVLKNVTENFNMWKNDMVDQMHEDVISL
WDQSLKPCVKLTPLCCTLNCTNATASNSSIIEGMKNCSFNITTELRCKREKKNALFYKLDIVQLDGNSSQYRLINCDTSV
ITQVCPKLSFDPIPIHYCAPAGYAILKCNNKTFTGTGPCNNVSTVQCTHGIKPVLSTQLLLNGSLAEGEIIIRSENITKN
VKTIIVHLNESVKIECTRPNNKTRTSIRIGPGQAFYATGQVIGDIREAYCNINESKWNETLQRVSKKLKEYFPHKNITFQ
PSSGGDLEITTHSFNCGGEFFYCNTSSLFNRTYMANSTETNSTRTITIHCRIKQIINMWQEVGRAMYAPPIAGNITCISN
ITGLLLTRDYGKNNTETFRPGGGNMKDNWRSELYKYKVVKIEPLGVAPTRCKRRVV
;
A,E,I
2 'polypeptide(L)'
;VFLGFLGAAGSTMGAASMTLTVQARNLLSGTVWGIKQLQARVLAVERYLRDQQLLGIWGCSGKLICCTNVPWNSSWSNRN
LSEIWDNMTWLQWDKEISNYTQIIYGLLEESQNQQEKNEQDLLALD
;
B,F,J
3 'polypeptide(L)'
;QVRLAQYGGGVKRLGATMTLSCVASGYTFNDYYIHWVRQAPGQGFELLGYIDPANGRPDYAGALRERLSFYRDKSMETLY
MDLRSLRYDDTAMYYCVRNVGTAGSLLHYDHWGSGSPVIVSS
;
C,G,K
4 'polypeptide(L)'
;EIVLTQSPATLSASPGERVTLTCRASRSVRNNVAWYQHKGGQSPRLLIYDASTRAAGVPARFSGSASGTEFTLAISNLES
EDFTVYFCLQYNNWWTFGQGTRVDI
;
D,H,L
#
# COMPACT_ATOMS: atom_id res chain seq x y z
N GLU A 1 45.52 25.59 29.34
CA GLU A 1 46.43 24.42 29.31
C GLU A 1 45.75 23.14 29.80
N ASN A 2 46.32 21.97 29.44
CA ASN A 2 45.86 20.63 29.83
C ASN A 2 44.39 20.35 29.47
N LEU A 3 44.10 20.32 28.16
CA LEU A 3 42.76 20.12 27.61
C LEU A 3 42.64 18.85 26.77
N TRP A 4 41.48 18.22 26.85
CA TRP A 4 41.18 16.97 26.16
C TRP A 4 39.77 17.01 25.58
N VAL A 5 39.52 16.18 24.57
CA VAL A 5 38.21 16.03 23.95
C VAL A 5 37.20 15.51 24.96
N THR A 6 35.97 15.97 24.86
CA THR A 6 34.83 15.32 25.49
C THR A 6 33.63 15.35 24.58
N VAL A 7 32.77 14.36 24.71
CA VAL A 7 31.49 14.29 24.02
C VAL A 7 30.36 14.61 24.99
N TYR A 8 29.44 15.45 24.54
CA TYR A 8 28.19 15.71 25.20
C TYR A 8 27.08 15.19 24.32
N TYR A 9 26.21 14.33 24.85
CA TYR A 9 25.02 13.90 24.13
C TYR A 9 23.84 14.83 24.40
N GLY A 10 22.85 14.86 23.51
CA GLY A 10 21.66 15.68 23.68
C GLY A 10 21.88 17.19 23.57
N VAL A 11 23.01 17.65 23.04
CA VAL A 11 23.29 19.09 22.93
C VAL A 11 22.23 19.77 22.06
N PRO A 12 21.60 20.87 22.51
CA PRO A 12 20.62 21.58 21.70
C PRO A 12 21.32 22.36 20.58
N VAL A 13 21.38 21.77 19.39
CA VAL A 13 21.88 22.40 18.16
C VAL A 13 21.18 21.78 16.95
N TRP A 14 21.03 22.54 15.86
CA TRP A 14 20.21 22.12 14.73
C TRP A 14 20.73 22.61 13.37
N LYS A 15 20.24 21.98 12.30
CA LYS A 15 20.40 22.45 10.92
C LYS A 15 19.10 22.29 10.14
N GLU A 16 18.94 23.07 9.09
CA GLU A 16 17.76 23.01 8.22
C GLU A 16 17.79 21.76 7.34
N ALA A 17 16.64 21.13 7.13
CA ALA A 17 16.53 19.97 6.25
C ALA A 17 15.11 19.80 5.70
N LYS A 18 14.98 19.19 4.53
CA LYS A 18 13.71 18.63 4.08
C LYS A 18 13.37 17.44 4.96
N THR A 19 12.13 17.34 5.45
CA THR A 19 11.68 16.18 6.25
C THR A 19 10.18 15.98 6.12
N THR A 20 9.70 14.74 6.23
CA THR A 20 8.28 14.42 6.04
C THR A 20 7.48 14.77 7.29
N LEU A 21 6.71 15.86 7.28
CA LEU A 21 5.85 16.22 8.40
C LEU A 21 4.62 15.31 8.53
N PHE A 22 4.10 15.15 9.75
CA PHE A 22 2.80 14.53 10.00
C PHE A 22 1.66 15.50 9.64
N CYS A 23 0.64 14.98 8.97
CA CYS A 23 -0.70 15.56 9.02
C CYS A 23 -1.29 15.36 10.41
N ALA A 24 -1.78 16.41 11.06
CA ALA A 24 -2.50 16.34 12.32
C ALA A 24 -3.84 17.09 12.27
N SER A 25 -4.80 16.67 13.09
CA SER A 25 -6.17 17.17 13.08
C SER A 25 -6.81 17.08 14.46
N ASP A 26 -7.85 17.87 14.71
CA ASP A 26 -8.89 17.44 15.66
C ASP A 26 -9.33 16.00 15.35
N ALA A 27 -9.48 15.16 16.37
CA ALA A 27 -9.38 13.70 16.23
C ALA A 27 -10.48 13.03 15.40
N LYS A 28 -11.62 13.69 15.24
CA LYS A 28 -12.72 13.32 14.33
C LYS A 28 -13.46 14.60 13.99
N ALA A 29 -13.50 15.04 12.73
CA ALA A 29 -14.04 16.34 12.32
C ALA A 29 -13.64 17.49 13.28
N TYR A 30 -14.55 18.41 13.60
CA TYR A 30 -14.41 19.45 14.65
C TYR A 30 -14.52 18.87 16.09
N GLU A 31 -13.97 17.69 16.35
CA GLU A 31 -14.27 16.82 17.50
C GLU A 31 -15.71 16.26 17.51
N LYS A 32 -16.21 15.84 16.35
CA LYS A 32 -17.58 15.36 16.08
C LYS A 32 -17.57 14.19 15.07
N GLU A 33 -18.65 13.41 15.00
CA GLU A 33 -18.76 12.22 14.14
C GLU A 33 -19.20 12.52 12.69
N VAL A 34 -19.24 13.79 12.26
CA VAL A 34 -19.66 14.18 10.91
C VAL A 34 -18.65 13.75 9.83
N HIS A 35 -19.14 13.58 8.60
CA HIS A 35 -18.31 13.17 7.45
C HIS A 35 -17.79 14.41 6.71
N ASN A 36 -16.49 14.71 6.77
CA ASN A 36 -15.86 15.89 6.17
C ASN A 36 -14.59 15.51 5.39
N ILE A 37 -14.38 16.13 4.22
CA ILE A 37 -13.43 15.64 3.22
C ILE A 37 -11.95 15.66 3.66
N TRP A 38 -11.60 16.49 4.64
CA TRP A 38 -10.30 16.44 5.32
C TRP A 38 -10.28 15.42 6.47
N ALA A 39 -10.73 15.81 7.67
CA ALA A 39 -10.43 15.08 8.91
C ALA A 39 -11.03 13.67 9.03
N THR A 40 -12.06 13.32 8.25
CA THR A 40 -12.61 11.95 8.27
C THR A 40 -11.63 10.93 7.66
N HIS A 41 -10.69 11.36 6.81
CA HIS A 41 -9.63 10.52 6.26
C HIS A 41 -8.34 10.65 7.08
N ALA A 42 -8.16 9.77 8.07
CA ALA A 42 -6.94 9.64 8.87
C ALA A 42 -6.48 10.95 9.54
N CYS A 43 -5.21 11.35 9.36
CA CYS A 43 -4.61 12.58 9.91
C CYS A 43 -4.61 12.69 11.45
N VAL A 44 -4.66 11.55 12.15
CA VAL A 44 -4.28 11.34 13.57
C VAL A 44 -5.06 12.17 14.61
N PRO A 45 -4.86 12.01 15.94
CA PRO A 45 -5.67 12.70 16.95
C PRO A 45 -5.17 14.12 17.27
N THR A 46 -6.01 14.86 17.98
CA THR A 46 -5.86 16.27 18.35
C THR A 46 -4.57 16.58 19.11
N ASP A 47 -3.92 17.71 18.78
CA ASP A 47 -3.06 18.43 19.72
C ASP A 47 -3.94 19.26 20.67
N PRO A 48 -4.05 18.93 21.97
CA PRO A 48 -4.93 19.66 22.88
C PRO A 48 -4.51 21.12 23.08
N ASN A 49 -3.21 21.39 23.08
CA ASN A 49 -2.63 22.74 23.18
C ASN A 49 -1.13 22.68 22.80
N PRO A 50 -0.66 23.37 21.75
CA PRO A 50 0.76 23.37 21.38
C PRO A 50 1.63 23.96 22.50
N GLN A 51 2.61 23.18 22.96
CA GLN A 51 3.48 23.49 24.10
C GLN A 51 4.59 24.50 23.75
N GLU A 52 4.24 25.67 23.23
CA GLU A 52 5.19 26.65 22.73
C GLU A 52 6.24 27.04 23.78
N MET A 53 7.52 26.93 23.43
CA MET A 53 8.62 27.44 24.24
C MET A 53 9.32 28.60 23.53
N VAL A 54 9.39 29.77 24.16
CA VAL A 54 10.11 30.93 23.62
C VAL A 54 11.61 30.79 23.90
N LEU A 55 12.43 30.88 22.86
CA LEU A 55 13.88 30.76 23.01
C LEU A 55 14.49 32.09 23.45
N LYS A 56 15.24 32.09 24.55
CA LYS A 56 16.05 33.26 24.94
C LYS A 56 17.18 33.49 23.93
N ASN A 57 17.41 34.75 23.56
CA ASN A 57 18.64 35.19 22.91
C ASN A 57 19.02 34.40 21.63
N VAL A 58 18.03 33.99 20.83
CA VAL A 58 18.24 33.34 19.53
C VAL A 58 18.00 34.33 18.40
N THR A 59 18.96 34.43 17.48
CA THR A 59 18.78 35.06 16.17
C THR A 59 18.83 33.98 15.11
N GLU A 60 17.80 33.87 14.27
CA GLU A 60 17.70 32.76 13.32
C GLU A 60 17.04 33.18 12.00
N ASN A 61 17.48 32.61 10.88
CA ASN A 61 16.97 32.97 9.55
C ASN A 61 15.71 32.19 9.17
N PHE A 62 14.86 32.83 8.37
CA PHE A 62 13.66 32.25 7.78
C PHE A 62 13.53 32.69 6.33
N ASN A 63 12.98 31.83 5.49
CA ASN A 63 12.78 32.11 4.07
C ASN A 63 11.50 31.44 3.61
N MET A 64 10.42 32.22 3.52
CA MET A 64 9.11 31.67 3.18
C MET A 64 8.99 31.27 1.71
N TRP A 65 9.77 31.86 0.80
CA TRP A 65 9.73 31.49 -0.62
C TRP A 65 10.40 30.15 -0.89
N LYS A 66 11.58 29.92 -0.32
CA LYS A 66 12.38 28.71 -0.54
C LYS A 66 11.98 27.55 0.39
N ASN A 67 10.86 27.68 1.09
CA ASN A 67 10.44 26.84 2.21
C ASN A 67 10.28 25.34 1.86
N ASP A 68 10.64 24.47 2.79
CA ASP A 68 10.72 23.01 2.59
C ASP A 68 9.41 22.26 2.84
N MET A 69 8.38 22.90 3.41
CA MET A 69 7.12 22.24 3.79
C MET A 69 5.89 22.67 2.98
N VAL A 70 5.91 23.83 2.31
CA VAL A 70 4.79 24.25 1.45
C VAL A 70 4.47 23.18 0.41
N ASP A 71 5.48 22.58 -0.21
CA ASP A 71 5.28 21.48 -1.15
C ASP A 71 4.51 20.31 -0.52
N GLN A 72 4.80 19.99 0.73
CA GLN A 72 4.13 18.89 1.41
C GLN A 72 2.68 19.23 1.68
N MET A 73 2.37 20.48 2.03
CA MET A 73 1.00 20.93 2.17
C MET A 73 0.24 20.73 0.85
N HIS A 74 0.84 21.16 -0.26
CA HIS A 74 0.24 21.02 -1.58
C HIS A 74 -0.03 19.56 -1.95
N GLU A 75 0.96 18.68 -1.75
CA GLU A 75 0.79 17.26 -1.99
C GLU A 75 -0.26 16.63 -1.06
N ASP A 76 -0.26 16.96 0.22
CA ASP A 76 -1.18 16.36 1.17
C ASP A 76 -2.63 16.73 0.88
N VAL A 77 -2.91 18.00 0.60
CA VAL A 77 -4.27 18.40 0.25
C VAL A 77 -4.74 17.67 -1.00
N ILE A 78 -3.88 17.60 -2.03
CA ILE A 78 -4.20 16.84 -3.23
C ILE A 78 -4.47 15.38 -2.88
N SER A 79 -3.63 14.77 -2.05
CA SER A 79 -3.80 13.39 -1.66
C SER A 79 -5.16 13.15 -1.00
N LEU A 80 -5.56 13.99 -0.04
CA LEU A 80 -6.87 13.84 0.59
C LEU A 80 -8.00 13.98 -0.44
N TRP A 81 -7.90 14.95 -1.35
CA TRP A 81 -8.90 15.09 -2.40
C TRP A 81 -8.94 13.87 -3.32
N ASP A 82 -7.80 13.32 -3.70
CA ASP A 82 -7.77 12.10 -4.51
C ASP A 82 -8.40 10.91 -3.76
N GLN A 83 -7.94 10.65 -2.54
CA GLN A 83 -8.40 9.52 -1.75
C GLN A 83 -9.90 9.59 -1.45
N SER A 84 -10.45 10.80 -1.29
CA SER A 84 -11.87 10.98 -1.03
C SER A 84 -12.73 10.97 -2.29
N LEU A 85 -12.25 11.46 -3.43
CA LEU A 85 -13.00 11.38 -4.69
C LEU A 85 -12.97 10.00 -5.34
N LYS A 86 -11.88 9.24 -5.22
CA LYS A 86 -11.71 7.93 -5.87
C LYS A 86 -12.91 6.96 -5.77
N PRO A 87 -13.56 6.75 -4.61
CA PRO A 87 -14.72 5.87 -4.52
C PRO A 87 -16.00 6.43 -5.17
N CYS A 88 -16.11 7.74 -5.38
CA CYS A 88 -17.32 8.36 -5.96
C CYS A 88 -17.43 8.12 -7.47
N VAL A 89 -18.64 8.28 -8.01
CA VAL A 89 -18.98 7.83 -9.36
C VAL A 89 -18.38 8.69 -10.47
N LYS A 90 -17.86 8.01 -11.49
CA LYS A 90 -17.42 8.62 -12.75
C LYS A 90 -18.63 8.86 -13.65
N LEU A 91 -18.83 10.09 -14.12
CA LEU A 91 -19.93 10.44 -15.03
C LEU A 91 -19.69 10.02 -16.48
N THR A 92 -18.85 9.02 -16.72
CA THR A 92 -18.43 8.57 -18.05
C THR A 92 -19.59 8.31 -19.04
N PRO A 93 -20.74 7.72 -18.64
CA PRO A 93 -21.85 7.49 -19.57
C PRO A 93 -22.52 8.76 -20.11
N LEU A 94 -22.32 9.90 -19.46
CA LEU A 94 -23.03 11.15 -19.75
C LEU A 94 -22.40 11.96 -20.90
N CYS A 95 -21.14 11.73 -21.23
CA CYS A 95 -20.32 12.70 -21.96
C CYS A 95 -20.72 12.96 -23.43
N CYS A 96 -21.41 12.05 -24.11
CA CYS A 96 -21.72 12.25 -25.53
C CYS A 96 -22.83 13.29 -25.79
N THR A 97 -22.96 13.76 -27.02
CA THR A 97 -23.60 15.02 -27.42
C THR A 97 -25.00 15.25 -26.85
N LEU A 98 -25.21 16.44 -26.28
CA LEU A 98 -26.47 16.96 -25.77
C LEU A 98 -27.25 17.72 -26.85
N ASN A 99 -28.59 17.69 -26.79
CA ASN A 99 -29.46 18.63 -27.50
C ASN A 99 -29.94 19.68 -26.48
N CYS A 100 -29.89 20.97 -26.81
CA CYS A 100 -30.18 22.04 -25.84
C CYS A 100 -30.98 23.21 -26.41
N THR A 101 -31.62 23.96 -25.52
CA THR A 101 -32.57 25.05 -25.78
C THR A 101 -32.56 26.09 -24.66
N ASN A 102 -33.15 27.26 -24.88
CA ASN A 102 -33.31 28.25 -23.81
C ASN A 102 -34.11 27.67 -22.64
N ALA A 103 -33.55 27.70 -21.43
CA ALA A 103 -34.25 27.37 -20.20
C ALA A 103 -35.25 28.46 -19.82
N THR A 104 -36.23 28.14 -18.97
CA THR A 104 -37.29 29.07 -18.56
C THR A 104 -37.53 29.07 -17.06
N ALA A 105 -37.62 30.26 -16.48
CA ALA A 105 -38.25 30.46 -15.16
C ALA A 105 -39.78 30.51 -15.27
N SER A 106 -40.49 30.39 -14.14
CA SER A 106 -41.93 30.65 -14.10
C SER A 106 -42.26 32.11 -14.48
N ASN A 107 -43.46 32.34 -15.03
CA ASN A 107 -43.90 33.58 -15.69
C ASN A 107 -43.07 34.04 -16.91
N SER A 108 -42.00 33.33 -17.29
CA SER A 108 -40.91 33.89 -18.09
C SER A 108 -40.67 33.15 -19.41
N SER A 109 -40.28 33.90 -20.43
CA SER A 109 -39.73 33.37 -21.69
C SER A 109 -38.30 32.82 -21.54
N ILE A 110 -37.62 33.05 -20.41
CA ILE A 110 -36.18 32.79 -20.27
C ILE A 110 -35.74 32.59 -18.81
N ILE A 111 -34.58 31.97 -18.62
CA ILE A 111 -33.70 32.18 -17.46
C ILE A 111 -32.26 32.28 -18.00
N GLU A 112 -31.53 33.32 -17.60
CA GLU A 112 -30.47 33.84 -18.48
C GLU A 112 -29.11 33.13 -18.35
N GLY A 113 -28.74 32.72 -17.14
CA GLY A 113 -27.40 32.15 -16.86
C GLY A 113 -27.25 30.66 -17.21
N MET A 114 -28.30 30.04 -17.74
CA MET A 114 -28.41 28.58 -17.88
C MET A 114 -28.90 28.19 -19.26
N LYS A 115 -28.74 26.91 -19.61
CA LYS A 115 -29.28 26.30 -20.83
C LYS A 115 -30.00 25.02 -20.44
N ASN A 116 -31.17 24.77 -21.02
CA ASN A 116 -31.89 23.51 -20.83
C ASN A 116 -31.36 22.49 -21.84
N CYS A 117 -31.22 21.23 -21.43
CA CYS A 117 -30.62 20.19 -22.25
C CYS A 117 -31.28 18.84 -22.02
N SER A 118 -31.21 17.98 -23.04
CA SER A 118 -31.64 16.60 -22.96
C SER A 118 -30.69 15.70 -23.72
N PHE A 119 -30.58 14.45 -23.27
CA PHE A 119 -29.48 13.57 -23.62
C PHE A 119 -29.89 12.10 -23.59
N ASN A 120 -29.22 11.32 -24.44
CA ASN A 120 -29.27 9.86 -24.40
C ASN A 120 -28.46 9.36 -23.19
N ILE A 121 -28.98 8.36 -22.47
CA ILE A 121 -28.30 7.67 -21.37
C ILE A 121 -28.57 6.16 -21.44
N THR A 122 -27.65 5.36 -20.88
CA THR A 122 -27.71 3.87 -20.94
C THR A 122 -28.51 3.23 -19.80
N THR A 123 -28.55 3.85 -18.60
CA THR A 123 -29.19 3.30 -17.39
C THR A 123 -28.62 1.89 -17.08
N GLU A 124 -29.40 0.93 -16.59
CA GLU A 124 -28.94 -0.43 -16.31
C GLU A 124 -28.48 -1.14 -17.60
N LEU A 125 -27.30 -1.76 -17.58
CA LEU A 125 -26.57 -2.16 -18.78
C LEU A 125 -27.41 -3.06 -19.71
N ARG A 126 -27.46 -2.66 -21.00
CA ARG A 126 -28.22 -3.32 -22.08
C ARG A 126 -29.73 -3.44 -21.88
N CYS A 127 -30.30 -2.73 -20.90
CA CYS A 127 -31.68 -2.28 -21.00
C CYS A 127 -31.78 -1.17 -22.08
N LYS A 128 -32.99 -0.71 -22.41
CA LYS A 128 -33.18 0.30 -23.47
C LYS A 128 -32.37 1.58 -23.21
N ARG A 129 -31.77 2.13 -24.26
CA ARG A 129 -31.31 3.54 -24.31
C ARG A 129 -32.48 4.45 -23.98
N GLU A 130 -32.25 5.50 -23.22
CA GLU A 130 -33.32 6.33 -22.68
C GLU A 130 -32.96 7.82 -22.70
N LYS A 131 -33.96 8.70 -22.72
CA LYS A 131 -33.80 10.16 -22.77
C LYS A 131 -34.13 10.76 -21.42
N LYS A 132 -33.25 11.63 -20.92
CA LYS A 132 -33.44 12.42 -19.70
C LYS A 132 -33.05 13.88 -19.95
N ASN A 133 -33.45 14.78 -19.07
CA ASN A 133 -33.23 16.21 -19.24
C ASN A 133 -32.87 16.92 -17.93
N ALA A 134 -32.14 18.03 -18.05
CA ALA A 134 -31.60 18.85 -16.98
C ALA A 134 -31.23 20.23 -17.53
N LEU A 135 -30.95 21.20 -16.66
CA LEU A 135 -30.35 22.46 -17.07
C LEU A 135 -29.00 22.67 -16.40
N PHE A 136 -28.10 23.37 -17.09
CA PHE A 136 -26.72 23.61 -16.65
C PHE A 136 -26.41 25.10 -16.67
N TYR A 137 -25.57 25.59 -15.77
CA TYR A 137 -25.00 26.93 -15.91
C TYR A 137 -24.17 26.99 -17.18
N LYS A 138 -24.30 28.05 -17.99
CA LYS A 138 -23.79 28.03 -19.37
C LYS A 138 -22.29 27.74 -19.46
N LEU A 139 -21.52 28.20 -18.48
CA LEU A 139 -20.07 27.99 -18.39
C LEU A 139 -19.64 26.52 -18.29
N ASP A 140 -20.51 25.59 -17.90
CA ASP A 140 -20.20 24.16 -17.87
C ASP A 140 -20.18 23.49 -19.26
N ILE A 141 -20.56 24.20 -20.32
CA ILE A 141 -20.96 23.60 -21.60
C ILE A 141 -20.25 24.28 -22.78
N VAL A 142 -19.85 23.52 -23.79
CA VAL A 142 -19.40 24.05 -25.10
C VAL A 142 -20.43 23.76 -26.19
N GLN A 143 -20.72 24.76 -27.02
CA GLN A 143 -21.51 24.60 -28.23
C GLN A 143 -20.64 24.01 -29.34
N LEU A 144 -21.05 22.88 -29.92
CA LEU A 144 -20.37 22.28 -31.07
C LEU A 144 -20.63 23.13 -32.33
N ASP A 145 -19.81 22.94 -33.37
CA ASP A 145 -19.70 23.84 -34.51
C ASP A 145 -21.00 24.16 -35.28
N GLY A 146 -21.05 25.37 -35.85
CA GLY A 146 -22.20 25.93 -36.59
C GLY A 146 -23.21 26.65 -35.71
N ASN A 147 -24.35 27.02 -36.29
CA ASN A 147 -25.47 27.66 -35.57
C ASN A 147 -26.04 26.76 -34.45
N SER A 148 -26.01 25.45 -34.71
CA SER A 148 -25.92 24.35 -33.73
C SER A 148 -26.82 24.37 -32.49
N SER A 149 -27.77 23.44 -32.46
CA SER A 149 -28.44 22.99 -31.24
C SER A 149 -27.61 22.00 -30.40
N GLN A 150 -26.37 21.70 -30.80
CA GLN A 150 -25.56 20.60 -30.28
C GLN A 150 -24.51 21.09 -29.28
N TYR A 151 -24.41 20.43 -28.14
CA TYR A 151 -23.55 20.86 -27.03
C TYR A 151 -22.90 19.68 -26.32
N ARG A 152 -21.82 19.92 -25.58
CA ARG A 152 -21.09 18.90 -24.80
C ARG A 152 -20.58 19.49 -23.49
N LEU A 153 -20.42 18.67 -22.45
CA LEU A 153 -19.83 19.12 -21.19
C LEU A 153 -18.40 19.59 -21.41
N ILE A 154 -18.02 20.74 -20.84
CA ILE A 154 -16.81 21.47 -21.22
C ILE A 154 -15.51 20.68 -21.09
N ASN A 155 -15.42 19.79 -20.11
CA ASN A 155 -14.15 19.14 -19.78
C ASN A 155 -14.00 17.72 -20.35
N CYS A 156 -15.08 16.94 -20.50
CA CYS A 156 -15.00 15.48 -20.68
C CYS A 156 -14.44 15.01 -22.03
N ASP A 157 -14.21 15.92 -22.97
CA ASP A 157 -13.26 15.73 -24.06
C ASP A 157 -11.90 15.22 -23.53
N THR A 158 -11.35 15.94 -22.56
CA THR A 158 -9.97 15.80 -22.12
C THR A 158 -9.79 14.78 -21.01
N SER A 159 -10.85 14.48 -20.27
CA SER A 159 -10.72 14.04 -18.87
C SER A 159 -11.84 13.12 -18.42
N VAL A 160 -11.57 12.34 -17.37
CA VAL A 160 -12.64 11.76 -16.57
C VAL A 160 -13.27 12.85 -15.71
N ILE A 161 -14.60 12.84 -15.57
CA ILE A 161 -15.30 13.68 -14.61
C ILE A 161 -15.80 12.80 -13.47
N THR A 162 -15.50 13.15 -12.23
CA THR A 162 -16.08 12.48 -11.05
C THR A 162 -17.09 13.40 -10.38
N GLN A 163 -18.29 12.88 -10.10
CA GLN A 163 -19.25 13.57 -9.24
C GLN A 163 -18.79 13.42 -7.79
N VAL A 164 -18.60 14.51 -7.06
CA VAL A 164 -18.36 14.38 -5.61
C VAL A 164 -19.63 13.88 -4.92
N CYS A 165 -19.51 12.86 -4.07
CA CYS A 165 -20.66 12.25 -3.40
C CYS A 165 -21.35 13.26 -2.45
N PRO A 166 -22.69 13.43 -2.49
CA PRO A 166 -23.39 14.38 -1.61
C PRO A 166 -23.24 14.10 -0.10
N LYS A 167 -22.77 12.91 0.27
CA LYS A 167 -22.43 12.53 1.64
C LYS A 167 -21.34 13.42 2.27
N LEU A 168 -20.39 13.90 1.45
CA LEU A 168 -19.22 14.67 1.90
C LEU A 168 -19.56 16.15 2.12
N SER A 169 -18.63 16.90 2.71
CA SER A 169 -18.66 18.36 2.71
C SER A 169 -17.31 18.95 2.27
N PHE A 170 -17.39 20.01 1.47
CA PHE A 170 -16.28 20.86 1.07
C PHE A 170 -15.73 21.75 2.20
N ASP A 171 -16.37 21.77 3.38
CA ASP A 171 -15.95 22.67 4.45
C ASP A 171 -14.48 22.46 4.82
N PRO A 172 -13.69 23.51 4.99
CA PRO A 172 -12.37 23.40 5.60
C PRO A 172 -12.50 22.99 7.08
N ILE A 173 -11.43 22.40 7.60
CA ILE A 173 -11.25 22.14 9.04
C ILE A 173 -9.84 22.64 9.41
N PRO A 174 -9.59 23.04 10.66
CA PRO A 174 -8.27 23.52 11.07
C PRO A 174 -7.27 22.35 11.17
N ILE A 175 -6.55 22.08 10.09
CA ILE A 175 -5.44 21.11 10.05
C ILE A 175 -4.26 21.65 10.83
N HIS A 176 -3.47 20.78 11.46
CA HIS A 176 -2.20 21.11 12.08
C HIS A 176 -1.07 20.31 11.41
N TYR A 177 0.14 20.83 11.38
CA TYR A 177 1.32 20.09 10.93
C TYR A 177 2.27 19.87 12.10
N CYS A 178 2.82 18.66 12.24
CA CYS A 178 3.66 18.26 13.37
C CYS A 178 4.96 17.59 12.94
N ALA A 179 6.02 17.83 13.71
CA ALA A 179 7.33 17.24 13.45
C ALA A 179 7.37 15.76 13.86
N PRO A 180 8.01 14.88 13.09
CA PRO A 180 8.43 13.58 13.58
C PRO A 180 9.52 13.74 14.63
N ALA A 181 9.73 12.73 15.45
CA ALA A 181 10.69 12.78 16.54
C ALA A 181 12.12 13.14 16.04
N GLY A 182 12.78 14.07 16.72
CA GLY A 182 14.12 14.53 16.37
C GLY A 182 14.17 15.70 15.38
N TYR A 183 13.07 15.98 14.69
CA TYR A 183 12.87 17.27 14.03
C TYR A 183 12.15 18.25 14.98
N ALA A 184 12.24 19.54 14.71
CA ALA A 184 11.57 20.57 15.49
C ALA A 184 11.09 21.70 14.57
N ILE A 185 10.00 22.36 14.94
CA ILE A 185 9.41 23.46 14.18
C ILE A 185 9.61 24.77 14.92
N LEU A 186 10.09 25.80 14.22
CA LEU A 186 10.35 27.14 14.74
C LEU A 186 9.34 28.14 14.16
N LYS A 187 8.77 29.06 14.95
CA LYS A 187 7.68 29.96 14.50
C LYS A 187 8.06 31.33 13.92
N CYS A 188 9.15 31.96 14.35
CA CYS A 188 9.40 33.41 14.19
C CYS A 188 8.23 34.31 14.64
N ASN A 189 8.29 34.84 15.86
CA ASN A 189 7.21 35.63 16.46
C ASN A 189 7.31 37.14 16.24
N ASN A 190 8.31 37.67 15.51
CA ASN A 190 8.40 39.12 15.28
C ASN A 190 7.17 39.63 14.50
N LYS A 191 6.39 40.50 15.13
CA LYS A 191 5.08 40.96 14.66
C LYS A 191 5.11 41.81 13.40
N THR A 192 6.28 42.10 12.86
CA THR A 192 6.49 42.89 11.62
C THR A 192 7.09 42.06 10.48
N PHE A 193 7.19 40.73 10.62
CA PHE A 193 8.03 39.92 9.75
C PHE A 193 7.58 39.85 8.28
N THR A 194 8.47 40.25 7.39
CA THR A 194 8.25 40.34 5.93
C THR A 194 8.41 39.01 5.20
N GLY A 195 8.77 37.92 5.87
CA GLY A 195 8.87 36.59 5.25
C GLY A 195 10.28 36.17 4.83
N THR A 196 11.30 37.02 4.98
CA THR A 196 12.68 36.68 4.64
C THR A 196 13.71 37.35 5.55
N GLY A 197 14.88 36.75 5.72
CA GLY A 197 15.96 37.27 6.57
C GLY A 197 15.91 36.78 8.02
N PRO A 198 16.61 37.45 8.95
CA PRO A 198 16.66 37.05 10.35
C PRO A 198 15.39 37.40 11.13
N CYS A 199 15.10 36.62 12.15
CA CYS A 199 14.16 36.90 13.24
C CYS A 199 14.90 36.94 14.57
N ASN A 200 14.44 37.76 15.51
CA ASN A 200 15.07 37.98 16.82
C ASN A 200 14.17 37.58 18.02
N ASN A 201 12.98 37.06 17.77
CA ASN A 201 12.06 36.55 18.79
C ASN A 201 11.48 35.25 18.23
N VAL A 202 11.96 34.13 18.73
CA VAL A 202 11.76 32.80 18.12
C VAL A 202 11.25 31.82 19.16
N SER A 203 10.38 30.91 18.76
CA SER A 203 9.84 29.89 19.66
C SER A 203 9.68 28.58 18.91
N THR A 204 9.64 27.48 19.65
CA THR A 204 9.52 26.13 19.11
C THR A 204 8.25 25.46 19.59
N VAL A 205 7.75 24.55 18.76
CA VAL A 205 6.51 23.81 18.99
C VAL A 205 6.63 22.42 18.40
N GLN A 206 5.91 21.44 18.95
CA GLN A 206 5.76 20.14 18.29
C GLN A 206 4.83 20.22 17.07
N CYS A 207 3.93 21.22 17.02
CA CYS A 207 2.96 21.40 15.94
C CYS A 207 2.64 22.87 15.65
N THR A 208 2.24 23.17 14.42
CA THR A 208 1.71 24.49 14.01
C THR A 208 0.39 24.82 14.71
N HIS A 209 -0.02 26.09 14.72
CA HIS A 209 -1.44 26.41 14.91
C HIS A 209 -2.29 25.79 13.79
N GLY A 210 -3.61 25.86 13.93
CA GLY A 210 -4.52 25.40 12.88
C GLY A 210 -4.35 26.21 11.59
N ILE A 211 -4.48 25.55 10.44
CA ILE A 211 -4.59 26.17 9.12
C ILE A 211 -5.85 25.62 8.47
N LYS A 212 -6.62 26.47 7.80
CA LYS A 212 -7.84 26.08 7.09
C LYS A 212 -7.50 25.96 5.60
N PRO A 213 -7.61 24.78 4.98
CA PRO A 213 -7.28 24.57 3.57
C PRO A 213 -8.26 25.20 2.57
N VAL A 214 -8.56 26.49 2.69
CA VAL A 214 -9.54 27.19 1.85
C VAL A 214 -9.04 27.31 0.41
N LEU A 215 -9.76 26.71 -0.55
CA LEU A 215 -9.56 26.98 -1.97
C LEU A 215 -10.09 28.38 -2.27
N SER A 216 -9.21 29.30 -2.69
CA SER A 216 -9.64 30.60 -3.21
C SER A 216 -8.59 31.23 -4.10
N THR A 217 -9.00 32.23 -4.87
CA THR A 217 -8.14 32.94 -5.82
C THR A 217 -8.47 34.43 -5.78
N GLN A 218 -7.52 35.29 -6.15
CA GLN A 218 -7.56 36.74 -5.88
C GLN A 218 -7.55 37.12 -4.39
N LEU A 219 -8.50 36.62 -3.60
CA LEU A 219 -8.69 37.02 -2.20
C LEU A 219 -8.41 35.85 -1.25
N LEU A 220 -7.48 36.06 -0.31
CA LEU A 220 -7.25 35.16 0.82
C LEU A 220 -8.37 35.38 1.83
N LEU A 221 -9.08 34.31 2.21
CA LEU A 221 -10.24 34.43 3.09
C LEU A 221 -10.34 33.33 4.14
N ASN A 222 -11.00 33.66 5.25
CA ASN A 222 -11.05 32.87 6.50
C ASN A 222 -9.65 32.48 7.03
N GLY A 223 -8.61 33.25 6.69
CA GLY A 223 -7.24 33.07 7.17
C GLY A 223 -6.95 33.77 8.50
N SER A 224 -5.69 33.79 8.91
CA SER A 224 -5.18 34.64 10.00
C SER A 224 -5.08 36.12 9.61
N LEU A 225 -4.81 36.99 10.58
CA LEU A 225 -4.51 38.41 10.38
C LEU A 225 -3.11 38.75 10.88
N ALA A 226 -2.46 39.71 10.24
CA ALA A 226 -1.16 40.21 10.65
C ALA A 226 -1.22 40.96 11.99
N GLU A 227 -0.19 40.84 12.81
CA GLU A 227 -0.16 41.42 14.16
C GLU A 227 0.14 42.94 14.19
N GLY A 228 0.88 43.46 13.21
CA GLY A 228 1.24 44.89 13.11
C GLY A 228 0.18 45.74 12.40
N GLU A 229 0.60 46.77 11.66
CA GLU A 229 -0.17 47.25 10.50
C GLU A 229 0.10 46.34 9.28
N ILE A 230 -0.63 46.54 8.18
CA ILE A 230 -0.62 45.65 7.00
C ILE A 230 0.80 45.29 6.57
N ILE A 231 1.04 43.99 6.34
CA ILE A 231 2.34 43.47 5.88
C ILE A 231 2.24 43.11 4.41
N ILE A 232 3.24 43.49 3.63
CA ILE A 232 3.36 43.14 2.22
C ILE A 232 4.56 42.22 2.06
N ARG A 233 4.35 40.99 1.62
CA ARG A 233 5.40 39.98 1.42
C ARG A 233 5.63 39.76 -0.06
N SER A 234 6.90 39.78 -0.47
CA SER A 234 7.32 39.48 -1.83
C SER A 234 8.61 38.69 -1.80
N GLU A 235 8.93 38.02 -2.90
CA GLU A 235 10.31 37.63 -3.13
C GLU A 235 11.18 38.89 -3.32
N ASN A 236 12.49 38.76 -3.14
CA ASN A 236 13.44 39.85 -3.38
C ASN A 236 14.71 39.38 -4.11
N ILE A 237 14.59 38.44 -5.06
CA ILE A 237 15.67 38.19 -6.02
C ILE A 237 15.70 39.31 -7.06
N THR A 238 14.54 39.74 -7.54
CA THR A 238 14.33 40.67 -8.65
C THR A 238 13.07 41.48 -8.44
N LYS A 239 12.95 42.65 -9.09
CA LYS A 239 11.69 43.42 -9.13
C LYS A 239 10.57 42.66 -9.87
N ASN A 240 10.93 41.74 -10.77
CA ASN A 240 9.98 40.79 -11.34
C ASN A 240 9.59 39.75 -10.29
N VAL A 241 8.30 39.55 -10.05
CA VAL A 241 7.81 38.60 -9.04
C VAL A 241 6.56 37.89 -9.54
N LYS A 242 6.37 36.63 -9.16
CA LYS A 242 5.20 35.87 -9.60
C LYS A 242 3.94 36.36 -8.91
N THR A 243 4.05 36.60 -7.61
CA THR A 243 2.96 37.04 -6.74
C THR A 243 3.48 38.00 -5.69
N ILE A 244 2.64 38.93 -5.24
CA ILE A 244 2.83 39.65 -3.99
C ILE A 244 1.69 39.25 -3.08
N ILE A 245 1.99 38.92 -1.83
CA ILE A 245 0.98 38.60 -0.84
C ILE A 245 0.81 39.84 0.03
N VAL A 246 -0.41 40.34 0.16
CA VAL A 246 -0.74 41.42 1.08
C VAL A 246 -1.54 40.81 2.21
N HIS A 247 -1.07 40.96 3.44
CA HIS A 247 -1.68 40.35 4.63
C HIS A 247 -2.22 41.43 5.56
N LEU A 248 -3.53 41.44 5.78
CA LEU A 248 -4.23 42.52 6.49
C LEU A 248 -4.16 42.35 8.01
N ASN A 249 -4.16 43.46 8.75
CA ASN A 249 -4.30 43.44 10.20
C ASN A 249 -5.75 43.56 10.68
N GLU A 250 -6.71 43.55 9.76
CA GLU A 250 -8.13 43.78 10.01
C GLU A 250 -8.94 43.05 8.96
N SER A 251 -9.81 42.12 9.37
CA SER A 251 -10.66 41.42 8.41
C SER A 251 -11.70 42.36 7.81
N VAL A 252 -11.96 42.22 6.51
CA VAL A 252 -13.09 42.87 5.83
C VAL A 252 -14.14 41.81 5.57
N LYS A 253 -15.37 42.00 6.06
CA LYS A 253 -16.43 41.03 5.85
C LYS A 253 -16.86 41.02 4.39
N ILE A 254 -17.10 39.84 3.84
CA ILE A 254 -17.83 39.64 2.60
C ILE A 254 -18.98 38.67 2.84
N GLU A 255 -20.13 38.97 2.27
CA GLU A 255 -21.33 38.13 2.35
C GLU A 255 -21.77 37.77 0.94
N CYS A 256 -22.30 36.58 0.74
CA CYS A 256 -22.68 36.05 -0.57
C CYS A 256 -23.94 35.20 -0.51
N THR A 257 -24.65 35.08 -1.63
CA THR A 257 -25.84 34.21 -1.70
C THR A 257 -26.11 33.67 -3.10
N ARG A 258 -26.69 32.47 -3.13
CA ARG A 258 -27.38 31.87 -4.28
C ARG A 258 -28.86 31.77 -3.90
N PRO A 259 -29.66 32.83 -4.11
CA PRO A 259 -30.99 32.94 -3.51
C PRO A 259 -32.08 32.13 -4.24
N ASN A 260 -31.84 31.67 -5.46
CA ASN A 260 -32.80 30.84 -6.21
C ASN A 260 -32.89 29.44 -5.60
N ASN A 261 -34.09 28.84 -5.55
CA ASN A 261 -34.26 27.46 -5.14
C ASN A 261 -33.89 26.48 -6.28
N LYS A 262 -33.06 25.48 -5.98
CA LYS A 262 -32.68 24.43 -6.94
C LYS A 262 -33.45 23.15 -6.67
N THR A 263 -34.09 22.60 -7.70
CA THR A 263 -34.73 21.28 -7.66
C THR A 263 -33.69 20.20 -7.98
N ARG A 264 -33.17 19.50 -6.96
CA ARG A 264 -32.34 18.31 -7.17
C ARG A 264 -33.18 17.22 -7.83
N THR A 265 -32.58 16.44 -8.73
CA THR A 265 -33.19 15.23 -9.30
C THR A 265 -32.17 14.09 -9.32
N SER A 266 -32.64 12.85 -9.36
CA SER A 266 -31.80 11.66 -9.35
C SER A 266 -31.97 10.85 -10.63
N ILE A 267 -30.89 10.68 -11.39
CA ILE A 267 -30.85 9.84 -12.59
C ILE A 267 -29.95 8.64 -12.32
N ARG A 268 -30.43 7.41 -12.46
CA ARG A 268 -29.61 6.24 -12.17
C ARG A 268 -28.52 6.01 -13.21
N ILE A 269 -27.28 5.91 -12.76
CA ILE A 269 -26.12 5.60 -13.61
C ILE A 269 -25.95 4.09 -13.76
N GLY A 270 -26.14 3.33 -12.69
CA GLY A 270 -25.79 1.90 -12.66
C GLY A 270 -26.15 1.19 -11.36
N PRO A 271 -25.39 0.16 -10.95
CA PRO A 271 -25.69 -0.74 -9.82
C PRO A 271 -25.43 -0.13 -8.43
N GLY A 272 -25.88 1.09 -8.20
CA GLY A 272 -25.87 1.75 -6.89
C GLY A 272 -25.74 3.28 -6.93
N GLN A 273 -25.35 3.85 -8.07
CA GLN A 273 -24.93 5.24 -8.18
C GLN A 273 -25.98 6.12 -8.88
N ALA A 274 -26.29 7.27 -8.29
CA ALA A 274 -27.17 8.28 -8.88
C ALA A 274 -26.36 9.50 -9.36
N PHE A 275 -26.59 9.92 -10.61
CA PHE A 275 -26.18 11.22 -11.12
C PHE A 275 -27.17 12.27 -10.62
N TYR A 276 -26.72 13.14 -9.73
CA TYR A 276 -27.51 14.26 -9.23
C TYR A 276 -27.45 15.40 -10.25
N ALA A 277 -28.21 15.23 -11.33
CA ALA A 277 -28.45 16.27 -12.31
C ALA A 277 -29.22 17.46 -11.70
N THR A 278 -29.24 18.58 -12.42
CA THR A 278 -29.85 19.81 -11.93
C THR A 278 -31.19 20.06 -12.65
N GLY A 279 -32.29 19.98 -11.89
CA GLY A 279 -33.65 20.16 -12.37
C GLY A 279 -34.15 21.60 -12.26
N GLN A 280 -35.47 21.79 -12.39
CA GLN A 280 -36.10 23.10 -12.53
C GLN A 280 -35.66 24.13 -11.46
N VAL A 281 -35.35 25.35 -11.89
CA VAL A 281 -35.08 26.49 -11.00
C VAL A 281 -36.39 27.08 -10.50
N ILE A 282 -36.46 27.37 -9.20
CA ILE A 282 -37.68 27.79 -8.50
C ILE A 282 -37.43 29.13 -7.79
N GLY A 283 -38.48 29.94 -7.70
CA GLY A 283 -38.45 31.25 -7.04
C GLY A 283 -38.16 32.41 -7.99
N ASP A 284 -38.28 33.63 -7.48
CA ASP A 284 -38.00 34.86 -8.23
C ASP A 284 -36.50 34.98 -8.51
N ILE A 285 -36.11 34.95 -9.78
CA ILE A 285 -34.71 34.76 -10.19
C ILE A 285 -33.84 35.96 -9.86
N ARG A 286 -32.65 35.69 -9.32
CA ARG A 286 -31.53 36.63 -9.20
C ARG A 286 -30.26 35.96 -9.71
N GLU A 287 -29.24 36.76 -10.00
CA GLU A 287 -27.86 36.29 -10.08
C GLU A 287 -27.37 35.79 -8.71
N ALA A 288 -26.30 34.99 -8.68
CA ALA A 288 -25.48 34.93 -7.48
C ALA A 288 -24.75 36.27 -7.28
N TYR A 289 -24.58 36.71 -6.03
CA TYR A 289 -23.93 37.99 -5.76
C TYR A 289 -23.26 38.01 -4.39
N CYS A 290 -22.37 38.98 -4.20
CA CYS A 290 -21.72 39.26 -2.92
C CYS A 290 -21.68 40.74 -2.57
N ASN A 291 -21.63 41.07 -1.28
CA ASN A 291 -21.72 42.42 -0.73
C ASN A 291 -20.55 42.74 0.22
N ILE A 292 -20.08 43.99 0.24
CA ILE A 292 -18.95 44.48 1.06
C ILE A 292 -19.21 45.89 1.59
N ASN A 293 -18.78 46.18 2.82
CA ASN A 293 -18.79 47.54 3.41
C ASN A 293 -17.81 48.47 2.70
N GLU A 294 -18.33 49.40 1.90
CA GLU A 294 -17.49 50.21 1.00
C GLU A 294 -16.53 51.15 1.73
N SER A 295 -16.91 51.62 2.93
CA SER A 295 -16.01 52.35 3.81
C SER A 295 -14.76 51.54 4.13
N LYS A 296 -14.96 50.28 4.56
CA LYS A 296 -13.87 49.38 4.95
C LYS A 296 -13.03 49.02 3.74
N TRP A 297 -13.65 48.81 2.58
CA TRP A 297 -12.91 48.57 1.36
C TRP A 297 -12.01 49.76 1.00
N ASN A 298 -12.56 50.98 0.97
CA ASN A 298 -11.79 52.18 0.67
C ASN A 298 -10.65 52.37 1.68
N GLU A 299 -10.91 52.23 2.96
CA GLU A 299 -9.86 52.32 3.98
C GLU A 299 -8.78 51.25 3.73
N THR A 300 -9.19 50.02 3.43
CA THR A 300 -8.23 48.95 3.21
C THR A 300 -7.33 49.26 2.03
N LEU A 301 -7.88 49.63 0.87
CA LEU A 301 -7.03 49.94 -0.28
C LEU A 301 -6.19 51.21 -0.06
N GLN A 302 -6.70 52.22 0.65
CA GLN A 302 -5.86 53.35 1.08
C GLN A 302 -4.68 52.86 1.90
N ARG A 303 -4.92 52.05 2.94
CA ARG A 303 -3.84 51.50 3.79
C ARG A 303 -2.87 50.67 2.96
N VAL A 304 -3.37 49.81 2.07
CA VAL A 304 -2.51 48.98 1.20
C VAL A 304 -1.61 49.85 0.34
N SER A 305 -2.14 50.88 -0.30
CA SER A 305 -1.32 51.81 -1.07
C SER A 305 -0.29 52.52 -0.18
N LYS A 306 -0.73 52.97 0.99
CA LYS A 306 0.10 53.70 1.95
C LYS A 306 1.29 52.87 2.46
N LYS A 307 1.17 51.53 2.52
CA LYS A 307 2.31 50.62 2.71
C LYS A 307 3.05 50.31 1.42
N LEU A 308 2.36 50.02 0.33
CA LEU A 308 2.98 49.53 -0.91
C LEU A 308 3.95 50.55 -1.51
N LYS A 309 3.65 51.84 -1.38
CA LYS A 309 4.58 52.90 -1.79
C LYS A 309 5.88 52.96 -0.97
N GLU A 310 5.99 52.26 0.15
CA GLU A 310 7.28 52.11 0.84
C GLU A 310 8.23 51.18 0.07
N TYR A 311 7.72 50.14 -0.60
CA TYR A 311 8.53 49.33 -1.50
C TYR A 311 8.81 50.05 -2.83
N PHE A 312 7.84 50.82 -3.32
CA PHE A 312 7.89 51.48 -4.62
C PHE A 312 7.82 53.01 -4.43
N PRO A 313 8.93 53.69 -4.14
CA PRO A 313 8.95 55.07 -3.65
C PRO A 313 8.58 56.17 -4.67
N HIS A 314 8.46 55.84 -5.96
CA HIS A 314 8.07 56.82 -6.99
C HIS A 314 6.55 57.10 -7.02
N LYS A 315 6.18 58.10 -7.81
CA LYS A 315 4.98 58.93 -7.58
C LYS A 315 3.59 58.27 -7.65
N ASN A 316 3.32 57.26 -8.49
CA ASN A 316 1.94 56.76 -8.69
C ASN A 316 1.81 55.24 -8.53
N ILE A 317 0.68 54.83 -7.96
CA ILE A 317 0.22 53.44 -7.82
C ILE A 317 -1.21 53.33 -8.35
N THR A 318 -1.56 52.20 -8.96
CA THR A 318 -2.90 51.99 -9.53
C THR A 318 -3.29 50.53 -9.50
N PHE A 319 -4.59 50.26 -9.38
CA PHE A 319 -5.16 48.92 -9.41
C PHE A 319 -6.06 48.79 -10.63
N GLN A 320 -6.16 47.57 -11.18
CA GLN A 320 -6.99 47.26 -12.33
C GLN A 320 -7.55 45.84 -12.23
N PRO A 321 -8.64 45.50 -12.92
CA PRO A 321 -9.08 44.11 -13.06
C PRO A 321 -8.07 43.24 -13.80
N SER A 322 -8.32 41.94 -13.79
CA SER A 322 -7.54 40.89 -14.45
C SER A 322 -7.24 41.19 -15.92
N SER A 323 -6.07 40.79 -16.44
CA SER A 323 -5.72 41.02 -17.85
C SER A 323 -6.36 40.01 -18.81
N GLY A 324 -6.45 38.74 -18.42
CA GLY A 324 -6.98 37.64 -19.24
C GLY A 324 -6.62 36.26 -18.69
N GLY A 325 -7.06 35.20 -19.35
CA GLY A 325 -6.87 33.81 -18.90
C GLY A 325 -8.16 33.14 -18.43
N ASP A 326 -8.05 32.02 -17.73
CA ASP A 326 -9.22 31.27 -17.26
C ASP A 326 -10.02 32.02 -16.19
N LEU A 327 -11.31 31.67 -16.04
CA LEU A 327 -12.19 32.20 -14.99
C LEU A 327 -11.55 32.11 -13.60
N GLU A 328 -10.87 31.00 -13.35
CA GLU A 328 -10.24 30.66 -12.07
C GLU A 328 -9.29 31.73 -11.55
N ILE A 329 -8.65 32.50 -12.43
CA ILE A 329 -7.83 33.65 -12.04
C ILE A 329 -8.41 34.97 -12.48
N THR A 330 -9.14 35.03 -13.59
CA THR A 330 -9.71 36.30 -14.05
C THR A 330 -10.84 36.82 -13.17
N THR A 331 -11.32 36.03 -12.22
CA THR A 331 -12.35 36.42 -11.24
C THR A 331 -11.94 35.98 -9.84
N HIS A 332 -12.52 36.58 -8.81
CA HIS A 332 -12.44 35.99 -7.47
C HIS A 332 -13.26 34.71 -7.43
N SER A 333 -12.75 33.67 -6.78
CA SER A 333 -13.42 32.37 -6.73
C SER A 333 -13.29 31.68 -5.39
N PHE A 334 -14.36 31.00 -4.97
CA PHE A 334 -14.56 30.39 -3.65
C PHE A 334 -15.75 29.43 -3.71
N ASN A 335 -15.95 28.63 -2.67
CA ASN A 335 -16.89 27.50 -2.65
C ASN A 335 -17.89 27.55 -1.47
N CYS A 336 -18.63 28.66 -1.34
CA CYS A 336 -19.65 28.80 -0.31
C CYS A 336 -20.68 27.66 -0.33
N GLY A 337 -20.99 27.13 0.85
CA GLY A 337 -21.94 26.03 1.02
C GLY A 337 -21.44 24.75 0.38
N GLY A 338 -21.76 24.56 -0.90
CA GLY A 338 -21.34 23.40 -1.69
C GLY A 338 -21.40 23.60 -3.19
N GLU A 339 -21.33 24.84 -3.67
CA GLU A 339 -21.20 25.15 -5.09
C GLU A 339 -20.12 26.21 -5.29
N PHE A 340 -19.61 26.34 -6.53
CA PHE A 340 -18.44 27.16 -6.83
C PHE A 340 -18.84 28.45 -7.53
N PHE A 341 -18.23 29.55 -7.10
CA PHE A 341 -18.55 30.91 -7.51
C PHE A 341 -17.39 31.58 -8.25
N TYR A 342 -17.72 32.51 -9.13
CA TYR A 342 -16.78 33.25 -9.96
C TYR A 342 -17.31 34.68 -10.12
N CYS A 343 -16.63 35.67 -9.54
CA CYS A 343 -17.17 37.04 -9.39
C CYS A 343 -16.34 38.08 -10.14
N ASN A 344 -16.97 38.91 -10.98
CA ASN A 344 -16.30 39.95 -11.75
C ASN A 344 -15.92 41.12 -10.84
N THR A 345 -14.77 41.01 -10.18
CA THR A 345 -14.26 41.96 -9.17
C THR A 345 -13.82 43.31 -9.71
N SER A 346 -14.06 43.63 -10.99
CA SER A 346 -13.61 44.88 -11.60
C SER A 346 -14.03 46.15 -10.83
N SER A 347 -15.23 46.16 -10.24
CA SER A 347 -15.69 47.30 -9.44
C SER A 347 -14.93 47.47 -8.12
N LEU A 348 -14.29 46.42 -7.58
CA LEU A 348 -13.45 46.54 -6.39
C LEU A 348 -12.08 47.17 -6.70
N PHE A 349 -11.53 46.96 -7.89
CA PHE A 349 -10.14 47.29 -8.19
C PHE A 349 -9.93 48.50 -9.11
N ASN A 350 -10.97 49.20 -9.59
CA ASN A 350 -10.79 50.51 -10.23
C ASN A 350 -10.43 51.57 -9.18
N ARG A 351 -9.13 51.74 -8.87
CA ARG A 351 -8.64 52.77 -7.93
C ARG A 351 -7.24 53.25 -8.31
N THR A 352 -6.91 54.47 -7.90
CA THR A 352 -5.62 55.14 -8.18
C THR A 352 -5.15 55.95 -6.97
N TYR A 353 -3.83 56.02 -6.76
CA TYR A 353 -3.21 56.73 -5.63
C TYR A 353 -1.85 57.31 -6.02
N MET A 354 -1.38 58.31 -5.29
CA MET A 354 -0.18 59.08 -5.65
C MET A 354 0.49 59.74 -4.45
N ALA A 355 1.74 60.17 -4.62
CA ALA A 355 2.51 60.91 -3.62
C ALA A 355 1.79 62.18 -3.13
N ASN A 356 1.98 62.53 -1.86
CA ASN A 356 1.33 63.65 -1.17
C ASN A 356 -0.19 63.67 -1.37
N ASN A 361 -20.80 51.78 8.88
CA ASN A 361 -20.07 51.19 7.75
C ASN A 361 -20.98 50.59 6.67
N SER A 362 -22.28 50.44 6.94
CA SER A 362 -23.29 49.96 5.98
C SER A 362 -23.90 51.12 5.18
N THR A 363 -23.05 51.80 4.41
CA THR A 363 -23.40 52.91 3.49
C THR A 363 -22.53 52.82 2.24
N ARG A 364 -23.00 53.34 1.09
CA ARG A 364 -22.37 53.15 -0.24
C ARG A 364 -22.11 51.67 -0.61
N THR A 365 -22.78 50.71 0.04
CA THR A 365 -22.41 49.27 0.04
C THR A 365 -22.12 48.71 -1.34
N ILE A 366 -20.92 48.17 -1.54
CA ILE A 366 -20.54 47.53 -2.81
C ILE A 366 -21.28 46.20 -2.93
N THR A 367 -21.80 45.93 -4.12
CA THR A 367 -22.33 44.61 -4.48
C THR A 367 -21.80 44.19 -5.86
N ILE A 368 -21.49 42.91 -6.04
CA ILE A 368 -20.78 42.41 -7.22
C ILE A 368 -21.50 41.22 -7.84
N HIS A 369 -21.53 41.18 -9.17
CA HIS A 369 -22.13 40.11 -9.97
C HIS A 369 -21.27 38.85 -9.91
N CYS A 370 -21.88 37.69 -9.72
CA CYS A 370 -21.18 36.41 -9.74
C CYS A 370 -21.91 35.41 -10.64
N ARG A 371 -21.14 34.61 -11.37
CA ARG A 371 -21.62 33.38 -11.99
C ARG A 371 -21.23 32.20 -11.11
N ILE A 372 -21.82 31.05 -11.39
CA ILE A 372 -21.63 29.81 -10.63
C ILE A 372 -21.55 28.63 -11.60
N LYS A 373 -20.88 27.56 -11.18
CA LYS A 373 -20.37 26.53 -12.09
C LYS A 373 -20.44 25.15 -11.43
N GLN A 374 -20.72 24.08 -12.18
CA GLN A 374 -20.73 22.73 -11.63
C GLN A 374 -19.48 21.92 -12.00
N ILE A 375 -18.79 22.22 -13.09
CA ILE A 375 -17.65 21.44 -13.56
C ILE A 375 -16.35 22.21 -13.33
N ILE A 376 -15.44 21.62 -12.58
CA ILE A 376 -14.34 22.34 -11.92
C ILE A 376 -13.02 21.63 -12.16
N ASN A 377 -11.99 22.36 -12.59
CA ASN A 377 -10.61 21.88 -12.52
C ASN A 377 -10.07 22.12 -11.10
N MET A 378 -9.23 21.24 -10.58
CA MET A 378 -8.59 21.42 -9.27
C MET A 378 -7.07 21.42 -9.44
N TRP A 379 -6.36 22.20 -8.62
CA TRP A 379 -4.90 22.27 -8.61
C TRP A 379 -4.26 22.66 -9.94
N GLN A 380 -5.07 23.18 -10.86
CA GLN A 380 -4.70 23.40 -12.26
C GLN A 380 -4.17 22.16 -12.99
N GLU A 381 -4.51 20.94 -12.55
CA GLU A 381 -4.31 19.74 -13.38
C GLU A 381 -5.24 19.74 -14.61
N VAL A 382 -5.02 18.78 -15.52
CA VAL A 382 -5.97 18.39 -16.58
C VAL A 382 -6.06 16.86 -16.61
N GLY A 383 -7.05 16.32 -17.31
CA GLY A 383 -7.30 14.88 -17.35
C GLY A 383 -8.21 14.37 -16.22
N ARG A 384 -8.33 15.14 -15.12
CA ARG A 384 -9.31 14.91 -14.05
C ARG A 384 -10.05 16.19 -13.72
N ALA A 385 -11.36 16.09 -13.55
CA ALA A 385 -12.20 17.22 -13.18
C ALA A 385 -13.34 16.77 -12.28
N MET A 386 -13.81 17.70 -11.47
CA MET A 386 -14.84 17.48 -10.46
C MET A 386 -16.16 18.03 -10.95
N TYR A 387 -17.24 17.27 -10.82
CA TYR A 387 -18.61 17.77 -10.95
C TYR A 387 -19.20 17.94 -9.56
N ALA A 388 -19.67 19.14 -9.26
CA ALA A 388 -20.40 19.46 -8.04
C ALA A 388 -21.89 19.21 -8.27
N PRO A 389 -22.54 18.34 -7.48
CA PRO A 389 -23.98 18.23 -7.53
C PRO A 389 -24.60 19.54 -7.05
N PRO A 390 -25.81 19.90 -7.51
CA PRO A 390 -26.49 21.10 -7.05
C PRO A 390 -26.84 20.98 -5.56
N ILE A 391 -26.66 22.06 -4.80
CA ILE A 391 -27.23 22.18 -3.46
C ILE A 391 -28.71 22.54 -3.62
N ALA A 392 -29.59 21.72 -3.07
CA ALA A 392 -31.03 21.93 -3.14
C ALA A 392 -31.46 23.19 -2.36
N GLY A 393 -32.55 23.82 -2.79
CA GLY A 393 -33.02 25.07 -2.18
C GLY A 393 -32.08 26.24 -2.45
N ASN A 394 -31.92 27.15 -1.49
CA ASN A 394 -31.15 28.39 -1.63
C ASN A 394 -30.13 28.57 -0.49
N ILE A 395 -29.10 29.39 -0.74
CA ILE A 395 -27.85 29.40 0.03
C ILE A 395 -27.44 30.82 0.42
N THR A 396 -27.02 31.01 1.66
CA THR A 396 -26.34 32.23 2.15
C THR A 396 -25.03 31.87 2.80
N CYS A 397 -24.06 32.79 2.77
CA CYS A 397 -22.70 32.55 3.19
C CYS A 397 -22.03 33.85 3.64
N ILE A 398 -21.17 33.77 4.65
CA ILE A 398 -20.37 34.91 5.14
C ILE A 398 -18.94 34.45 5.34
N SER A 399 -17.97 35.29 4.99
CA SER A 399 -16.55 34.99 5.19
C SER A 399 -15.74 36.28 5.38
N ASN A 400 -14.50 36.12 5.82
CA ASN A 400 -13.61 37.22 6.16
C ASN A 400 -12.50 37.32 5.13
N ILE A 401 -12.41 38.41 4.37
CA ILE A 401 -11.22 38.71 3.57
C ILE A 401 -10.08 39.04 4.54
N THR A 402 -8.90 38.54 4.25
CA THR A 402 -7.71 38.64 5.10
C THR A 402 -6.46 39.05 4.35
N GLY A 403 -6.47 38.99 3.02
CA GLY A 403 -5.31 39.34 2.22
C GLY A 403 -5.58 39.28 0.73
N LEU A 404 -4.73 39.95 -0.04
CA LEU A 404 -4.86 40.08 -1.48
C LEU A 404 -3.69 39.38 -2.16
N LEU A 405 -3.94 38.58 -3.18
CA LEU A 405 -2.88 38.08 -4.06
C LEU A 405 -2.76 39.01 -5.26
N LEU A 406 -1.87 39.98 -5.16
CA LEU A 406 -1.56 40.88 -6.26
C LEU A 406 -0.49 40.30 -7.18
N THR A 407 -0.40 40.82 -8.40
CA THR A 407 0.79 40.71 -9.25
C THR A 407 1.03 42.05 -9.93
N ARG A 408 2.28 42.40 -10.28
CA ARG A 408 2.61 43.73 -10.80
C ARG A 408 2.78 43.74 -12.31
N ASP A 409 2.22 44.78 -12.92
CA ASP A 409 2.22 45.05 -14.34
C ASP A 409 3.63 45.36 -14.87
N TYR A 410 3.76 45.62 -16.16
CA TYR A 410 4.95 46.25 -16.71
C TYR A 410 5.20 47.60 -16.03
N GLY A 411 6.40 47.81 -15.50
CA GLY A 411 6.78 49.08 -14.88
C GLY A 411 6.98 50.16 -15.94
N LYS A 412 6.34 51.32 -15.75
CA LYS A 412 6.40 52.48 -16.66
C LYS A 412 6.55 53.80 -15.91
N ASN A 413 6.90 54.86 -16.63
CA ASN A 413 7.34 56.14 -16.07
C ASN A 413 6.45 56.60 -14.89
N ASN A 414 7.07 56.80 -13.73
CA ASN A 414 6.45 57.27 -12.49
C ASN A 414 5.23 56.46 -12.00
N THR A 415 5.01 55.25 -12.49
CA THR A 415 3.73 54.54 -12.36
C THR A 415 3.90 53.04 -12.19
N GLU A 416 3.68 52.52 -10.98
CA GLU A 416 3.43 51.10 -10.79
C GLU A 416 1.96 50.79 -11.02
N THR A 417 1.64 49.54 -11.32
CA THR A 417 0.25 49.07 -11.41
C THR A 417 0.17 47.62 -10.98
N PHE A 418 -0.93 47.26 -10.34
CA PHE A 418 -1.15 45.94 -9.77
C PHE A 418 -2.53 45.44 -10.18
N ARG A 419 -2.69 44.12 -10.25
CA ARG A 419 -4.01 43.50 -10.44
C ARG A 419 -4.11 42.18 -9.69
N PRO A 420 -5.33 41.71 -9.40
CA PRO A 420 -5.51 40.44 -8.74
C PRO A 420 -4.93 39.29 -9.56
N GLY A 421 -4.43 38.27 -8.89
CA GLY A 421 -3.81 37.12 -9.56
C GLY A 421 -3.67 35.92 -8.64
N GLY A 422 -2.47 35.36 -8.56
CA GLY A 422 -2.20 34.16 -7.77
C GLY A 422 -2.73 32.93 -8.49
N GLY A 423 -3.80 32.33 -7.97
CA GLY A 423 -4.50 31.19 -8.57
C GLY A 423 -3.76 29.86 -8.47
N ASN A 424 -2.44 29.85 -8.54
CA ASN A 424 -1.62 28.68 -8.25
C ASN A 424 -1.69 28.39 -6.75
N MET A 425 -2.38 27.32 -6.36
CA MET A 425 -2.81 27.11 -4.98
C MET A 425 -1.71 27.17 -3.92
N LYS A 426 -0.46 26.87 -4.28
CA LYS A 426 0.70 26.95 -3.37
C LYS A 426 0.79 28.30 -2.67
N ASP A 427 0.50 29.39 -3.37
CA ASP A 427 0.55 30.72 -2.76
C ASP A 427 -0.44 30.90 -1.63
N ASN A 428 -1.60 30.23 -1.63
CA ASN A 428 -2.49 30.29 -0.48
C ASN A 428 -1.83 29.71 0.76
N TRP A 429 -1.29 28.50 0.69
CA TRP A 429 -0.66 27.92 1.88
C TRP A 429 0.60 28.69 2.27
N ARG A 430 1.40 29.15 1.32
CA ARG A 430 2.53 30.03 1.61
C ARG A 430 2.09 31.35 2.26
N SER A 431 0.87 31.81 2.01
CA SER A 431 0.32 32.98 2.69
C SER A 431 -0.03 32.75 4.17
N GLU A 432 0.15 31.54 4.70
CA GLU A 432 -0.01 31.27 6.14
C GLU A 432 1.14 30.49 6.75
N LEU A 433 1.76 29.57 6.01
CA LEU A 433 2.97 28.87 6.43
C LEU A 433 4.22 29.75 6.46
N TYR A 434 4.13 31.05 6.10
CA TYR A 434 5.29 31.94 6.09
C TYR A 434 6.01 32.03 7.43
N LYS A 435 5.30 31.78 8.54
CA LYS A 435 5.88 31.75 9.88
C LYS A 435 6.93 30.65 10.03
N TYR A 436 6.53 29.41 9.80
CA TYR A 436 7.30 28.25 10.24
C TYR A 436 8.58 27.98 9.45
N LYS A 437 9.50 27.26 10.08
CA LYS A 437 10.62 26.54 9.46
C LYS A 437 10.82 25.22 10.19
N VAL A 438 11.30 24.19 9.53
CA VAL A 438 11.60 22.88 10.15
C VAL A 438 13.09 22.60 10.16
N VAL A 439 13.59 22.05 11.26
CA VAL A 439 15.01 21.75 11.47
C VAL A 439 15.19 20.35 12.05
N LYS A 440 16.36 19.75 11.85
CA LYS A 440 16.74 18.51 12.52
C LYS A 440 17.71 18.81 13.64
N ILE A 441 17.50 18.22 14.80
CA ILE A 441 18.44 18.32 15.92
C ILE A 441 19.65 17.43 15.62
N GLU A 442 20.86 17.89 15.92
CA GLU A 442 22.11 17.14 15.70
C GLU A 442 22.85 16.93 17.03
N PRO A 443 22.31 16.09 17.93
CA PRO A 443 22.56 16.20 19.36
C PRO A 443 23.96 15.83 19.83
N LEU A 444 24.79 15.22 18.98
CA LEU A 444 26.10 14.67 19.36
C LEU A 444 27.20 15.73 19.26
N GLY A 445 27.24 16.67 20.20
CA GLY A 445 28.25 17.72 20.25
C GLY A 445 29.57 17.26 20.88
N VAL A 446 30.69 17.89 20.52
CA VAL A 446 31.99 17.64 21.16
C VAL A 446 32.73 18.95 21.42
N ALA A 447 33.56 18.97 22.45
CA ALA A 447 34.25 20.18 22.91
C ALA A 447 35.54 19.86 23.68
N PRO A 448 36.48 20.80 23.83
CA PRO A 448 37.55 20.71 24.80
C PRO A 448 37.03 20.80 26.23
N THR A 449 37.71 20.15 27.16
CA THR A 449 37.49 20.32 28.61
C THR A 449 38.77 20.08 29.41
N ARG A 450 38.80 20.62 30.64
CA ARG A 450 39.87 20.50 31.63
C ARG A 450 39.75 19.19 32.42
N CYS A 451 39.73 18.07 31.72
CA CYS A 451 39.62 16.71 32.29
C CYS A 451 40.33 15.69 31.41
N LYS A 452 40.78 14.56 31.97
CA LYS A 452 40.97 13.30 31.21
C LYS A 452 40.42 12.12 32.00
N ARG A 453 40.04 11.04 31.31
CA ARG A 453 39.46 9.84 31.91
C ARG A 453 40.54 8.95 32.51
N ARG A 454 40.26 8.29 33.64
CA ARG A 454 41.19 7.33 34.26
C ARG A 454 41.35 6.07 33.40
N VAL A 455 42.56 5.51 33.37
CA VAL A 455 42.89 4.28 32.60
C VAL A 455 42.46 2.99 33.32
N VAL A 456 42.47 2.99 34.66
CA VAL A 456 42.08 1.86 35.52
C VAL A 456 40.58 1.52 35.45
N VAL B 1 10.28 18.62 35.17
CA VAL B 1 10.12 19.90 34.43
C VAL B 1 10.24 19.66 32.93
N PHE B 2 9.36 20.24 32.12
CA PHE B 2 9.38 20.15 30.65
C PHE B 2 9.70 21.51 30.02
N LEU B 3 10.76 21.57 29.21
CA LEU B 3 11.16 22.77 28.45
C LEU B 3 11.10 22.55 26.93
N GLY B 4 10.49 21.45 26.48
CA GLY B 4 10.40 21.08 25.07
C GLY B 4 11.75 20.78 24.42
N PHE B 5 11.72 20.40 23.14
CA PHE B 5 12.92 20.36 22.32
C PHE B 5 13.60 21.73 22.34
N LEU B 6 14.92 21.74 22.44
CA LEU B 6 15.72 22.96 22.34
C LEU B 6 15.35 24.02 23.40
N GLY B 7 14.94 23.60 24.60
CA GLY B 7 14.48 24.51 25.64
C GLY B 7 15.44 25.68 25.92
N ALA B 8 16.74 25.40 25.99
CA ALA B 8 17.80 26.41 25.90
C ALA B 8 19.14 25.71 25.60
N ALA B 9 19.77 25.80 24.43
CA ALA B 9 19.59 26.66 23.25
C ALA B 9 19.77 28.14 23.55
N GLY B 10 20.53 28.84 22.69
CA GLY B 10 20.81 30.26 22.82
C GLY B 10 21.73 30.61 23.99
N SER B 11 21.31 30.31 25.22
CA SER B 11 22.06 30.47 26.46
C SER B 11 23.42 29.79 26.42
N THR B 12 24.30 30.16 27.33
CA THR B 12 25.67 29.66 27.40
C THR B 12 25.76 28.17 27.76
N MET B 13 26.93 27.56 27.80
CA MET B 13 27.02 26.10 27.94
C MET B 13 26.67 25.56 29.33
N GLY B 14 26.62 26.36 30.39
CA GLY B 14 26.39 25.83 31.75
C GLY B 14 25.73 26.77 32.75
N ALA B 15 24.44 27.08 32.68
CA ALA B 15 23.49 26.96 31.58
C ALA B 15 23.38 25.58 30.87
N ALA B 16 23.33 25.54 29.52
CA ALA B 16 22.67 24.50 28.73
C ALA B 16 22.93 23.04 29.14
N SER B 17 24.17 22.69 29.44
CA SER B 17 24.57 21.33 29.84
C SER B 17 23.81 20.80 31.05
N MET B 18 23.29 21.67 31.93
CA MET B 18 22.47 21.26 33.07
C MET B 18 21.08 20.71 32.67
N THR B 19 20.70 20.77 31.38
CA THR B 19 19.36 20.42 30.88
C THR B 19 19.32 19.22 29.93
N LEU B 20 20.45 18.56 29.69
CA LEU B 20 20.59 17.61 28.60
C LEU B 20 19.64 16.42 28.70
N THR B 21 19.27 15.96 29.91
CA THR B 21 18.35 14.83 30.06
C THR B 21 16.99 15.09 29.40
N VAL B 22 16.35 16.21 29.67
CA VAL B 22 15.08 16.58 29.03
C VAL B 22 15.29 16.74 27.53
N GLN B 23 16.40 17.37 27.16
CA GLN B 23 16.75 17.62 25.76
C GLN B 23 16.88 16.30 24.97
N ALA B 24 17.37 15.23 25.60
CA ALA B 24 17.49 13.92 24.99
C ALA B 24 16.18 13.11 25.02
N ARG B 25 15.40 13.15 26.12
CA ARG B 25 14.20 12.29 26.28
C ARG B 25 13.14 12.53 25.21
N ASN B 26 13.06 13.75 24.69
CA ASN B 26 12.09 14.10 23.65
C ASN B 26 12.40 13.45 22.29
N LEU B 27 13.59 12.91 22.07
CA LEU B 27 14.05 12.41 20.77
C LEU B 27 13.29 11.18 20.22
N LEU B 28 12.38 10.56 20.96
CA LEU B 28 11.49 9.47 20.50
C LEU B 28 10.06 9.63 21.05
N SER B 29 9.32 10.65 20.62
CA SER B 29 7.96 10.97 21.09
C SER B 29 7.21 11.89 20.10
N GLY B 30 5.89 12.04 20.27
CA GLY B 30 5.02 12.82 19.37
C GLY B 30 4.27 11.96 18.37
N THR B 31 3.55 10.94 18.86
CA THR B 31 2.81 9.94 18.06
C THR B 31 1.70 9.28 18.88
N VAL B 32 -2.96 4.62 0.41
CA VAL B 32 -1.76 3.91 0.89
C VAL B 32 -0.72 4.85 1.54
N TRP B 33 -0.97 6.16 1.50
CA TRP B 33 -0.01 7.20 1.91
C TRP B 33 0.42 7.12 3.39
N GLY B 34 -0.31 6.40 4.25
CA GLY B 34 0.09 6.08 5.63
C GLY B 34 1.47 5.44 5.75
N ILE B 35 2.01 4.86 4.66
CA ILE B 35 3.41 4.41 4.56
C ILE B 35 4.41 5.51 4.97
N LYS B 36 4.12 6.77 4.66
CA LYS B 36 4.98 7.92 5.00
C LYS B 36 5.20 8.04 6.51
N GLN B 37 4.18 7.77 7.32
CA GLN B 37 4.28 7.84 8.77
C GLN B 37 5.26 6.79 9.31
N LEU B 38 5.19 5.54 8.84
CA LEU B 38 6.17 4.53 9.22
C LEU B 38 7.57 4.92 8.76
N GLN B 39 7.71 5.39 7.52
CA GLN B 39 9.02 5.80 7.01
C GLN B 39 9.63 6.90 7.86
N ALA B 40 8.85 7.91 8.27
CA ALA B 40 9.33 8.95 9.18
C ALA B 40 9.80 8.38 10.53
N ARG B 41 9.03 7.47 11.13
CA ARG B 41 9.37 6.86 12.42
C ARG B 41 10.63 6.00 12.33
N VAL B 42 10.79 5.23 11.26
CA VAL B 42 12.03 4.46 11.03
C VAL B 42 13.23 5.38 10.79
N LEU B 43 13.07 6.49 10.05
CA LEU B 43 14.15 7.49 9.88
C LEU B 43 14.61 8.09 11.19
N ALA B 44 13.70 8.33 12.14
CA ALA B 44 14.07 8.78 13.48
C ALA B 44 14.75 7.66 14.28
N VAL B 45 14.18 6.46 14.31
CA VAL B 45 14.73 5.33 15.06
C VAL B 45 16.13 4.97 14.61
N GLU B 46 16.41 4.92 13.30
CA GLU B 46 17.76 4.64 12.82
C GLU B 46 18.75 5.74 13.24
N ARG B 47 18.37 7.01 13.19
CA ARG B 47 19.25 8.10 13.64
C ARG B 47 19.57 7.96 15.12
N TYR B 48 18.57 7.69 15.95
CA TYR B 48 18.83 7.46 17.36
C TYR B 48 19.77 6.26 17.57
N LEU B 49 19.48 5.12 16.94
CA LEU B 49 20.31 3.95 17.09
C LEU B 49 21.74 4.19 16.64
N ARG B 50 21.96 4.86 15.52
CA ARG B 50 23.32 5.17 15.06
C ARG B 50 24.07 5.96 16.12
N ASP B 51 23.48 7.02 16.66
CA ASP B 51 24.17 7.81 17.66
C ASP B 51 24.43 6.99 18.92
N GLN B 52 23.46 6.16 19.33
CA GLN B 52 23.64 5.31 20.49
C GLN B 52 24.79 4.32 20.28
N GLN B 53 24.88 3.68 19.11
CA GLN B 53 26.00 2.80 18.78
C GLN B 53 27.31 3.57 18.80
N LEU B 54 27.34 4.76 18.21
CA LEU B 54 28.55 5.56 18.11
C LEU B 54 29.07 5.96 19.51
N LEU B 55 28.19 6.31 20.43
CA LEU B 55 28.55 6.49 21.83
C LEU B 55 29.12 5.21 22.45
N GLY B 56 28.60 4.05 22.07
CA GLY B 56 29.18 2.76 22.46
C GLY B 56 30.61 2.61 21.97
N ILE B 57 30.87 2.91 20.70
CA ILE B 57 32.21 2.80 20.10
C ILE B 57 33.22 3.71 20.80
N TRP B 58 32.82 4.88 21.30
CA TRP B 58 33.73 5.77 22.04
C TRP B 58 33.86 5.46 23.54
N GLY B 59 33.30 4.35 24.01
CA GLY B 59 33.35 4.02 25.44
C GLY B 59 32.49 4.95 26.31
N CYS B 60 31.39 5.46 25.77
CA CYS B 60 30.41 6.29 26.45
C CYS B 60 29.04 5.62 26.44
N SER B 61 28.99 4.36 26.88
CA SER B 61 27.88 3.42 26.67
C SER B 61 26.49 3.90 27.09
N GLY B 62 26.40 4.72 28.13
CA GLY B 62 25.14 5.19 28.69
C GLY B 62 25.31 6.41 29.57
N LYS B 63 26.04 7.41 29.07
CA LYS B 63 26.31 8.68 29.76
C LYS B 63 25.96 9.85 28.86
N LEU B 64 25.42 10.93 29.42
CA LEU B 64 25.20 12.17 28.66
C LEU B 64 26.44 13.05 28.57
N ILE B 65 27.40 12.88 29.47
CA ILE B 65 28.66 13.61 29.45
C ILE B 65 29.79 12.60 29.60
N CYS B 66 30.85 12.69 28.81
CA CYS B 66 31.87 11.66 28.78
C CYS B 66 33.23 12.26 28.44
N CYS B 67 34.03 12.49 29.48
CA CYS B 67 35.44 12.86 29.34
C CYS B 67 36.22 11.66 28.79
N THR B 68 37.22 11.86 27.94
CA THR B 68 37.91 10.75 27.24
C THR B 68 39.28 11.12 26.69
N ASN B 69 40.14 10.15 26.43
CA ASN B 69 41.57 10.37 26.28
C ASN B 69 41.98 10.62 24.83
N VAL B 70 41.61 11.78 24.30
CA VAL B 70 42.25 12.38 23.13
C VAL B 70 42.66 13.80 23.48
N PRO B 71 43.92 14.20 23.31
CA PRO B 71 44.37 15.54 23.67
C PRO B 71 43.79 16.57 22.71
N TRP B 72 43.30 17.68 23.23
CA TRP B 72 42.87 18.81 22.39
C TRP B 72 44.09 19.49 21.75
N ASN B 73 43.91 20.16 20.60
CA ASN B 73 45.03 20.79 19.90
C ASN B 73 44.63 22.05 19.13
N SER B 74 45.61 22.91 18.87
CA SER B 74 45.45 24.15 18.12
C SER B 74 45.38 23.95 16.59
N SER B 75 45.50 22.73 16.07
CA SER B 75 45.15 22.47 14.66
C SER B 75 43.63 22.54 14.49
N TRP B 76 42.88 22.09 15.50
CA TRP B 76 41.47 22.40 15.70
C TRP B 76 41.33 23.81 16.30
N SER B 77 40.10 24.27 16.52
CA SER B 77 39.84 25.64 16.99
C SER B 77 40.46 25.91 18.36
N ASN B 78 41.50 26.75 18.38
CA ASN B 78 42.13 27.24 19.61
C ASN B 78 41.23 28.25 20.34
N ARG B 79 41.16 28.18 21.68
CA ARG B 79 40.51 29.16 22.58
C ARG B 79 41.15 29.19 23.96
N ASN B 80 41.01 30.32 24.67
CA ASN B 80 41.44 30.48 26.07
C ASN B 80 40.46 29.86 27.09
N LEU B 81 39.24 29.50 26.68
CA LEU B 81 38.11 29.01 27.49
C LEU B 81 37.58 29.92 28.60
N SER B 82 38.36 30.89 29.10
CA SER B 82 38.09 31.64 30.34
C SER B 82 36.65 32.16 30.45
N GLU B 83 36.20 32.96 29.48
CA GLU B 83 34.77 33.10 29.20
C GLU B 83 34.27 32.05 28.22
N ILE B 84 35.05 31.72 27.18
CA ILE B 84 34.53 31.14 25.94
C ILE B 84 33.87 29.76 26.13
N TRP B 85 34.32 28.95 27.08
CA TRP B 85 33.63 27.70 27.43
C TRP B 85 32.17 27.93 27.86
N ASP B 86 31.87 29.09 28.44
CA ASP B 86 30.53 29.52 28.80
C ASP B 86 30.15 30.86 28.16
N ASN B 87 30.62 31.12 26.94
CA ASN B 87 30.26 32.29 26.13
C ASN B 87 30.70 32.07 24.67
N MET B 88 29.86 31.41 23.85
CA MET B 88 30.18 31.23 22.42
C MET B 88 28.95 31.34 21.49
N THR B 89 27.84 30.61 21.64
CA THR B 89 27.68 29.36 22.38
C THR B 89 27.39 28.21 21.38
N TRP B 90 26.40 27.34 21.56
CA TRP B 90 26.42 26.02 20.92
C TRP B 90 26.32 26.04 19.40
N LEU B 91 25.40 26.81 18.82
CA LEU B 91 25.29 26.89 17.36
C LEU B 91 26.60 27.44 16.76
N GLN B 92 27.14 28.49 17.37
CA GLN B 92 28.38 29.12 16.93
C GLN B 92 29.54 28.13 17.04
N TRP B 93 29.60 27.39 18.15
CA TRP B 93 30.61 26.37 18.37
C TRP B 93 30.52 25.26 17.33
N ASP B 94 29.32 24.79 17.01
CA ASP B 94 29.13 23.77 15.98
C ASP B 94 29.65 24.22 14.62
N LYS B 95 29.41 25.48 14.24
CA LYS B 95 30.01 26.04 13.03
C LYS B 95 31.53 26.07 13.16
N GLU B 96 32.05 26.60 14.25
CA GLU B 96 33.49 26.73 14.47
C GLU B 96 34.24 25.39 14.40
N ILE B 97 33.66 24.30 14.91
CA ILE B 97 34.28 22.97 14.92
C ILE B 97 33.94 22.13 13.68
N SER B 98 32.95 22.53 12.87
CA SER B 98 32.37 21.71 11.79
C SER B 98 33.39 21.11 10.82
N ASN B 99 34.52 21.77 10.58
CA ASN B 99 35.59 21.29 9.73
C ASN B 99 36.34 20.06 10.29
N TYR B 100 36.10 19.68 11.55
CA TYR B 100 36.96 18.73 12.27
C TYR B 100 36.23 17.54 12.90
N THR B 101 34.90 17.55 12.99
CA THR B 101 34.17 16.50 13.74
C THR B 101 34.48 15.10 13.21
N GLN B 102 34.54 14.92 11.90
CA GLN B 102 34.93 13.68 11.24
C GLN B 102 36.35 13.22 11.59
N ILE B 103 37.26 14.14 11.90
CA ILE B 103 38.60 13.78 12.41
C ILE B 103 38.49 13.36 13.85
N ILE B 104 37.84 14.16 14.69
CA ILE B 104 37.71 13.87 16.13
C ILE B 104 37.02 12.53 16.36
N TYR B 105 35.96 12.21 15.61
CA TYR B 105 35.28 10.93 15.69
C TYR B 105 36.23 9.77 15.37
N GLY B 106 37.16 9.96 14.43
CA GLY B 106 38.21 8.99 14.15
C GLY B 106 39.16 8.82 15.33
N LEU B 107 39.64 9.91 15.92
CA LEU B 107 40.54 9.84 17.06
C LEU B 107 39.88 9.18 18.27
N LEU B 108 38.60 9.41 18.51
CA LEU B 108 37.89 8.72 19.58
C LEU B 108 37.85 7.21 19.35
N GLU B 109 37.46 6.76 18.17
CA GLU B 109 37.43 5.33 17.85
C GLU B 109 38.80 4.69 18.02
N GLU B 110 39.85 5.36 17.55
CA GLU B 110 41.23 4.93 17.77
C GLU B 110 41.54 4.79 19.27
N SER B 111 41.27 5.84 20.05
CA SER B 111 41.65 5.86 21.46
C SER B 111 40.91 4.80 22.27
N GLN B 112 39.63 4.54 21.99
CA GLN B 112 38.92 3.49 22.71
C GLN B 112 39.51 2.10 22.45
N ASN B 113 39.84 1.79 21.19
CA ASN B 113 40.46 0.49 20.87
C ASN B 113 41.73 0.23 21.68
N GLN B 114 42.58 1.25 21.86
CA GLN B 114 43.76 1.12 22.72
C GLN B 114 43.38 0.70 24.13
N GLN B 115 42.36 1.34 24.71
CA GLN B 115 41.95 1.00 26.06
C GLN B 115 41.34 -0.39 26.16
N GLU B 116 40.63 -0.88 25.14
CA GLU B 116 40.19 -2.29 25.15
C GLU B 116 41.38 -3.24 25.15
N LYS B 117 42.40 -2.97 24.32
CA LYS B 117 43.60 -3.81 24.30
C LYS B 117 44.32 -3.78 25.65
N ASN B 118 44.47 -2.60 26.26
CA ASN B 118 45.06 -2.48 27.60
C ASN B 118 44.28 -3.29 28.63
N GLU B 119 42.96 -3.09 28.69
CA GLU B 119 42.10 -3.77 29.65
C GLU B 119 42.20 -5.29 29.49
N GLN B 120 42.12 -5.79 28.25
CA GLN B 120 42.27 -7.22 27.98
C GLN B 120 43.63 -7.75 28.42
N ASP B 121 44.72 -7.10 28.05
CA ASP B 121 46.04 -7.57 28.45
C ASP B 121 46.20 -7.56 29.97
N LEU B 122 45.74 -6.53 30.66
CA LEU B 122 45.85 -6.47 32.11
C LEU B 122 45.00 -7.55 32.78
N LEU B 123 43.72 -7.67 32.44
CA LEU B 123 42.82 -8.67 33.03
C LEU B 123 43.29 -10.10 32.73
N ALA B 124 43.90 -10.31 31.56
CA ALA B 124 44.48 -11.59 31.19
C ALA B 124 45.76 -11.92 31.97
N LEU B 125 46.78 -11.05 31.86
CA LEU B 125 48.14 -11.36 32.29
C LEU B 125 48.33 -11.22 33.80
N ASP B 126 47.52 -10.42 34.48
CA ASP B 126 47.57 -10.30 35.95
C ASP B 126 47.10 -11.59 36.64
N GLN C 1 16.23 16.57 -24.82
CA GLN C 1 14.96 16.33 -24.13
C GLN C 1 13.90 17.37 -24.54
N VAL C 2 13.94 18.60 -24.02
CA VAL C 2 12.88 19.61 -24.27
C VAL C 2 12.93 20.18 -25.68
N ARG C 3 11.78 20.63 -26.19
CA ARG C 3 11.67 21.43 -27.41
C ARG C 3 10.60 22.49 -27.30
N LEU C 4 10.77 23.53 -28.12
CA LEU C 4 9.74 24.51 -28.48
C LEU C 4 9.70 24.61 -30.00
N ALA C 5 8.88 23.78 -30.65
CA ALA C 5 8.64 23.90 -32.07
C ALA C 5 7.77 25.14 -32.36
N GLN C 6 7.82 25.67 -33.58
CA GLN C 6 7.02 26.81 -33.99
C GLN C 6 6.46 26.66 -35.41
N TYR C 7 5.40 27.40 -35.71
CA TYR C 7 4.74 27.45 -37.02
C TYR C 7 4.29 28.88 -37.34
N GLY C 8 3.40 29.05 -38.32
CA GLY C 8 2.73 30.31 -38.62
C GLY C 8 3.58 31.37 -39.35
N GLY C 9 4.90 31.19 -39.42
CA GLY C 9 5.79 32.11 -40.12
C GLY C 9 5.55 32.15 -41.63
N GLY C 10 5.74 33.31 -42.23
CA GLY C 10 5.53 33.54 -43.66
C GLY C 10 5.23 34.99 -44.01
N VAL C 11 4.89 35.24 -45.27
CA VAL C 11 4.42 36.55 -45.73
C VAL C 11 3.02 36.81 -45.18
N LYS C 12 2.78 38.02 -44.67
CA LYS C 12 1.47 38.50 -44.19
C LYS C 12 1.15 39.84 -44.85
N ARG C 13 -0.13 40.03 -45.17
CA ARG C 13 -0.62 41.25 -45.85
C ARG C 13 -0.60 42.45 -44.90
N LEU C 14 -0.36 43.64 -45.43
CA LEU C 14 -0.29 44.87 -44.65
C LEU C 14 -1.60 45.12 -43.90
N GLY C 15 -1.54 45.46 -42.61
CA GLY C 15 -2.73 45.72 -41.79
C GLY C 15 -3.53 44.48 -41.37
N ALA C 16 -3.14 43.28 -41.79
CA ALA C 16 -3.83 42.05 -41.44
C ALA C 16 -3.65 41.67 -39.96
N THR C 17 -4.28 40.58 -39.53
CA THR C 17 -4.07 39.94 -38.23
C THR C 17 -3.48 38.55 -38.43
N MET C 18 -2.55 38.15 -37.54
CA MET C 18 -1.93 36.83 -37.57
C MET C 18 -1.99 36.16 -36.22
N THR C 19 -2.04 34.83 -36.22
CA THR C 19 -1.75 34.01 -35.04
C THR C 19 -0.49 33.21 -35.32
N LEU C 20 0.58 33.44 -34.57
CA LEU C 20 1.73 32.53 -34.51
C LEU C 20 1.51 31.49 -33.42
N SER C 21 2.23 30.37 -33.48
CA SER C 21 2.04 29.29 -32.52
C SER C 21 3.34 28.57 -32.18
N CYS C 22 3.35 28.00 -30.98
CA CYS C 22 4.49 27.34 -30.36
C CYS C 22 4.02 26.07 -29.66
N VAL C 23 4.74 24.97 -29.83
CA VAL C 23 4.38 23.66 -29.27
C VAL C 23 5.50 23.18 -28.39
N ALA C 24 5.20 22.93 -27.12
CA ALA C 24 6.17 22.42 -26.15
C ALA C 24 6.19 20.90 -26.07
N SER C 25 7.30 20.34 -25.61
CA SER C 25 7.39 18.92 -25.22
C SER C 25 8.56 18.68 -24.26
N GLY C 26 8.52 17.54 -23.57
CA GLY C 26 9.63 17.01 -22.79
C GLY C 26 9.73 17.51 -21.34
N TYR C 27 8.88 18.43 -20.90
CA TYR C 27 8.86 18.96 -19.54
C TYR C 27 7.45 19.21 -19.02
N THR C 28 7.31 19.35 -17.70
CA THR C 28 6.02 19.57 -17.03
C THR C 28 5.42 20.92 -17.43
N PHE C 29 4.38 20.91 -18.28
CA PHE C 29 3.91 22.10 -18.98
C PHE C 29 3.44 23.23 -18.07
N ASN C 30 2.96 22.93 -16.86
CA ASN C 30 2.50 23.94 -15.90
C ASN C 30 3.65 24.71 -15.19
N ASP C 31 4.89 24.26 -15.23
CA ASP C 31 5.92 24.75 -14.30
C ASP C 31 6.70 25.98 -14.77
N TYR C 32 6.65 26.34 -16.05
CA TYR C 32 7.52 27.36 -16.63
C TYR C 32 6.72 28.43 -17.36
N TYR C 33 7.06 29.69 -17.15
CA TYR C 33 6.48 30.78 -17.93
C TYR C 33 7.05 30.76 -19.34
N ILE C 34 6.25 31.15 -20.34
CA ILE C 34 6.70 31.32 -21.72
C ILE C 34 6.70 32.80 -22.07
N HIS C 35 7.78 33.26 -22.68
CA HIS C 35 7.91 34.64 -23.17
C HIS C 35 7.93 34.66 -24.69
N TRP C 36 7.30 35.66 -25.27
CA TRP C 36 7.36 35.93 -26.71
C TRP C 36 8.30 37.08 -26.97
N VAL C 37 9.34 36.84 -27.75
CA VAL C 37 10.38 37.81 -28.03
C VAL C 37 10.68 37.87 -29.51
N ARG C 38 11.10 39.04 -30.00
CA ARG C 38 11.33 39.24 -31.42
C ARG C 38 12.59 40.02 -31.71
N GLN C 39 13.06 39.91 -32.94
CA GLN C 39 14.17 40.68 -33.47
C GLN C 39 13.84 41.14 -34.89
N ALA C 40 13.61 42.45 -35.03
CA ALA C 40 13.65 43.09 -36.33
C ALA C 40 15.10 43.10 -36.88
N PRO C 41 15.29 43.04 -38.21
CA PRO C 41 16.63 43.03 -38.79
C PRO C 41 17.36 44.34 -38.47
N GLY C 42 18.59 44.23 -37.98
CA GLY C 42 19.41 45.38 -37.56
C GLY C 42 19.07 45.98 -36.19
N GLN C 43 18.21 45.34 -35.39
CA GLN C 43 17.83 45.78 -34.05
C GLN C 43 18.17 44.72 -33.01
N GLY C 44 18.42 45.14 -31.76
CA GLY C 44 18.52 44.21 -30.63
C GLY C 44 17.18 43.54 -30.31
N PHE C 45 17.22 42.41 -29.61
CA PHE C 45 16.01 41.70 -29.19
C PHE C 45 15.07 42.57 -28.35
N GLU C 46 13.80 42.23 -28.38
CA GLU C 46 12.69 42.95 -27.77
C GLU C 46 11.68 41.97 -27.19
N LEU C 47 11.09 42.27 -26.04
CA LEU C 47 10.09 41.44 -25.40
C LEU C 47 8.69 41.94 -25.73
N LEU C 48 7.81 41.05 -26.18
CA LEU C 48 6.41 41.35 -26.42
C LEU C 48 5.58 41.18 -25.15
N GLY C 49 5.86 40.12 -24.39
CA GLY C 49 5.15 39.79 -23.17
C GLY C 49 5.37 38.34 -22.75
N TYR C 50 4.67 37.92 -21.72
CA TYR C 50 4.73 36.55 -21.23
C TYR C 50 3.37 36.02 -20.82
N ILE C 51 3.26 34.70 -20.81
CA ILE C 51 2.05 33.96 -20.44
C ILE C 51 2.40 32.83 -19.50
N ASP C 52 1.62 32.69 -18.45
CA ASP C 52 1.68 31.51 -17.59
C ASP C 52 0.81 30.42 -18.21
N PRO C 53 1.36 29.30 -18.69
CA PRO C 53 0.57 28.26 -19.31
C PRO C 53 -0.42 27.64 -18.35
N ALA C 54 -0.15 27.63 -17.03
CA ALA C 54 -0.97 26.89 -16.09
C ALA C 54 -2.40 27.46 -16.03
N ASN C 55 -2.56 28.76 -15.80
CA ASN C 55 -3.85 29.45 -15.70
C ASN C 55 -4.18 30.33 -16.91
N GLY C 56 -3.23 30.52 -17.84
CA GLY C 56 -3.43 31.35 -19.02
C GLY C 56 -3.30 32.84 -18.77
N ARG C 57 -2.79 33.29 -17.62
CA ARG C 57 -2.61 34.71 -17.31
C ARG C 57 -1.55 35.33 -18.23
N PRO C 58 -1.81 36.48 -18.88
CA PRO C 58 -0.84 37.20 -19.68
C PRO C 58 -0.37 38.51 -19.04
N ASP C 59 0.81 38.98 -19.44
CA ASP C 59 1.29 40.36 -19.30
C ASP C 59 2.01 40.82 -20.57
N TYR C 60 1.81 42.09 -20.95
CA TYR C 60 2.24 42.64 -22.24
C TYR C 60 3.16 43.85 -22.07
N ALA C 61 4.06 44.07 -23.01
CA ALA C 61 4.81 45.32 -23.09
C ALA C 61 3.89 46.51 -23.33
N GLY C 62 4.14 47.64 -22.67
CA GLY C 62 3.24 48.80 -22.69
C GLY C 62 2.99 49.40 -24.08
N ALA C 63 3.93 49.23 -25.02
CA ALA C 63 3.76 49.70 -26.40
C ALA C 63 2.72 48.90 -27.20
N LEU C 64 2.44 47.64 -26.83
CA LEU C 64 1.72 46.67 -27.68
C LEU C 64 0.47 46.07 -27.02
N ARG C 65 0.12 46.53 -25.81
CA ARG C 65 -1.01 46.06 -25.01
C ARG C 65 -2.35 46.08 -25.74
N GLU C 66 -2.53 47.00 -26.69
CA GLU C 66 -3.73 47.10 -27.51
C GLU C 66 -3.79 46.04 -28.62
N ARG C 67 -2.64 45.61 -29.14
CA ARG C 67 -2.52 44.84 -30.38
C ARG C 67 -2.32 43.35 -30.15
N LEU C 68 -1.63 42.97 -29.09
CA LEU C 68 -1.31 41.58 -28.78
C LEU C 68 -2.47 40.88 -28.06
N SER C 69 -2.54 39.56 -28.17
CA SER C 69 -3.21 38.70 -27.17
C SER C 69 -2.59 37.30 -27.15
N PHE C 70 -2.55 36.65 -25.99
CA PHE C 70 -1.99 35.30 -25.84
C PHE C 70 -3.03 34.32 -25.30
N TYR C 71 -2.99 33.06 -25.73
CA TYR C 71 -3.83 31.99 -25.19
C TYR C 71 -3.18 30.63 -25.44
N ARG C 72 -3.62 29.60 -24.70
CA ARG C 72 -3.06 28.24 -24.81
C ARG C 72 -4.12 27.15 -24.84
N ASP C 73 -3.94 26.16 -25.69
CA ASP C 73 -4.75 24.93 -25.69
C ASP C 73 -4.06 23.91 -24.79
N LYS C 74 -4.38 23.95 -23.51
CA LYS C 74 -3.56 23.36 -22.45
C LYS C 74 -3.36 21.85 -22.61
N SER C 75 -4.39 21.13 -23.05
CA SER C 75 -4.26 19.69 -23.27
C SER C 75 -3.33 19.33 -24.43
N MET C 76 -3.05 20.29 -25.32
CA MET C 76 -2.12 20.12 -26.44
C MET C 76 -0.72 20.67 -26.17
N GLU C 77 -0.42 21.17 -24.96
CA GLU C 77 0.89 21.77 -24.63
C GLU C 77 1.30 22.84 -25.66
N THR C 78 0.31 23.63 -26.10
CA THR C 78 0.41 24.49 -27.28
C THR C 78 -0.02 25.91 -26.96
N LEU C 79 0.76 26.89 -27.39
CA LEU C 79 0.51 28.30 -27.17
C LEU C 79 0.32 29.03 -28.49
N TYR C 80 -0.48 30.09 -28.45
CA TYR C 80 -0.80 30.92 -29.59
C TYR C 80 -0.59 32.38 -29.23
N MET C 81 -0.03 33.14 -30.14
CA MET C 81 0.11 34.59 -30.06
C MET C 81 -0.64 35.24 -31.20
N ASP C 82 -1.68 36.01 -30.89
CA ASP C 82 -2.27 36.92 -31.85
C ASP C 82 -1.50 38.23 -31.83
N LEU C 83 -1.14 38.73 -33.01
CA LEU C 83 -0.85 40.16 -33.18
C LEU C 83 -1.86 40.73 -34.18
N ARG C 84 -2.72 41.65 -33.72
CA ARG C 84 -3.68 42.34 -34.56
C ARG C 84 -3.04 43.49 -35.31
N SER C 85 -3.63 43.85 -36.45
CA SER C 85 -3.33 45.09 -37.18
C SER C 85 -1.83 45.26 -37.45
N LEU C 86 -1.23 44.34 -38.21
CA LEU C 86 0.20 44.35 -38.53
C LEU C 86 0.64 45.65 -39.23
N ARG C 87 1.86 46.11 -38.97
CA ARG C 87 2.53 47.22 -39.68
C ARG C 87 3.90 46.78 -40.17
N TYR C 88 4.44 47.52 -41.13
CA TYR C 88 5.68 47.17 -41.85
C TYR C 88 6.83 46.79 -40.89
N ASP C 89 6.98 47.55 -39.82
CA ASP C 89 7.99 47.37 -38.77
C ASP C 89 7.80 46.13 -37.89
N ASP C 90 6.67 45.44 -37.92
CA ASP C 90 6.55 44.13 -37.26
C ASP C 90 7.33 43.04 -38.02
N THR C 91 7.85 43.33 -39.20
CA THR C 91 8.70 42.41 -39.97
C THR C 91 9.93 42.01 -39.18
N ALA C 92 9.99 40.75 -38.74
CA ALA C 92 10.96 40.29 -37.76
C ALA C 92 11.01 38.76 -37.66
N MET C 93 12.02 38.22 -36.98
CA MET C 93 11.98 36.87 -36.43
C MET C 93 11.27 36.87 -35.07
N TYR C 94 10.35 35.94 -34.84
CA TYR C 94 9.62 35.78 -33.58
C TYR C 94 9.95 34.44 -32.92
N TYR C 95 10.26 34.44 -31.63
CA TYR C 95 10.52 33.24 -30.85
C TYR C 95 9.58 33.12 -29.66
N CYS C 96 9.11 31.91 -29.38
CA CYS C 96 8.75 31.56 -28.02
C CYS C 96 9.98 31.07 -27.26
N VAL C 97 10.09 31.45 -25.98
CA VAL C 97 11.26 31.18 -25.14
C VAL C 97 10.81 30.76 -23.76
N ARG C 98 11.50 29.77 -23.16
CA ARG C 98 11.18 29.27 -21.82
C ARG C 98 11.95 30.04 -20.75
N ASN C 99 11.27 30.40 -19.67
CA ASN C 99 11.82 31.18 -18.57
C ASN C 99 11.83 30.39 -17.27
N VAL C 100 12.99 30.27 -16.65
CA VAL C 100 13.12 29.62 -15.34
C VAL C 100 12.59 30.56 -14.26
N GLY C 101 12.02 30.01 -13.20
CA GLY C 101 11.69 30.79 -12.01
C GLY C 101 11.56 29.93 -10.77
N THR C 102 11.91 30.51 -9.61
CA THR C 102 11.54 29.95 -8.30
C THR C 102 10.04 30.17 -8.06
N ALA C 103 9.53 29.69 -6.93
CA ALA C 103 8.17 30.01 -6.51
C ALA C 103 7.93 31.53 -6.35
N GLY C 104 8.99 32.31 -6.17
CA GLY C 104 8.91 33.75 -5.93
C GLY C 104 9.14 34.62 -7.16
N SER C 105 10.11 34.30 -8.00
CA SER C 105 10.57 35.21 -9.05
C SER C 105 10.93 34.52 -10.36
N LEU C 106 10.75 35.26 -11.44
CA LEU C 106 11.00 34.86 -12.81
C LEU C 106 12.34 35.44 -13.26
N LEU C 107 13.21 34.63 -13.85
CA LEU C 107 14.65 34.89 -13.90
C LEU C 107 15.17 34.94 -15.34
N HIS C 108 16.29 34.29 -15.64
CA HIS C 108 16.84 34.14 -16.99
C HIS C 108 16.03 33.17 -17.88
N TYR C 109 16.28 33.22 -19.19
CA TYR C 109 15.78 32.24 -20.15
C TYR C 109 16.71 31.05 -20.28
N ASP C 110 16.20 29.83 -20.48
CA ASP C 110 17.03 28.63 -20.57
C ASP C 110 16.86 27.81 -21.85
N HIS C 111 15.92 28.15 -22.73
CA HIS C 111 15.71 27.43 -23.97
C HIS C 111 14.91 28.28 -24.95
N TRP C 112 15.36 28.31 -26.20
CA TRP C 112 14.71 29.07 -27.26
C TRP C 112 14.09 28.14 -28.30
N GLY C 113 12.88 28.45 -28.76
CA GLY C 113 12.25 27.72 -29.85
C GLY C 113 12.91 27.94 -31.20
N SER C 114 12.44 27.22 -32.21
CA SER C 114 13.05 27.19 -33.54
C SER C 114 13.01 28.53 -34.29
N GLY C 115 12.15 29.46 -33.90
CA GLY C 115 11.98 30.76 -34.54
C GLY C 115 11.11 30.72 -35.78
N SER C 116 10.19 31.67 -35.89
CA SER C 116 9.33 31.88 -37.06
C SER C 116 9.61 33.25 -37.66
N PRO C 117 10.05 33.37 -38.92
CA PRO C 117 10.15 34.65 -39.58
C PRO C 117 8.77 35.15 -40.02
N VAL C 118 8.56 36.46 -40.01
CA VAL C 118 7.35 37.10 -40.53
C VAL C 118 7.74 38.30 -41.37
N ILE C 119 7.13 38.43 -42.54
CA ILE C 119 7.35 39.54 -43.45
C ILE C 119 6.03 40.26 -43.70
N VAL C 120 5.94 41.54 -43.38
CA VAL C 120 4.72 42.33 -43.53
C VAL C 120 4.77 43.14 -44.82
N SER C 121 4.24 42.58 -45.90
CA SER C 121 4.01 43.31 -47.15
C SER C 121 3.07 42.55 -48.09
N SER C 122 2.09 43.24 -48.68
CA SER C 122 1.15 42.66 -49.64
C SER C 122 1.78 42.47 -51.02
N GLU D 1 12.36 52.01 -18.63
CA GLU D 1 13.01 50.92 -19.41
C GLU D 1 14.50 50.86 -19.10
N ILE D 2 14.99 49.75 -18.53
CA ILE D 2 16.43 49.57 -18.24
C ILE D 2 17.19 49.31 -19.54
N VAL D 3 18.08 50.21 -19.93
CA VAL D 3 18.94 50.04 -21.11
C VAL D 3 20.11 49.13 -20.77
N LEU D 4 20.49 48.26 -21.71
CA LEU D 4 21.82 47.64 -21.75
C LEU D 4 22.62 48.16 -22.93
N THR D 5 23.87 48.54 -22.69
CA THR D 5 24.87 48.83 -23.73
C THR D 5 25.91 47.71 -23.73
N GLN D 6 26.15 47.06 -24.87
CA GLN D 6 27.32 46.21 -25.04
C GLN D 6 28.48 47.00 -25.65
N SER D 7 29.72 46.61 -25.33
CA SER D 7 30.92 47.13 -25.98
C SER D 7 32.03 46.08 -26.06
N PRO D 8 32.81 46.03 -27.16
CA PRO D 8 32.57 46.75 -28.41
C PRO D 8 31.35 46.20 -29.17
N ALA D 9 30.92 46.89 -30.22
CA ALA D 9 29.90 46.35 -31.14
C ALA D 9 30.46 45.15 -31.94
N THR D 10 31.70 45.27 -32.41
CA THR D 10 32.44 44.18 -33.07
C THR D 10 33.85 44.05 -32.47
N LEU D 11 34.26 42.81 -32.19
CA LEU D 11 35.51 42.49 -31.48
C LEU D 11 36.45 41.69 -32.41
N SER D 12 37.64 42.25 -32.68
CA SER D 12 38.68 41.63 -33.50
C SER D 12 39.55 40.65 -32.70
N ALA D 13 39.61 39.39 -33.11
CA ALA D 13 40.35 38.34 -32.42
C ALA D 13 40.94 37.27 -33.36
N SER D 14 41.81 36.41 -32.83
CA SER D 14 42.40 35.25 -33.53
C SER D 14 42.12 33.95 -32.75
N PRO D 15 42.05 32.79 -33.42
CA PRO D 15 41.75 31.52 -32.77
C PRO D 15 42.75 31.19 -31.66
N GLY D 16 42.29 30.50 -30.63
CA GLY D 16 43.07 30.12 -29.45
C GLY D 16 43.37 31.27 -28.47
N GLU D 17 43.06 32.53 -28.81
CA GLU D 17 43.21 33.65 -27.87
C GLU D 17 42.15 33.63 -26.77
N ARG D 18 42.52 34.19 -25.60
CA ARG D 18 41.55 34.64 -24.58
C ARG D 18 40.97 36.00 -24.97
N VAL D 19 39.64 36.15 -24.84
CA VAL D 19 38.86 37.29 -25.33
C VAL D 19 37.82 37.72 -24.30
N THR D 20 37.56 39.02 -24.18
CA THR D 20 36.64 39.60 -23.18
C THR D 20 35.62 40.55 -23.81
N LEU D 21 34.34 40.41 -23.43
CA LEU D 21 33.20 41.20 -23.88
C LEU D 21 32.56 41.92 -22.68
N THR D 22 32.04 43.13 -22.89
CA THR D 22 31.55 43.97 -21.79
C THR D 22 30.11 44.42 -22.01
N CYS D 23 29.36 44.56 -20.91
CA CYS D 23 28.00 45.06 -20.90
C CYS D 23 27.79 46.00 -19.71
N ARG D 24 27.07 47.11 -19.91
CA ARG D 24 26.73 48.08 -18.86
C ARG D 24 25.26 48.43 -18.86
N ALA D 25 24.72 48.76 -17.68
CA ALA D 25 23.32 49.07 -17.47
C ALA D 25 23.11 50.53 -17.06
N SER D 26 21.97 51.11 -17.42
CA SER D 26 21.64 52.51 -17.10
C SER D 26 21.50 52.80 -15.60
N ARG D 27 21.20 51.78 -14.80
CA ARG D 27 21.27 51.77 -13.33
C ARG D 27 21.47 50.34 -12.84
N SER D 28 21.60 50.13 -11.53
CA SER D 28 21.85 48.81 -10.96
C SER D 28 20.82 47.76 -11.39
N VAL D 29 21.32 46.55 -11.68
CA VAL D 29 20.53 45.35 -11.95
C VAL D 29 20.95 44.20 -11.03
N ARG D 30 21.57 44.53 -9.89
CA ARG D 30 22.22 43.55 -9.01
C ARG D 30 23.15 42.66 -9.84
N ASN D 31 23.17 41.36 -9.58
CA ASN D 31 23.81 40.37 -10.47
C ASN D 31 22.82 39.70 -11.43
N ASN D 32 21.59 40.21 -11.61
CA ASN D 32 20.51 39.52 -12.34
C ASN D 32 20.69 39.62 -13.87
N VAL D 33 21.82 39.16 -14.36
CA VAL D 33 22.28 39.30 -15.75
C VAL D 33 22.70 37.95 -16.28
N ALA D 34 22.46 37.73 -17.57
CA ALA D 34 22.87 36.52 -18.27
C ALA D 34 23.44 36.83 -19.65
N TRP D 35 24.17 35.86 -20.19
CA TRP D 35 24.85 35.93 -21.48
C TRP D 35 24.48 34.75 -22.34
N TYR D 36 24.29 35.00 -23.64
CA TYR D 36 23.88 34.00 -24.61
C TYR D 36 24.78 34.03 -25.83
N GLN D 37 25.11 32.85 -26.35
CA GLN D 37 25.70 32.72 -27.68
C GLN D 37 24.57 32.65 -28.70
N HIS D 38 24.72 33.38 -29.81
CA HIS D 38 23.78 33.37 -30.93
C HIS D 38 24.53 32.94 -32.19
N LYS D 39 24.50 31.64 -32.50
CA LYS D 39 25.00 31.11 -33.77
C LYS D 39 24.13 31.60 -34.93
N GLY D 40 24.75 31.87 -36.09
CA GLY D 40 24.07 32.49 -37.23
C GLY D 40 22.83 31.72 -37.69
N GLY D 41 21.69 32.41 -37.76
CA GLY D 41 20.42 31.84 -38.24
C GLY D 41 19.81 30.74 -37.37
N GLN D 42 20.20 30.62 -36.10
CA GLN D 42 19.81 29.53 -35.20
C GLN D 42 19.25 30.05 -33.87
N SER D 43 18.49 29.21 -33.16
CA SER D 43 18.05 29.50 -31.80
C SER D 43 19.25 29.76 -30.88
N PRO D 44 19.32 30.89 -30.16
CA PRO D 44 20.39 31.16 -29.20
C PRO D 44 20.54 30.07 -28.12
N ARG D 45 21.68 30.07 -27.43
CA ARG D 45 21.94 29.21 -26.26
C ARG D 45 22.47 30.02 -25.10
N LEU D 46 22.04 29.64 -23.90
CA LEU D 46 22.51 30.17 -22.63
C LEU D 46 23.99 29.82 -22.40
N LEU D 47 24.81 30.78 -21.97
CA LEU D 47 26.15 30.53 -21.46
C LEU D 47 26.21 30.65 -19.95
N ILE D 48 25.88 31.84 -19.44
CA ILE D 48 26.08 32.23 -18.05
C ILE D 48 24.86 32.98 -17.56
N TYR D 49 24.50 32.81 -16.29
CA TYR D 49 23.48 33.58 -15.61
C TYR D 49 23.93 33.98 -14.21
N ASP D 50 23.18 34.87 -13.57
CA ASP D 50 23.58 35.57 -12.35
C ASP D 50 24.99 36.15 -12.44
N ALA D 51 25.32 36.66 -13.63
CA ALA D 51 26.62 37.21 -14.04
C ALA D 51 27.84 36.28 -13.84
N SER D 52 27.66 35.01 -13.49
CA SER D 52 28.76 34.21 -12.94
C SER D 52 28.56 32.70 -12.99
N THR D 53 27.33 32.21 -12.95
CA THR D 53 27.04 30.78 -13.01
C THR D 53 27.07 30.31 -14.45
N ARG D 54 28.07 29.52 -14.84
CA ARG D 54 28.09 28.79 -16.10
C ARG D 54 27.01 27.71 -16.08
N ALA D 55 26.14 27.68 -17.09
CA ALA D 55 25.05 26.71 -17.14
C ALA D 55 25.52 25.29 -17.48
N ALA D 56 24.69 24.28 -17.19
CA ALA D 56 25.01 22.89 -17.49
C ALA D 56 25.27 22.66 -18.99
N GLY D 57 26.27 21.83 -19.32
CA GLY D 57 26.65 21.51 -20.69
C GLY D 57 27.39 22.63 -21.45
N VAL D 58 27.49 23.84 -20.90
CA VAL D 58 28.25 24.94 -21.51
C VAL D 58 29.76 24.66 -21.45
N PRO D 59 30.53 24.94 -22.52
CA PRO D 59 31.97 24.76 -22.50
C PRO D 59 32.69 25.54 -21.38
N ALA D 60 33.64 24.90 -20.71
CA ALA D 60 34.37 25.48 -19.59
C ALA D 60 35.18 26.74 -19.96
N ARG D 61 35.51 26.91 -21.25
CA ARG D 61 36.21 28.10 -21.76
C ARG D 61 35.49 29.41 -21.49
N PHE D 62 34.16 29.40 -21.34
CA PHE D 62 33.38 30.58 -20.99
C PHE D 62 33.45 30.90 -19.49
N SER D 63 33.48 32.18 -19.13
CA SER D 63 33.46 32.65 -17.74
C SER D 63 32.93 34.08 -17.66
N GLY D 64 32.56 34.55 -16.47
CA GLY D 64 32.03 35.91 -16.32
C GLY D 64 32.04 36.43 -14.89
N SER D 65 31.92 37.74 -14.75
CA SER D 65 32.04 38.48 -13.49
C SER D 65 31.36 39.85 -13.57
N ALA D 66 31.20 40.53 -12.44
CA ALA D 66 30.49 41.79 -12.33
C ALA D 66 31.12 42.77 -11.34
N SER D 67 30.85 44.07 -11.54
CA SER D 67 31.22 45.15 -10.63
C SER D 67 30.26 46.32 -10.79
N GLY D 68 29.45 46.60 -9.77
CA GLY D 68 28.45 47.67 -9.81
C GLY D 68 27.49 47.53 -11.00
N THR D 69 27.43 48.54 -11.85
CA THR D 69 26.60 48.58 -13.06
C THR D 69 27.25 47.95 -14.30
N GLU D 70 28.34 47.20 -14.15
CA GLU D 70 29.11 46.65 -15.27
C GLU D 70 29.35 45.14 -15.16
N PHE D 71 29.27 44.46 -16.29
CA PHE D 71 29.24 43.01 -16.42
C PHE D 71 30.21 42.58 -17.50
N THR D 72 30.91 41.47 -17.27
CA THR D 72 31.98 41.02 -18.13
C THR D 72 31.83 39.54 -18.44
N LEU D 73 31.95 39.20 -19.72
CA LEU D 73 31.98 37.84 -20.23
C LEU D 73 33.38 37.61 -20.82
N ALA D 74 33.93 36.42 -20.66
CA ALA D 74 35.20 36.05 -21.26
C ALA D 74 35.19 34.63 -21.81
N ILE D 75 36.07 34.39 -22.77
CA ILE D 75 36.28 33.10 -23.44
C ILE D 75 37.77 32.82 -23.46
N SER D 76 38.24 31.64 -23.05
CA SER D 76 39.69 31.35 -22.98
C SER D 76 40.35 31.04 -24.33
N ASN D 77 39.56 30.52 -25.29
CA ASN D 77 40.03 30.08 -26.61
C ASN D 77 38.96 30.41 -27.66
N LEU D 78 39.22 31.38 -28.52
CA LEU D 78 38.41 31.58 -29.71
C LEU D 78 38.54 30.39 -30.68
N GLU D 79 37.48 30.13 -31.44
CA GLU D 79 37.35 29.04 -32.40
C GLU D 79 36.34 29.45 -33.48
N SER D 80 36.26 28.71 -34.59
CA SER D 80 35.21 28.89 -35.60
C SER D 80 33.78 28.78 -35.02
N GLU D 81 33.61 28.04 -33.92
CA GLU D 81 32.36 28.04 -33.14
C GLU D 81 31.99 29.43 -32.62
N ASP D 82 32.99 30.22 -32.25
CA ASP D 82 32.85 31.34 -31.33
C ASP D 82 33.12 32.70 -31.96
N PHE D 83 33.64 32.75 -33.20
CA PHE D 83 33.58 33.93 -34.05
C PHE D 83 32.13 34.18 -34.49
N THR D 84 31.30 34.65 -33.56
CA THR D 84 29.85 34.70 -33.69
C THR D 84 29.26 35.83 -32.83
N VAL D 85 27.94 36.01 -32.87
CA VAL D 85 27.24 37.00 -32.05
C VAL D 85 27.00 36.49 -30.62
N TYR D 86 27.06 37.40 -29.66
CA TYR D 86 26.69 37.19 -28.26
C TYR D 86 25.90 38.38 -27.72
N PHE D 87 24.99 38.15 -26.77
CA PHE D 87 24.28 39.24 -26.12
C PHE D 87 24.13 39.04 -24.61
N CYS D 88 24.15 40.18 -23.90
CA CYS D 88 23.75 40.25 -22.50
C CYS D 88 22.25 40.55 -22.39
N LEU D 89 21.65 40.04 -21.33
CA LEU D 89 20.25 40.18 -20.95
C LEU D 89 20.21 40.50 -19.46
N GLN D 90 19.34 41.42 -19.05
CA GLN D 90 19.08 41.67 -17.63
C GLN D 90 17.63 41.31 -17.32
N TYR D 91 17.42 40.75 -16.14
CA TYR D 91 16.11 40.34 -15.62
C TYR D 91 15.88 40.88 -14.21
N ASN D 92 16.53 41.99 -13.85
CA ASN D 92 16.28 42.63 -12.57
C ASN D 92 14.89 43.27 -12.52
N ASN D 93 14.57 44.07 -13.53
CA ASN D 93 13.25 44.66 -13.72
C ASN D 93 12.87 44.63 -15.20
N TRP D 94 11.65 44.16 -15.49
CA TRP D 94 11.26 43.72 -16.82
C TRP D 94 12.30 42.77 -17.43
N TRP D 95 12.41 42.67 -18.74
CA TRP D 95 13.53 42.04 -19.42
C TRP D 95 13.97 42.94 -20.56
N THR D 96 15.27 43.13 -20.72
CA THR D 96 15.82 43.88 -21.87
C THR D 96 17.17 43.33 -22.26
N PHE D 97 17.50 43.46 -23.53
CA PHE D 97 18.70 42.89 -24.13
C PHE D 97 19.64 44.01 -24.60
N GLY D 98 20.94 43.71 -24.63
CA GLY D 98 21.89 44.56 -25.34
C GLY D 98 21.70 44.51 -26.86
N GLN D 99 22.36 45.42 -27.59
CA GLN D 99 22.37 45.43 -29.05
C GLN D 99 23.12 44.24 -29.67
N GLY D 100 23.68 43.34 -28.87
CA GLY D 100 24.53 42.24 -29.31
C GLY D 100 25.94 42.70 -29.72
N THR D 101 26.88 41.76 -29.70
CA THR D 101 28.26 41.96 -30.11
C THR D 101 28.67 40.82 -31.01
N ARG D 102 29.39 41.11 -32.10
CA ARG D 102 29.98 40.11 -32.98
C ARG D 102 31.47 39.96 -32.70
N VAL D 103 31.98 38.73 -32.63
CA VAL D 103 33.43 38.47 -32.58
C VAL D 103 33.87 37.98 -33.95
N ASP D 104 34.87 38.60 -34.56
CA ASP D 104 35.37 38.20 -35.89
C ASP D 104 36.91 38.25 -36.00
N ILE D 105 37.43 37.74 -37.12
CA ILE D 105 38.85 37.42 -37.27
C ILE D 105 39.76 38.64 -37.02
N GLU E 1 13.71 0.75 58.29
CA GLU E 1 14.59 1.94 58.26
C GLU E 1 15.66 1.86 57.17
N ASN E 2 16.22 3.02 56.77
CA ASN E 2 17.29 3.15 55.77
C ASN E 2 16.94 2.54 54.41
N LEU E 3 15.93 3.10 53.74
CA LEU E 3 15.42 2.62 52.46
C LEU E 3 15.55 3.65 51.34
N TRP E 4 15.81 3.16 50.13
CA TRP E 4 16.02 3.98 48.95
C TRP E 4 15.33 3.34 47.74
N VAL E 5 15.05 4.16 46.73
CA VAL E 5 14.45 3.72 45.47
C VAL E 5 15.38 2.75 44.76
N THR E 6 14.81 1.75 44.10
CA THR E 6 15.51 0.99 43.09
C THR E 6 14.58 0.69 41.93
N VAL E 7 15.17 0.55 40.74
CA VAL E 7 14.47 0.13 39.53
C VAL E 7 14.81 -1.32 39.23
N TYR E 8 13.78 -2.10 38.91
CA TYR E 8 13.91 -3.43 38.36
C TYR E 8 13.39 -3.40 36.93
N TYR E 9 14.18 -3.83 35.96
CA TYR E 9 13.71 -4.01 34.61
C TYR E 9 13.14 -5.40 34.38
N GLY E 10 12.28 -5.57 33.38
CA GLY E 10 11.69 -6.87 33.04
C GLY E 10 10.68 -7.40 34.06
N VAL E 11 10.18 -6.59 34.99
CA VAL E 11 9.24 -7.08 36.02
C VAL E 11 7.98 -7.61 35.35
N PRO E 12 7.52 -8.83 35.69
CA PRO E 12 6.30 -9.38 35.13
C PRO E 12 5.07 -8.69 35.73
N VAL E 13 4.55 -7.68 35.03
CA VAL E 13 3.31 -6.98 35.37
C VAL E 13 2.67 -6.45 34.08
N TRP E 14 1.34 -6.31 34.06
CA TRP E 14 0.60 -6.01 32.84
C TRP E 14 -0.65 -5.15 33.06
N LYS E 15 -1.14 -4.54 31.98
CA LYS E 15 -2.47 -3.90 31.91
C LYS E 15 -3.17 -4.25 30.60
N GLU E 16 -4.49 -4.16 30.59
CA GLU E 16 -5.30 -4.41 29.41
C GLU E 16 -5.16 -3.27 28.40
N ALA E 17 -5.14 -3.59 27.11
CA ALA E 17 -5.08 -2.59 26.05
C ALA E 17 -5.63 -3.14 24.73
N LYS E 18 -6.15 -2.26 23.89
CA LYS E 18 -6.36 -2.56 22.47
C LYS E 18 -4.99 -2.68 21.79
N THR E 19 -4.77 -3.72 21.00
CA THR E 19 -3.51 -3.89 20.25
C THR E 19 -3.73 -4.71 18.99
N THR E 20 -2.96 -4.47 17.93
CA THR E 20 -3.12 -5.14 16.63
C THR E 20 -2.55 -6.54 16.67
N LEU E 21 -3.37 -7.58 16.75
CA LEU E 21 -2.88 -8.96 16.71
C LEU E 21 -2.41 -9.39 15.31
N PHE E 22 -1.47 -10.34 15.24
CA PHE E 22 -1.12 -11.02 14.00
C PHE E 22 -2.18 -12.06 13.63
N CYS E 23 -2.54 -12.10 12.35
CA CYS E 23 -3.10 -13.29 11.72
C CYS E 23 -2.01 -14.37 11.63
N ALA E 24 -2.26 -15.58 12.12
CA ALA E 24 -1.38 -16.73 11.96
C ALA E 24 -2.12 -17.96 11.40
N SER E 25 -1.39 -18.83 10.72
CA SER E 25 -1.95 -19.99 10.01
C SER E 25 -0.94 -21.13 9.95
N ASP E 26 -1.43 -22.35 9.74
CA ASP E 26 -0.63 -23.36 9.04
C ASP E 26 -0.03 -22.76 7.75
N ALA E 27 1.25 -23.01 7.48
CA ALA E 27 2.09 -22.14 6.65
C ALA E 27 1.70 -22.06 5.15
N LYS E 28 0.96 -23.06 4.65
CA LYS E 28 0.32 -23.08 3.34
C LYS E 28 -0.87 -24.03 3.44
N ALA E 29 -2.11 -23.55 3.26
CA ALA E 29 -3.33 -24.34 3.50
C ALA E 29 -3.26 -25.20 4.80
N TYR E 30 -3.76 -26.43 4.77
CA TYR E 30 -3.59 -27.44 5.84
C TYR E 30 -2.16 -28.04 5.89
N GLU E 31 -1.12 -27.23 5.68
CA GLU E 31 0.25 -27.64 5.33
C GLU E 31 0.37 -28.32 3.94
N LYS E 32 -0.33 -27.78 2.94
CA LYS E 32 -0.47 -28.28 1.55
C LYS E 32 -0.49 -27.12 0.54
N GLU E 33 -0.22 -27.41 -0.74
CA GLU E 33 -0.14 -26.40 -1.81
C GLU E 33 -1.51 -26.02 -2.43
N VAL E 34 -2.63 -26.45 -1.85
CA VAL E 34 -3.98 -26.16 -2.38
C VAL E 34 -4.36 -24.67 -2.26
N HIS E 35 -5.26 -24.21 -3.12
CA HIS E 35 -5.74 -22.82 -3.15
C HIS E 35 -7.00 -22.68 -2.27
N ASN E 36 -6.92 -22.00 -1.11
CA ASN E 36 -8.01 -21.85 -0.14
C ASN E 36 -8.15 -20.38 0.29
N ILE E 37 -9.38 -19.89 0.44
CA ILE E 37 -9.69 -18.45 0.51
C ILE E 37 -9.13 -17.75 1.75
N TRP E 38 -8.84 -18.48 2.83
CA TRP E 38 -8.07 -17.99 3.98
C TRP E 38 -6.54 -18.11 3.76
N ALA E 39 -5.95 -19.27 4.07
CA ALA E 39 -4.51 -19.40 4.26
C ALA E 39 -3.63 -19.16 3.03
N THR E 40 -4.17 -19.23 1.80
CA THR E 40 -3.38 -18.92 0.59
C THR E 40 -3.04 -17.41 0.50
N HIS E 41 -3.81 -16.54 1.17
CA HIS E 41 -3.50 -15.12 1.25
C HIS E 41 -2.75 -14.79 2.56
N ALA E 42 -1.42 -14.79 2.50
CA ALA E 42 -0.52 -14.37 3.58
C ALA E 42 -0.78 -15.09 4.92
N CYS E 43 -0.94 -14.35 6.02
CA CYS E 43 -1.20 -14.88 7.37
C CYS E 43 -0.10 -15.80 7.95
N VAL E 44 1.14 -15.66 7.47
CA VAL E 44 2.41 -16.09 8.10
C VAL E 44 2.54 -17.62 8.36
N PRO E 45 3.68 -18.15 8.85
CA PRO E 45 3.88 -19.59 9.00
C PRO E 45 3.31 -20.16 10.31
N THR E 46 3.24 -21.48 10.37
CA THR E 46 2.66 -22.30 11.44
C THR E 46 3.26 -22.03 12.82
N ASP E 47 2.41 -21.99 13.85
CA ASP E 47 2.80 -22.29 15.22
C ASP E 47 2.84 -23.83 15.39
N PRO E 48 4.01 -24.47 15.55
CA PRO E 48 4.10 -25.93 15.64
C PRO E 48 3.39 -26.49 16.88
N ASN E 49 3.44 -25.77 18.00
CA ASN E 49 2.76 -26.11 19.25
C ASN E 49 2.78 -24.87 20.20
N PRO E 50 1.62 -24.31 20.61
CA PRO E 50 1.59 -23.18 21.52
C PRO E 50 2.21 -23.52 22.88
N GLN E 51 3.21 -22.74 23.29
CA GLN E 51 4.03 -22.98 24.48
C GLN E 51 3.33 -22.56 25.78
N GLU E 52 2.12 -23.07 26.04
CA GLU E 52 1.29 -22.66 27.17
C GLU E 52 2.02 -22.75 28.52
N MET E 53 2.04 -21.66 29.28
CA MET E 53 2.51 -21.65 30.66
C MET E 53 1.36 -21.36 31.62
N VAL E 54 1.11 -22.26 32.58
CA VAL E 54 0.09 -22.07 33.61
C VAL E 54 0.64 -21.16 34.72
N LEU E 55 -0.06 -20.09 35.04
CA LEU E 55 0.36 -19.16 36.07
C LEU E 55 -0.04 -19.66 37.46
N LYS E 56 0.91 -19.79 38.38
CA LYS E 56 0.62 -20.05 39.79
C LYS E 56 -0.11 -18.85 40.42
N ASN E 57 -1.14 -19.13 41.21
CA ASN E 57 -1.71 -18.17 42.17
C ASN E 57 -2.11 -16.80 41.54
N VAL E 58 -2.63 -16.81 40.31
CA VAL E 58 -3.18 -15.62 39.64
C VAL E 58 -4.69 -15.64 39.68
N THR E 59 -5.29 -14.53 40.14
CA THR E 59 -6.71 -14.23 39.95
C THR E 59 -6.83 -13.06 39.00
N GLU E 60 -7.56 -13.20 37.90
CA GLU E 60 -7.60 -12.18 36.86
C GLU E 60 -8.97 -12.09 36.17
N ASN E 61 -9.39 -10.88 35.79
CA ASN E 61 -10.70 -10.64 35.18
C ASN E 61 -10.73 -10.88 33.68
N PHE E 62 -11.87 -11.32 33.17
CA PHE E 62 -12.15 -11.49 31.74
C PHE E 62 -13.55 -10.97 31.43
N ASN E 63 -13.74 -10.44 30.24
CA ASN E 63 -15.02 -9.91 29.79
C ASN E 63 -15.16 -10.16 28.29
N MET E 64 -15.89 -11.21 27.94
CA MET E 64 -16.03 -11.61 26.54
C MET E 64 -16.91 -10.66 25.72
N TRP E 65 -17.83 -9.93 26.35
CA TRP E 65 -18.69 -8.97 25.63
C TRP E 65 -17.95 -7.71 25.23
N LYS E 66 -17.17 -7.14 26.14
CA LYS E 66 -16.43 -5.88 25.94
C LYS E 66 -15.06 -6.08 25.27
N ASN E 67 -14.81 -7.27 24.75
CA ASN E 67 -13.50 -7.76 24.32
C ASN E 67 -12.85 -6.93 23.19
N ASP E 68 -11.52 -6.77 23.25
CA ASP E 68 -10.76 -5.89 22.37
C ASP E 68 -10.30 -6.52 21.05
N MET E 69 -10.45 -7.83 20.86
CA MET E 69 -9.96 -8.56 19.67
C MET E 69 -11.06 -9.11 18.77
N VAL E 70 -12.29 -9.30 19.24
CA VAL E 70 -13.39 -9.77 18.39
C VAL E 70 -13.56 -8.86 17.17
N ASP E 71 -13.48 -7.54 17.35
CA ASP E 71 -13.54 -6.60 16.23
C ASP E 71 -12.45 -6.88 15.19
N GLN E 72 -11.25 -7.23 15.63
CA GLN E 72 -10.15 -7.50 14.72
C GLN E 72 -10.40 -8.78 13.93
N MET E 73 -10.98 -9.80 14.58
CA MET E 73 -11.39 -11.01 13.87
C MET E 73 -12.39 -10.67 12.76
N HIS E 74 -13.40 -9.86 13.08
CA HIS E 74 -14.42 -9.45 12.12
C HIS E 74 -13.81 -8.69 10.94
N GLU E 75 -12.95 -7.72 11.21
CA GLU E 75 -12.26 -6.98 10.15
C GLU E 75 -11.35 -7.88 9.33
N ASP E 76 -10.57 -8.76 9.95
CA ASP E 76 -9.63 -9.60 9.23
C ASP E 76 -10.33 -10.59 8.30
N VAL E 77 -11.38 -11.25 8.75
CA VAL E 77 -12.14 -12.16 7.88
C VAL E 77 -12.70 -11.39 6.68
N ILE E 78 -13.30 -10.22 6.92
CA ILE E 78 -13.78 -9.37 5.84
C ILE E 78 -12.64 -9.02 4.89
N SER E 79 -11.49 -8.62 5.42
CA SER E 79 -10.35 -8.26 4.61
C SER E 79 -9.93 -9.41 3.70
N LEU E 80 -9.79 -10.64 4.21
CA LEU E 80 -9.44 -11.78 3.37
C LEU E 80 -10.50 -12.02 2.30
N TRP E 81 -11.78 -11.93 2.63
CA TRP E 81 -12.84 -12.06 1.65
C TRP E 81 -12.78 -10.96 0.58
N ASP E 82 -12.52 -9.72 0.96
CA ASP E 82 -12.37 -8.64 -0.02
C ASP E 82 -11.16 -8.88 -0.93
N GLN E 83 -9.99 -9.13 -0.35
CA GLN E 83 -8.75 -9.33 -1.09
C GLN E 83 -8.82 -10.51 -2.05
N SER E 84 -9.55 -11.57 -1.68
CA SER E 84 -9.70 -12.74 -2.53
C SER E 84 -10.80 -12.59 -3.59
N LEU E 85 -11.90 -11.88 -3.33
CA LEU E 85 -12.93 -11.64 -4.34
C LEU E 85 -12.55 -10.57 -5.37
N LYS E 86 -11.79 -9.54 -4.98
CA LYS E 86 -11.46 -8.38 -5.84
C LYS E 86 -11.02 -8.73 -7.28
N PRO E 87 -10.13 -9.70 -7.55
CA PRO E 87 -9.74 -10.02 -8.93
C PRO E 87 -10.81 -10.73 -9.76
N CYS E 88 -11.83 -11.34 -9.16
CA CYS E 88 -12.82 -12.15 -9.89
C CYS E 88 -13.85 -11.30 -10.66
N VAL E 89 -14.52 -11.92 -11.63
CA VAL E 89 -15.37 -11.22 -12.60
C VAL E 89 -16.61 -10.58 -11.98
N LYS E 90 -16.84 -9.31 -12.28
CA LYS E 90 -18.07 -8.59 -11.96
C LYS E 90 -19.15 -8.96 -12.98
N LEU E 91 -20.29 -9.47 -12.51
CA LEU E 91 -21.39 -9.90 -13.38
C LEU E 91 -22.24 -8.74 -13.92
N THR E 92 -21.78 -7.48 -13.84
CA THR E 92 -22.55 -6.31 -14.26
C THR E 92 -23.19 -6.39 -15.67
N PRO E 93 -22.58 -6.94 -16.74
CA PRO E 93 -23.25 -7.04 -18.04
C PRO E 93 -24.48 -7.97 -18.05
N LEU E 94 -24.62 -8.85 -17.07
CA LEU E 94 -25.75 -9.76 -16.95
C LEU E 94 -27.03 -9.07 -16.48
N CYS E 95 -26.92 -7.91 -15.84
CA CYS E 95 -28.03 -7.26 -15.13
C CYS E 95 -28.98 -6.47 -16.04
N CYS E 96 -29.86 -7.15 -16.75
CA CYS E 96 -31.09 -6.57 -17.27
C CYS E 96 -32.21 -7.60 -17.33
N THR E 97 -33.47 -7.14 -17.43
CA THR E 97 -34.68 -7.95 -17.30
C THR E 97 -34.66 -9.21 -18.16
N LEU E 98 -34.98 -10.34 -17.53
CA LEU E 98 -35.01 -11.67 -18.12
C LEU E 98 -36.45 -12.09 -18.44
N ASN E 99 -36.67 -12.73 -19.59
CA ASN E 99 -37.87 -13.55 -19.79
C ASN E 99 -37.67 -14.87 -19.03
N CYS E 100 -38.71 -15.37 -18.36
CA CYS E 100 -38.63 -16.62 -17.61
C CYS E 100 -39.90 -17.48 -17.69
N THR E 101 -39.75 -18.76 -17.40
CA THR E 101 -40.76 -19.83 -17.54
C THR E 101 -40.51 -20.94 -16.52
N ASN E 102 -41.46 -21.85 -16.34
CA ASN E 102 -41.29 -22.98 -15.43
C ASN E 102 -40.12 -23.89 -15.87
N ALA E 103 -39.21 -24.20 -14.95
CA ALA E 103 -38.07 -25.09 -15.18
C ALA E 103 -38.48 -26.57 -15.06
N THR E 104 -37.77 -27.46 -15.76
CA THR E 104 -38.13 -28.87 -15.94
C THR E 104 -36.90 -29.76 -16.14
N ALA E 105 -37.07 -31.07 -15.97
CA ALA E 105 -36.12 -32.11 -16.38
C ALA E 105 -36.87 -33.35 -16.90
N SER E 106 -36.17 -34.29 -17.52
CA SER E 106 -36.79 -35.55 -17.97
C SER E 106 -37.42 -36.30 -16.78
N ASN E 107 -38.67 -36.75 -16.93
CA ASN E 107 -39.52 -37.26 -15.84
C ASN E 107 -39.67 -36.30 -14.64
N SER E 108 -39.55 -34.99 -14.87
CA SER E 108 -39.88 -33.94 -13.90
C SER E 108 -40.41 -32.70 -14.63
N SER E 109 -41.69 -32.73 -14.98
CA SER E 109 -42.43 -31.66 -15.68
C SER E 109 -42.54 -30.34 -14.91
N ILE E 110 -41.98 -30.29 -13.71
CA ILE E 110 -41.64 -29.09 -12.95
C ILE E 110 -40.39 -29.39 -12.11
N ILE E 111 -39.57 -28.38 -11.82
CA ILE E 111 -38.74 -28.31 -10.60
C ILE E 111 -39.16 -27.06 -9.84
N GLU E 112 -39.68 -27.23 -8.63
CA GLU E 112 -40.64 -26.28 -8.07
C GLU E 112 -40.00 -25.02 -7.47
N GLY E 113 -38.84 -25.15 -6.83
CA GLY E 113 -38.13 -24.04 -6.18
C GLY E 113 -37.33 -23.15 -7.13
N MET E 114 -37.66 -23.16 -8.42
CA MET E 114 -36.75 -22.76 -9.48
C MET E 114 -37.50 -22.11 -10.66
N LYS E 115 -36.78 -21.33 -11.47
CA LYS E 115 -37.30 -20.75 -12.71
C LYS E 115 -36.27 -20.89 -13.82
N ASN E 116 -36.71 -21.18 -15.04
CA ASN E 116 -35.87 -21.14 -16.24
C ASN E 116 -35.95 -19.74 -16.84
N CYS E 117 -34.85 -19.20 -17.34
CA CYS E 117 -34.77 -17.82 -17.80
C CYS E 117 -33.83 -17.67 -19.00
N SER E 118 -34.05 -16.62 -19.78
CA SER E 118 -33.17 -16.24 -20.89
C SER E 118 -32.98 -14.73 -20.94
N PHE E 119 -31.80 -14.32 -21.41
CA PHE E 119 -31.28 -12.98 -21.21
C PHE E 119 -30.39 -12.51 -22.36
N ASN E 120 -30.34 -11.20 -22.54
CA ASN E 120 -29.46 -10.54 -23.50
C ASN E 120 -28.06 -10.38 -22.91
N ILE E 121 -27.02 -10.61 -23.71
CA ILE E 121 -25.60 -10.48 -23.35
C ILE E 121 -24.76 -10.18 -24.59
N THR E 122 -23.51 -9.73 -24.43
CA THR E 122 -22.51 -9.68 -25.51
C THR E 122 -21.36 -10.65 -25.24
N THR E 123 -21.16 -11.61 -26.16
CA THR E 123 -20.17 -12.70 -25.99
C THR E 123 -18.73 -12.21 -26.06
N GLU E 124 -18.48 -11.19 -26.88
CA GLU E 124 -17.23 -10.43 -26.98
C GLU E 124 -17.58 -8.93 -27.03
N LEU E 125 -16.75 -8.07 -26.44
CA LEU E 125 -17.11 -6.66 -26.27
C LEU E 125 -17.26 -5.94 -27.62
N ARG E 126 -18.33 -5.14 -27.75
CA ARG E 126 -18.79 -4.47 -28.99
C ARG E 126 -19.17 -5.39 -30.16
N CYS E 127 -19.16 -6.71 -29.99
CA CYS E 127 -19.86 -7.63 -30.90
C CYS E 127 -21.37 -7.63 -30.66
N LYS E 128 -22.12 -8.27 -31.56
CA LYS E 128 -23.59 -8.23 -31.60
C LYS E 128 -24.24 -8.74 -30.30
N ARG E 129 -25.39 -8.15 -29.93
CA ARG E 129 -26.33 -8.67 -28.91
C ARG E 129 -26.60 -10.16 -29.16
N GLU E 130 -26.62 -10.94 -28.11
CA GLU E 130 -26.82 -12.39 -28.17
C GLU E 130 -27.68 -12.89 -27.02
N LYS E 131 -28.42 -13.97 -27.23
CA LYS E 131 -29.34 -14.56 -26.26
C LYS E 131 -28.75 -15.85 -25.69
N LYS E 132 -28.77 -15.99 -24.37
CA LYS E 132 -28.37 -17.20 -23.63
C LYS E 132 -29.41 -17.52 -22.56
N ASN E 133 -29.38 -18.74 -22.02
CA ASN E 133 -30.38 -19.21 -21.07
C ASN E 133 -29.78 -20.06 -19.95
N ALA E 134 -30.44 -20.06 -18.79
CA ALA E 134 -30.03 -20.71 -17.56
C ALA E 134 -31.25 -20.84 -16.63
N LEU E 135 -31.14 -21.64 -15.57
CA LEU E 135 -32.16 -21.68 -14.52
C LEU E 135 -31.60 -21.23 -13.17
N PHE E 136 -32.45 -20.65 -12.33
CA PHE E 136 -32.06 -20.05 -11.05
C PHE E 136 -32.99 -20.54 -9.95
N TYR E 137 -32.45 -20.80 -8.75
CA TYR E 137 -33.30 -20.99 -7.58
C TYR E 137 -34.12 -19.72 -7.35
N LYS E 138 -35.42 -19.83 -7.07
CA LYS E 138 -36.33 -18.67 -7.16
C LYS E 138 -35.94 -17.53 -6.23
N LEU E 139 -35.34 -17.85 -5.08
CA LEU E 139 -34.89 -16.87 -4.10
C LEU E 139 -33.80 -15.91 -4.61
N ASP E 140 -33.08 -16.24 -5.69
CA ASP E 140 -32.10 -15.34 -6.33
C ASP E 140 -32.76 -14.21 -7.16
N ILE E 141 -34.08 -14.24 -7.33
CA ILE E 141 -34.77 -13.52 -8.39
C ILE E 141 -35.93 -12.68 -7.83
N VAL E 142 -36.20 -11.52 -8.42
CA VAL E 142 -37.43 -10.73 -8.18
C VAL E 142 -38.24 -10.59 -9.46
N GLN E 143 -39.57 -10.57 -9.33
CA GLN E 143 -40.49 -10.41 -10.45
C GLN E 143 -40.91 -8.95 -10.55
N LEU E 144 -40.75 -8.34 -11.72
CA LEU E 144 -41.19 -6.97 -11.96
C LEU E 144 -42.72 -6.90 -12.03
N ASP E 145 -43.27 -5.69 -11.95
CA ASP E 145 -44.68 -5.43 -11.68
C ASP E 145 -45.68 -6.06 -12.68
N GLY E 146 -46.87 -6.41 -12.17
CA GLY E 146 -47.97 -7.02 -12.91
C GLY E 146 -47.89 -8.56 -12.95
N ASN E 147 -48.76 -9.18 -13.77
CA ASN E 147 -48.77 -10.63 -13.99
C ASN E 147 -47.43 -11.15 -14.56
N SER E 148 -46.78 -10.31 -15.39
CA SER E 148 -45.34 -10.22 -15.62
C SER E 148 -44.57 -11.50 -15.93
N SER E 149 -44.15 -11.65 -17.17
CA SER E 149 -43.08 -12.58 -17.57
C SER E 149 -41.67 -12.09 -17.20
N GLN E 150 -41.53 -10.93 -16.56
CA GLN E 150 -40.27 -10.20 -16.43
C GLN E 150 -39.66 -10.30 -15.04
N TYR E 151 -38.38 -10.65 -14.97
CA TYR E 151 -37.66 -10.87 -13.72
C TYR E 151 -36.26 -10.26 -13.75
N ARG E 152 -35.64 -10.06 -12.58
CA ARG E 152 -34.25 -9.56 -12.45
C ARG E 152 -33.54 -10.20 -11.26
N LEU E 153 -32.21 -10.25 -11.28
CA LEU E 153 -31.41 -10.76 -10.16
C LEU E 153 -31.61 -9.90 -8.92
N ILE E 154 -31.82 -10.50 -7.76
CA ILE E 154 -32.30 -9.83 -6.55
C ILE E 154 -31.44 -8.67 -6.05
N ASN E 155 -30.13 -8.71 -6.30
CA ASN E 155 -29.21 -7.69 -5.82
C ASN E 155 -28.62 -6.76 -6.90
N CYS E 156 -28.63 -7.12 -8.19
CA CYS E 156 -27.90 -6.32 -9.19
C CYS E 156 -28.53 -4.93 -9.43
N ASP E 157 -29.79 -4.77 -9.00
CA ASP E 157 -30.41 -3.48 -8.76
C ASP E 157 -29.58 -2.60 -7.82
N THR E 158 -29.36 -3.06 -6.59
CA THR E 158 -28.84 -2.25 -5.50
C THR E 158 -27.32 -2.20 -5.43
N SER E 159 -26.64 -3.18 -6.00
CA SER E 159 -25.26 -3.52 -5.64
C SER E 159 -24.51 -4.19 -6.79
N VAL E 160 -23.17 -4.09 -6.78
CA VAL E 160 -22.35 -4.88 -7.70
C VAL E 160 -22.32 -6.35 -7.26
N ILE E 161 -22.40 -7.27 -8.21
CA ILE E 161 -22.29 -8.71 -7.94
C ILE E 161 -20.94 -9.21 -8.46
N THR E 162 -20.17 -9.91 -7.64
CA THR E 162 -18.98 -10.63 -8.09
C THR E 162 -19.21 -12.13 -8.06
N GLN E 163 -18.88 -12.83 -9.14
CA GLN E 163 -18.80 -14.29 -9.12
C GLN E 163 -17.53 -14.70 -8.37
N VAL E 164 -17.63 -15.55 -7.35
CA VAL E 164 -16.42 -16.12 -6.75
C VAL E 164 -15.75 -17.08 -7.76
N CYS E 165 -14.45 -16.93 -8.00
CA CYS E 165 -13.72 -17.74 -8.97
C CYS E 165 -13.74 -19.23 -8.57
N PRO E 166 -14.11 -20.17 -9.48
CA PRO E 166 -14.17 -21.60 -9.14
C PRO E 166 -12.85 -22.23 -8.69
N LYS E 167 -11.72 -21.55 -8.92
CA LYS E 167 -10.39 -21.95 -8.44
C LYS E 167 -10.32 -22.03 -6.90
N LEU E 168 -11.07 -21.20 -6.19
CA LEU E 168 -11.03 -21.06 -4.73
C LEU E 168 -11.84 -22.16 -4.03
N SER E 169 -11.71 -22.25 -2.71
CA SER E 169 -12.66 -23.00 -1.86
C SER E 169 -13.13 -22.16 -0.67
N PHE E 170 -14.42 -22.28 -0.38
CA PHE E 170 -15.08 -21.75 0.81
C PHE E 170 -14.69 -22.47 2.11
N ASP E 171 -13.93 -23.57 2.06
CA ASP E 171 -13.62 -24.34 3.26
C ASP E 171 -12.95 -23.47 4.33
N PRO E 172 -13.34 -23.57 5.60
CA PRO E 172 -12.58 -22.98 6.69
C PRO E 172 -11.23 -23.70 6.84
N ILE E 173 -10.28 -23.00 7.45
CA ILE E 173 -9.00 -23.55 7.91
C ILE E 173 -8.79 -23.08 9.35
N PRO E 174 -8.06 -23.83 10.19
CA PRO E 174 -7.84 -23.42 11.58
C PRO E 174 -6.85 -22.25 11.67
N ILE E 175 -7.38 -21.02 11.66
CA ILE E 175 -6.61 -19.78 11.88
C ILE E 175 -6.17 -19.70 13.33
N HIS E 176 -5.01 -19.10 13.59
CA HIS E 176 -4.53 -18.78 14.94
C HIS E 176 -4.34 -17.26 15.06
N TYR E 177 -4.50 -16.71 16.24
CA TYR E 177 -4.17 -15.31 16.53
C TYR E 177 -2.98 -15.22 17.47
N CYS E 178 -2.02 -14.34 17.21
CA CYS E 178 -0.78 -14.22 17.97
C CYS E 178 -0.45 -12.79 18.39
N ALA E 179 0.15 -12.64 19.56
CA ALA E 179 0.55 -11.34 20.08
C ALA E 179 1.80 -10.80 19.37
N PRO E 180 1.87 -9.50 19.05
CA PRO E 180 3.14 -8.85 18.75
C PRO E 180 4.01 -8.80 20.00
N ALA E 181 5.32 -8.63 19.81
CA ALA E 181 6.26 -8.62 20.91
C ALA E 181 5.91 -7.59 22.00
N GLY E 182 5.94 -8.00 23.27
CA GLY E 182 5.60 -7.15 24.42
C GLY E 182 4.13 -7.15 24.81
N TYR E 183 3.24 -7.62 23.95
CA TYR E 183 1.90 -8.03 24.34
C TYR E 183 1.89 -9.52 24.71
N ALA E 184 0.87 -9.96 25.46
CA ALA E 184 0.70 -11.35 25.84
C ALA E 184 -0.79 -11.71 25.85
N ILE E 185 -1.11 -12.98 25.58
CA ILE E 185 -2.48 -13.49 25.54
C ILE E 185 -2.71 -14.43 26.70
N LEU E 186 -3.81 -14.23 27.44
CA LEU E 186 -4.22 -15.01 28.60
C LEU E 186 -5.45 -15.85 28.26
N LYS E 187 -5.53 -17.14 28.65
CA LYS E 187 -6.63 -18.05 28.24
C LYS E 187 -7.87 -18.17 29.14
N CYS E 188 -7.75 -18.00 30.45
CA CYS E 188 -8.75 -18.46 31.45
C CYS E 188 -9.18 -19.94 31.27
N ASN E 189 -8.56 -20.86 32.02
CA ASN E 189 -8.78 -22.29 31.90
C ASN E 189 -9.89 -22.86 32.79
N ASN E 190 -10.60 -22.06 33.60
CA ASN E 190 -11.68 -22.60 34.46
C ASN E 190 -12.79 -23.22 33.59
N LYS E 191 -13.00 -24.53 33.75
CA LYS E 191 -13.87 -25.36 32.90
C LYS E 191 -15.35 -25.04 33.01
N THR E 192 -15.75 -24.11 33.87
CA THR E 192 -17.14 -23.68 34.07
C THR E 192 -17.39 -22.23 33.65
N PHE E 193 -16.43 -21.58 32.99
CA PHE E 193 -16.44 -20.12 32.82
C PHE E 193 -17.58 -19.56 31.96
N THR E 194 -18.37 -18.68 32.56
CA THR E 194 -19.56 -18.05 31.96
C THR E 194 -19.26 -16.87 31.06
N GLY E 195 -18.00 -16.46 30.89
CA GLY E 195 -17.62 -15.38 29.98
C GLY E 195 -17.45 -13.99 30.61
N THR E 196 -17.68 -13.84 31.92
CA THR E 196 -17.49 -12.56 32.61
C THR E 196 -17.06 -12.75 34.07
N GLY E 197 -16.35 -11.77 34.64
CA GLY E 197 -15.86 -11.80 36.01
C GLY E 197 -14.44 -12.39 36.17
N PRO E 198 -14.05 -12.79 37.38
CA PRO E 198 -12.73 -13.34 37.64
C PRO E 198 -12.58 -14.79 37.19
N CYS E 199 -11.35 -15.17 36.84
CA CYS E 199 -10.87 -16.55 36.69
C CYS E 199 -9.76 -16.83 37.69
N ASN E 200 -9.65 -18.07 38.16
CA ASN E 200 -8.68 -18.50 39.18
C ASN E 200 -7.66 -19.55 38.69
N ASN E 201 -7.72 -19.95 37.42
CA ASN E 201 -6.79 -20.86 36.78
C ASN E 201 -6.50 -20.28 35.40
N VAL E 202 -5.32 -19.69 35.25
CA VAL E 202 -4.98 -18.81 34.11
C VAL E 202 -3.66 -19.25 33.50
N SER E 203 -3.54 -19.16 32.19
CA SER E 203 -2.31 -19.49 31.48
C SER E 203 -2.07 -18.52 30.34
N THR E 204 -0.82 -18.42 29.90
CA THR E 204 -0.40 -17.52 28.84
C THR E 204 0.17 -18.28 27.67
N VAL E 205 0.02 -17.70 26.49
CA VAL E 205 0.46 -18.27 25.21
C VAL E 205 0.91 -17.16 24.29
N GLN E 206 1.82 -17.46 23.36
CA GLN E 206 2.12 -16.54 22.25
C GLN E 206 0.99 -16.51 21.21
N CYS E 207 0.17 -17.56 21.13
CA CYS E 207 -0.92 -17.70 20.17
C CYS E 207 -2.12 -18.48 20.70
N THR E 208 -3.32 -18.20 20.19
CA THR E 208 -4.54 -18.98 20.45
C THR E 208 -4.43 -20.40 19.91
N HIS E 209 -5.31 -21.31 20.36
CA HIS E 209 -5.60 -22.52 19.57
C HIS E 209 -6.20 -22.15 18.22
N GLY E 210 -6.36 -23.12 17.32
CA GLY E 210 -7.02 -22.90 16.04
C GLY E 210 -8.47 -22.47 16.21
N ILE E 211 -8.96 -21.58 15.35
CA ILE E 211 -10.36 -21.22 15.20
C ILE E 211 -10.72 -21.42 13.73
N LYS E 212 -11.90 -21.99 13.45
CA LYS E 212 -12.39 -22.19 12.10
C LYS E 212 -13.38 -21.08 11.78
N PRO E 213 -13.13 -20.21 10.79
CA PRO E 213 -14.01 -19.08 10.45
C PRO E 213 -15.33 -19.48 9.77
N VAL E 214 -16.10 -20.40 10.36
CA VAL E 214 -17.34 -20.91 9.77
C VAL E 214 -18.42 -19.83 9.71
N LEU E 215 -18.89 -19.47 8.53
CA LEU E 215 -20.09 -18.67 8.36
C LEU E 215 -21.30 -19.55 8.70
N SER E 216 -22.05 -19.20 9.75
CA SER E 216 -23.34 -19.84 10.02
C SER E 216 -24.24 -18.95 10.87
N THR E 217 -25.52 -19.28 10.91
CA THR E 217 -26.55 -18.54 11.64
C THR E 217 -27.50 -19.53 12.30
N GLN E 218 -28.18 -19.14 13.38
CA GLN E 218 -28.89 -20.04 14.31
C GLN E 218 -28.01 -21.05 15.03
N LEU E 219 -27.24 -21.87 14.31
CA LEU E 219 -26.46 -22.98 14.87
C LEU E 219 -24.96 -22.75 14.71
N LEU E 220 -24.23 -22.76 15.82
CA LEU E 220 -22.77 -22.81 15.83
C LEU E 220 -22.33 -24.22 15.47
N LEU E 221 -21.48 -24.36 14.46
CA LEU E 221 -21.09 -25.69 13.97
C LEU E 221 -19.61 -25.80 13.59
N ASN E 222 -19.09 -27.02 13.67
CA ASN E 222 -17.66 -27.36 13.58
C ASN E 222 -16.78 -26.53 14.55
N GLY E 223 -17.35 -26.05 15.66
CA GLY E 223 -16.64 -25.32 16.71
C GLY E 223 -16.03 -26.22 17.78
N SER E 224 -15.52 -25.64 18.85
CA SER E 224 -15.13 -26.33 20.09
C SER E 224 -16.35 -26.80 20.91
N LEU E 225 -16.11 -27.60 21.95
CA LEU E 225 -17.11 -28.00 22.94
C LEU E 225 -16.72 -27.52 24.34
N ALA E 226 -17.70 -27.21 25.18
CA ALA E 226 -17.48 -26.83 26.57
C ALA E 226 -16.95 -28.00 27.41
N GLU E 227 -16.08 -27.73 28.37
CA GLU E 227 -15.42 -28.74 29.19
C GLU E 227 -16.30 -29.33 30.31
N GLY E 228 -17.25 -28.55 30.84
CA GLY E 228 -18.17 -28.97 31.92
C GLY E 228 -19.42 -29.69 31.40
N GLU E 229 -20.55 -29.52 32.08
CA GLU E 229 -21.87 -29.62 31.42
C GLU E 229 -22.18 -28.30 30.69
N ILE E 230 -23.26 -28.27 29.90
CA ILE E 230 -23.59 -27.16 28.97
C ILE E 230 -23.46 -25.79 29.66
N ILE E 231 -22.78 -24.86 28.98
CA ILE E 231 -22.58 -23.49 29.47
C ILE E 231 -23.48 -22.54 28.70
N ILE E 232 -24.15 -21.64 29.41
CA ILE E 232 -24.97 -20.58 28.82
C ILE E 232 -24.29 -19.25 29.10
N ARG E 233 -23.89 -18.52 28.06
CA ARG E 233 -23.23 -17.21 28.17
C ARG E 233 -24.17 -16.11 27.72
N SER E 234 -24.28 -15.07 28.52
CA SER E 234 -25.05 -13.87 28.20
C SER E 234 -24.32 -12.64 28.69
N GLU E 235 -24.67 -11.48 28.17
CA GLU E 235 -24.36 -10.24 28.87
C GLU E 235 -25.15 -10.19 30.18
N ASN E 236 -24.73 -9.38 31.13
CA ASN E 236 -25.44 -9.14 32.39
C ASN E 236 -25.46 -7.67 32.80
N ILE E 237 -25.57 -6.74 31.85
CA ILE E 237 -25.94 -5.35 32.18
C ILE E 237 -27.42 -5.29 32.54
N THR E 238 -28.26 -6.01 31.78
CA THR E 238 -29.74 -6.00 31.86
C THR E 238 -30.29 -7.36 31.48
N LYS E 239 -31.53 -7.68 31.88
CA LYS E 239 -32.23 -8.88 31.39
C LYS E 239 -32.45 -8.84 29.88
N ASN E 240 -32.61 -7.64 29.31
CA ASN E 240 -32.58 -7.43 27.87
C ASN E 240 -31.20 -7.77 27.31
N VAL E 241 -31.11 -8.63 26.30
CA VAL E 241 -29.84 -9.03 25.66
C VAL E 241 -30.03 -9.22 24.17
N LYS E 242 -29.00 -8.92 23.38
CA LYS E 242 -29.08 -9.08 21.92
C LYS E 242 -29.05 -10.55 21.53
N THR E 243 -28.18 -11.32 22.17
CA THR E 243 -27.98 -12.74 21.91
C THR E 243 -27.70 -13.47 23.22
N ILE E 244 -28.07 -14.74 23.31
CA ILE E 244 -27.55 -15.68 24.29
C ILE E 244 -26.80 -16.74 23.51
N ILE E 245 -25.60 -17.09 23.96
CA ILE E 245 -24.81 -18.17 23.36
C ILE E 245 -24.96 -19.37 24.25
N VAL E 246 -25.38 -20.49 23.70
CA VAL E 246 -25.42 -21.77 24.41
C VAL E 246 -24.31 -22.63 23.84
N HIS E 247 -23.40 -23.11 24.67
CA HIS E 247 -22.22 -23.86 24.26
C HIS E 247 -22.29 -25.28 24.82
N LEU E 248 -22.35 -26.27 23.94
CA LEU E 248 -22.61 -27.67 24.29
C LEU E 248 -21.34 -28.40 24.75
N ASN E 249 -21.48 -29.36 25.66
CA ASN E 249 -20.37 -30.26 26.02
C ASN E 249 -20.34 -31.55 25.19
N GLU E 250 -21.20 -31.67 24.19
CA GLU E 250 -21.40 -32.87 23.38
C GLU E 250 -21.88 -32.45 22.00
N SER E 251 -21.13 -32.78 20.94
CA SER E 251 -21.56 -32.44 19.59
C SER E 251 -22.78 -33.27 19.18
N VAL E 252 -23.72 -32.64 18.48
CA VAL E 252 -24.82 -33.33 17.80
C VAL E 252 -24.52 -33.35 16.31
N LYS E 253 -24.48 -34.52 15.69
CA LYS E 253 -24.20 -34.62 14.26
C LYS E 253 -25.37 -34.07 13.46
N ILE E 254 -25.09 -33.34 12.40
CA ILE E 254 -26.03 -33.02 11.33
C ILE E 254 -25.42 -33.43 10.00
N GLU E 255 -26.24 -34.03 9.15
CA GLU E 255 -25.86 -34.44 7.79
C GLU E 255 -26.76 -33.76 6.79
N CYS E 256 -26.26 -33.40 5.62
CA CYS E 256 -26.98 -32.64 4.60
C CYS E 256 -26.61 -33.10 3.19
N THR E 257 -27.50 -32.89 2.23
CA THR E 257 -27.22 -33.20 0.82
C THR E 257 -27.96 -32.32 -0.16
N ARG E 258 -27.33 -32.08 -1.30
CA ARG E 258 -27.91 -31.57 -2.55
C ARG E 258 -27.85 -32.71 -3.58
N PRO E 259 -28.85 -33.60 -3.63
CA PRO E 259 -28.73 -34.87 -4.36
C PRO E 259 -28.90 -34.76 -5.88
N ASN E 260 -29.46 -33.65 -6.40
CA ASN E 260 -29.62 -33.46 -7.84
C ASN E 260 -28.27 -33.20 -8.52
N ASN E 261 -28.06 -33.73 -9.73
CA ASN E 261 -26.88 -33.42 -10.54
C ASN E 261 -27.01 -32.05 -11.23
N LYS E 262 -25.95 -31.24 -11.19
CA LYS E 262 -25.87 -29.93 -11.85
C LYS E 262 -25.03 -29.98 -13.11
N THR E 263 -25.58 -29.51 -14.23
CA THR E 263 -24.82 -29.27 -15.47
C THR E 263 -24.29 -27.84 -15.45
N ARG E 264 -23.01 -27.65 -15.11
CA ARG E 264 -22.34 -26.34 -15.28
C ARG E 264 -22.28 -25.99 -16.76
N THR E 265 -22.53 -24.73 -17.10
CA THR E 265 -22.28 -24.20 -18.45
C THR E 265 -21.43 -22.93 -18.38
N SER E 266 -20.62 -22.65 -19.40
CA SER E 266 -19.75 -21.49 -19.44
C SER E 266 -20.27 -20.48 -20.47
N ILE E 267 -20.60 -19.28 -20.01
CA ILE E 267 -21.02 -18.15 -20.85
C ILE E 267 -19.92 -17.09 -20.79
N ARG E 268 -19.37 -16.68 -21.93
CA ARG E 268 -18.29 -15.69 -21.93
C ARG E 268 -18.77 -14.28 -21.60
N ILE E 269 -17.93 -13.52 -20.93
CA ILE E 269 -18.14 -12.10 -20.59
C ILE E 269 -17.09 -11.20 -21.23
N GLY E 270 -15.85 -11.67 -21.41
CA GLY E 270 -14.79 -10.82 -21.95
C GLY E 270 -13.44 -11.51 -22.03
N PRO E 271 -12.34 -10.75 -22.12
CA PRO E 271 -10.98 -11.30 -22.20
C PRO E 271 -10.66 -12.12 -20.94
N GLY E 272 -10.52 -13.43 -21.10
CA GLY E 272 -10.27 -14.36 -19.98
C GLY E 272 -11.40 -14.44 -18.93
N GLN E 273 -12.57 -13.87 -19.20
CA GLN E 273 -13.67 -13.78 -18.25
C GLN E 273 -14.86 -14.64 -18.69
N ALA E 274 -15.23 -15.61 -17.84
CA ALA E 274 -16.34 -16.52 -18.06
C ALA E 274 -17.26 -16.61 -16.84
N PHE E 275 -18.57 -16.60 -17.07
CA PHE E 275 -19.62 -16.68 -16.08
C PHE E 275 -20.23 -18.08 -16.10
N TYR E 276 -20.15 -18.76 -14.97
CA TYR E 276 -20.64 -20.12 -14.82
C TYR E 276 -22.11 -20.08 -14.44
N ALA E 277 -22.93 -19.86 -15.45
CA ALA E 277 -24.37 -19.96 -15.34
C ALA E 277 -24.79 -21.39 -14.99
N THR E 278 -25.97 -21.53 -14.37
CA THR E 278 -26.50 -22.83 -13.98
C THR E 278 -27.35 -23.41 -15.11
N GLY E 279 -26.80 -24.43 -15.77
CA GLY E 279 -27.46 -25.18 -16.85
C GLY E 279 -28.35 -26.32 -16.34
N GLN E 280 -28.73 -27.23 -17.24
CA GLN E 280 -29.76 -28.24 -17.00
C GLN E 280 -29.57 -29.05 -15.69
N VAL E 281 -30.64 -29.17 -14.91
CA VAL E 281 -30.69 -30.06 -13.73
C VAL E 281 -30.92 -31.50 -14.18
N ILE E 282 -30.18 -32.43 -13.59
CA ILE E 282 -30.15 -33.85 -13.98
C ILE E 282 -30.45 -34.74 -12.78
N GLY E 283 -31.06 -35.90 -13.03
CA GLY E 283 -31.40 -36.90 -12.02
C GLY E 283 -32.82 -36.74 -11.48
N ASP E 284 -33.23 -37.69 -10.64
CA ASP E 284 -34.55 -37.70 -10.03
C ASP E 284 -34.66 -36.57 -8.99
N ILE E 285 -35.49 -35.56 -9.27
CA ILE E 285 -35.47 -34.28 -8.56
C ILE E 285 -35.92 -34.41 -7.11
N ARG E 286 -35.15 -33.82 -6.20
CA ARG E 286 -35.46 -33.68 -4.77
C ARG E 286 -35.14 -32.27 -4.29
N GLU E 287 -35.67 -31.91 -3.13
CA GLU E 287 -35.18 -30.76 -2.34
C GLU E 287 -33.77 -31.03 -1.80
N ALA E 288 -33.04 -29.98 -1.43
CA ALA E 288 -31.96 -30.13 -0.46
C ALA E 288 -32.54 -30.40 0.93
N TYR E 289 -31.85 -31.19 1.75
CA TYR E 289 -32.34 -31.53 3.09
C TYR E 289 -31.21 -31.88 4.05
N CYS E 290 -31.53 -31.88 5.35
CA CYS E 290 -30.63 -32.30 6.41
C CYS E 290 -31.30 -33.21 7.44
N ASN E 291 -30.51 -34.06 8.10
CA ASN E 291 -30.95 -35.11 9.03
C ASN E 291 -30.24 -35.02 10.39
N ILE E 292 -30.95 -35.34 11.48
CA ILE E 292 -30.44 -35.31 12.86
C ILE E 292 -30.97 -36.48 13.70
N ASN E 293 -30.14 -37.04 14.60
CA ASN E 293 -30.56 -38.06 15.58
C ASN E 293 -31.53 -37.48 16.62
N GLU E 294 -32.81 -37.82 16.53
CA GLU E 294 -33.86 -37.18 17.32
C GLU E 294 -33.73 -37.42 18.82
N SER E 295 -33.19 -38.58 19.22
CA SER E 295 -32.83 -38.86 20.61
C SER E 295 -31.86 -37.80 21.14
N LYS E 296 -30.78 -37.56 20.40
CA LYS E 296 -29.74 -36.60 20.79
C LYS E 296 -30.28 -35.19 20.79
N TRP E 297 -31.13 -34.84 19.83
CA TRP E 297 -31.78 -33.53 19.82
C TRP E 297 -32.65 -33.34 21.07
N ASN E 298 -33.53 -34.29 21.38
CA ASN E 298 -34.38 -34.22 22.57
C ASN E 298 -33.55 -34.12 23.83
N GLU E 299 -32.52 -34.96 23.99
CA GLU E 299 -31.64 -34.86 25.15
C GLU E 299 -30.97 -33.49 25.21
N THR E 300 -30.50 -32.97 24.09
CA THR E 300 -29.82 -31.68 24.07
C THR E 300 -30.76 -30.58 24.53
N LEU E 301 -31.96 -30.47 23.96
CA LEU E 301 -32.88 -29.42 24.39
C LEU E 301 -33.36 -29.62 25.84
N GLN E 302 -33.54 -30.86 26.29
CA GLN E 302 -33.80 -31.12 27.72
C GLN E 302 -32.67 -30.55 28.58
N ARG E 303 -31.41 -30.90 28.26
CA ARG E 303 -30.25 -30.40 29.01
C ARG E 303 -30.17 -28.87 28.95
N VAL E 304 -30.38 -28.26 27.78
CA VAL E 304 -30.34 -26.80 27.63
C VAL E 304 -31.41 -26.16 28.50
N SER E 305 -32.64 -26.65 28.48
CA SER E 305 -33.71 -26.15 29.34
C SER E 305 -33.34 -26.31 30.82
N LYS E 306 -32.82 -27.47 31.19
CA LYS E 306 -32.44 -27.82 32.56
C LYS E 306 -31.34 -26.91 33.11
N LYS E 307 -30.44 -26.39 32.26
CA LYS E 307 -29.52 -25.30 32.64
C LYS E 307 -30.15 -23.92 32.56
N LEU E 308 -30.93 -23.62 31.52
CA LEU E 308 -31.45 -22.28 31.28
C LEU E 308 -32.38 -21.81 32.40
N LYS E 309 -33.16 -22.71 32.99
CA LYS E 309 -33.97 -22.41 34.18
C LYS E 309 -33.16 -22.07 35.43
N GLU E 310 -31.85 -22.27 35.45
CA GLU E 310 -31.00 -21.76 36.53
C GLU E 310 -30.83 -20.23 36.43
N TYR E 311 -30.75 -19.67 35.22
CA TYR E 311 -30.76 -18.22 35.03
C TYR E 311 -32.16 -17.63 35.23
N PHE E 312 -33.19 -18.35 34.82
CA PHE E 312 -34.59 -17.90 34.85
C PHE E 312 -35.41 -18.81 35.78
N PRO E 313 -35.43 -18.54 37.09
CA PRO E 313 -35.93 -19.48 38.11
C PRO E 313 -37.45 -19.71 38.13
N HIS E 314 -38.25 -18.88 37.46
CA HIS E 314 -39.69 -19.08 37.35
C HIS E 314 -40.06 -20.17 36.33
N LYS E 315 -41.32 -20.62 36.38
CA LYS E 315 -41.72 -21.98 36.00
C LYS E 315 -41.48 -22.39 34.53
N ASN E 316 -41.98 -21.66 33.53
CA ASN E 316 -42.10 -22.19 32.17
C ASN E 316 -41.02 -21.64 31.22
N ILE E 317 -40.48 -22.52 30.38
CA ILE E 317 -39.56 -22.21 29.26
C ILE E 317 -40.17 -22.76 27.98
N THR E 318 -39.97 -22.09 26.86
CA THR E 318 -40.51 -22.51 25.55
C THR E 318 -39.61 -22.06 24.42
N PHE E 319 -39.57 -22.85 23.35
CA PHE E 319 -38.84 -22.55 22.12
C PHE E 319 -39.83 -22.40 20.97
N GLN E 320 -39.50 -21.57 20.00
CA GLN E 320 -40.31 -21.31 18.80
C GLN E 320 -39.42 -21.04 17.59
N PRO E 321 -39.92 -21.19 16.36
CA PRO E 321 -39.25 -20.70 15.16
C PRO E 321 -39.09 -19.18 15.15
N SER E 322 -38.32 -18.69 14.20
CA SER E 322 -38.02 -17.27 13.94
C SER E 322 -39.28 -16.40 13.86
N SER E 323 -39.21 -15.14 14.27
CA SER E 323 -40.36 -14.22 14.18
C SER E 323 -40.55 -13.62 12.78
N GLY E 324 -39.46 -13.26 12.09
CA GLY E 324 -39.48 -12.62 10.77
C GLY E 324 -38.13 -12.01 10.41
N GLY E 325 -38.05 -11.35 9.26
CA GLY E 325 -36.80 -10.78 8.73
C GLY E 325 -36.23 -11.58 7.56
N ASP E 326 -34.97 -11.34 7.21
CA ASP E 326 -34.33 -12.00 6.06
C ASP E 326 -34.14 -13.51 6.27
N LEU E 327 -34.01 -14.26 5.18
CA LEU E 327 -33.69 -15.70 5.19
C LEU E 327 -32.50 -16.01 6.07
N GLU E 328 -31.49 -15.15 6.01
CA GLU E 328 -30.20 -15.28 6.70
C GLU E 328 -30.34 -15.48 8.21
N ILE E 329 -31.37 -14.92 8.84
CA ILE E 329 -31.68 -15.18 10.25
C ILE E 329 -32.93 -16.01 10.45
N THR E 330 -33.93 -15.90 9.58
CA THR E 330 -35.18 -16.65 9.74
C THR E 330 -35.02 -18.15 9.54
N THR E 331 -33.88 -18.61 9.03
CA THR E 331 -33.55 -20.02 8.84
C THR E 331 -32.15 -20.32 9.33
N HIS E 332 -31.83 -21.58 9.61
CA HIS E 332 -30.44 -22.01 9.77
C HIS E 332 -29.74 -21.91 8.41
N SER E 333 -28.51 -21.43 8.39
CA SER E 333 -27.77 -21.25 7.14
C SER E 333 -26.28 -21.57 7.27
N PHE E 334 -25.72 -22.16 6.22
CA PHE E 334 -24.37 -22.73 6.16
C PHE E 334 -24.01 -23.01 4.69
N ASN E 335 -22.74 -23.32 4.41
CA ASN E 335 -22.19 -23.39 3.06
C ASN E 335 -21.50 -24.73 2.75
N CYS E 336 -22.21 -25.85 2.91
CA CYS E 336 -21.68 -27.18 2.58
C CYS E 336 -21.15 -27.27 1.14
N GLY E 337 -19.97 -27.86 0.98
CA GLY E 337 -19.32 -28.04 -0.31
C GLY E 337 -18.91 -26.70 -0.93
N GLY E 338 -19.83 -26.07 -1.65
CA GLY E 338 -19.62 -24.78 -2.29
C GLY E 338 -20.89 -24.08 -2.74
N GLU E 339 -22.03 -24.38 -2.11
CA GLU E 339 -23.28 -23.66 -2.31
C GLU E 339 -23.93 -23.37 -0.95
N PHE E 340 -24.86 -22.42 -0.90
CA PHE E 340 -25.41 -21.89 0.34
C PHE E 340 -26.82 -22.41 0.58
N PHE E 341 -27.09 -22.80 1.82
CA PHE E 341 -28.30 -23.47 2.25
C PHE E 341 -29.09 -22.61 3.25
N TYR E 342 -30.40 -22.80 3.28
CA TYR E 342 -31.34 -22.09 4.13
C TYR E 342 -32.45 -23.06 4.54
N CYS E 343 -32.50 -23.45 5.81
CA CYS E 343 -33.34 -24.55 6.28
C CYS E 343 -34.43 -24.11 7.27
N ASN E 344 -35.69 -24.46 7.01
CA ASN E 344 -36.83 -24.11 7.86
C ASN E 344 -36.81 -24.95 9.15
N THR E 345 -36.06 -24.50 10.15
CA THR E 345 -35.80 -25.22 11.41
C THR E 345 -37.01 -25.30 12.36
N SER E 346 -38.20 -24.91 11.94
CA SER E 346 -39.39 -24.90 12.82
C SER E 346 -39.66 -26.23 13.52
N SER E 347 -39.43 -27.37 12.85
CA SER E 347 -39.63 -28.68 13.45
C SER E 347 -38.59 -29.01 14.55
N LEU E 348 -37.43 -28.37 14.57
CA LEU E 348 -36.45 -28.53 15.65
C LEU E 348 -36.86 -27.79 16.92
N PHE E 349 -37.54 -26.64 16.81
CA PHE E 349 -37.75 -25.72 17.93
C PHE E 349 -39.17 -25.68 18.50
N ASN E 350 -40.14 -26.43 18.01
CA ASN E 350 -41.42 -26.60 18.70
C ASN E 350 -41.24 -27.48 19.95
N ARG E 351 -40.89 -26.89 21.10
CA ARG E 351 -40.75 -27.59 22.39
C ARG E 351 -41.11 -26.70 23.58
N THR E 352 -41.50 -27.30 24.68
CA THR E 352 -41.95 -26.62 25.91
C THR E 352 -41.49 -27.37 27.17
N TYR E 353 -41.24 -26.65 28.26
CA TYR E 353 -40.76 -27.20 29.54
C TYR E 353 -41.26 -26.38 30.73
N MET E 354 -41.25 -26.98 31.91
CA MET E 354 -41.88 -26.45 33.12
C MET E 354 -41.16 -26.93 34.40
N ALA E 355 -41.45 -26.30 35.55
CA ALA E 355 -40.95 -26.72 36.85
C ALA E 355 -41.33 -28.17 37.17
N ASN E 356 -40.45 -28.90 37.87
CA ASN E 356 -40.58 -30.33 38.18
C ASN E 356 -40.85 -31.17 36.91
N ASN E 361 -29.43 -44.57 18.44
CA ASN E 361 -29.78 -43.17 18.24
C ASN E 361 -30.38 -42.86 16.87
N SER E 362 -30.30 -43.79 15.92
CA SER E 362 -30.89 -43.68 14.57
C SER E 362 -32.34 -44.21 14.55
N THR E 363 -33.20 -43.57 15.31
CA THR E 363 -34.65 -43.82 15.42
C THR E 363 -35.40 -42.50 15.59
N ARG E 364 -36.67 -42.43 15.18
CA ARG E 364 -37.46 -41.16 15.08
C ARG E 364 -36.77 -40.04 14.28
N THR E 365 -35.78 -40.36 13.43
CA THR E 365 -34.81 -39.42 12.84
C THR E 365 -35.46 -38.17 12.26
N ILE E 366 -35.07 -36.99 12.76
CA ILE E 366 -35.56 -35.71 12.24
C ILE E 366 -34.95 -35.46 10.86
N THR E 367 -35.76 -35.00 9.92
CA THR E 367 -35.27 -34.49 8.63
C THR E 367 -35.97 -33.17 8.30
N ILE E 368 -35.25 -32.22 7.72
CA ILE E 368 -35.71 -30.84 7.53
C ILE E 368 -35.53 -30.37 6.10
N HIS E 369 -36.52 -29.63 5.60
CA HIS E 369 -36.53 -29.04 4.25
C HIS E 369 -35.54 -27.89 4.16
N CYS E 370 -34.76 -27.82 3.09
CA CYS E 370 -33.85 -26.71 2.84
C CYS E 370 -34.02 -26.17 1.42
N ARG E 371 -34.01 -24.86 1.28
CA ARG E 371 -33.79 -24.19 0.00
C ARG E 371 -32.31 -23.84 -0.13
N ILE E 372 -31.89 -23.50 -1.34
CA ILE E 372 -30.51 -23.19 -1.68
C ILE E 372 -30.48 -22.00 -2.63
N LYS E 373 -29.37 -21.27 -2.65
CA LYS E 373 -29.31 -19.90 -3.17
C LYS E 373 -27.94 -19.63 -3.80
N GLN E 374 -27.86 -18.83 -4.86
CA GLN E 374 -26.59 -18.48 -5.50
C GLN E 374 -26.17 -17.04 -5.21
N ILE E 375 -27.08 -16.13 -4.89
CA ILE E 375 -26.77 -14.70 -4.69
C ILE E 375 -26.86 -14.38 -3.20
N ILE E 376 -25.76 -13.89 -2.64
CA ILE E 376 -25.53 -13.90 -1.19
C ILE E 376 -25.05 -12.53 -0.74
N ASN E 377 -25.66 -11.95 0.30
CA ASN E 377 -25.08 -10.84 1.04
C ASN E 377 -24.08 -11.41 2.07
N MET E 378 -22.98 -10.72 2.33
CA MET E 378 -22.01 -11.13 3.34
C MET E 378 -21.86 -10.06 4.40
N TRP E 379 -21.61 -10.45 5.65
CA TRP E 379 -21.39 -9.53 6.78
C TRP E 379 -22.55 -8.56 7.05
N GLN E 380 -23.71 -8.83 6.46
CA GLN E 380 -24.85 -7.91 6.40
C GLN E 380 -24.52 -6.53 5.80
N GLU E 381 -23.48 -6.39 4.99
CA GLU E 381 -23.31 -5.19 4.15
C GLU E 381 -24.39 -5.11 3.06
N VAL E 382 -24.46 -3.97 2.37
CA VAL E 382 -25.15 -3.79 1.08
C VAL E 382 -24.22 -3.03 0.14
N GLY E 383 -24.55 -3.00 -1.15
CA GLY E 383 -23.71 -2.40 -2.18
C GLY E 383 -22.73 -3.40 -2.83
N ARG E 384 -22.39 -4.48 -2.12
CA ARG E 384 -21.62 -5.63 -2.65
C ARG E 384 -22.30 -6.95 -2.31
N ALA E 385 -22.34 -7.86 -3.27
CA ALA E 385 -22.89 -9.19 -3.09
C ALA E 385 -22.12 -10.23 -3.90
N MET E 386 -22.19 -11.47 -3.44
CA MET E 386 -21.45 -12.59 -3.97
C MET E 386 -22.39 -13.49 -4.78
N TYR E 387 -21.99 -13.90 -5.98
CA TYR E 387 -22.62 -14.98 -6.72
C TYR E 387 -21.78 -16.24 -6.58
N ALA E 388 -22.38 -17.32 -6.12
CA ALA E 388 -21.79 -18.64 -6.06
C ALA E 388 -22.03 -19.36 -7.39
N PRO E 389 -20.99 -19.79 -8.13
CA PRO E 389 -21.19 -20.66 -9.26
C PRO E 389 -21.74 -22.01 -8.77
N PRO E 390 -22.51 -22.74 -9.58
CA PRO E 390 -23.02 -24.04 -9.19
C PRO E 390 -21.88 -25.05 -9.04
N ILE E 391 -21.95 -25.89 -8.02
CA ILE E 391 -21.11 -27.07 -7.90
C ILE E 391 -21.70 -28.16 -8.80
N ALA E 392 -20.92 -28.65 -9.75
CA ALA E 392 -21.35 -29.69 -10.69
C ALA E 392 -21.61 -31.03 -10.00
N GLY E 393 -22.47 -31.86 -10.58
CA GLY E 393 -22.88 -33.14 -9.98
C GLY E 393 -23.72 -32.96 -8.71
N ASN E 394 -23.57 -33.84 -7.73
CA ASN E 394 -24.34 -33.86 -6.49
C ASN E 394 -23.45 -33.93 -5.24
N ILE E 395 -23.98 -33.50 -4.10
CA ILE E 395 -23.18 -33.14 -2.91
C ILE E 395 -23.74 -33.80 -1.65
N THR E 396 -22.86 -34.32 -0.81
CA THR E 396 -23.14 -34.74 0.57
C THR E 396 -22.19 -34.04 1.54
N CYS E 397 -22.64 -33.83 2.76
CA CYS E 397 -21.93 -33.04 3.75
C CYS E 397 -22.29 -33.48 5.17
N ILE E 398 -21.34 -33.44 6.09
CA ILE E 398 -21.56 -33.75 7.51
C ILE E 398 -20.87 -32.69 8.35
N SER E 399 -21.50 -32.28 9.44
CA SER E 399 -20.92 -31.31 10.38
C SER E 399 -21.45 -31.52 11.79
N ASN E 400 -20.80 -30.87 12.76
CA ASN E 400 -21.08 -31.03 14.18
C ASN E 400 -21.76 -29.77 14.70
N ILE E 401 -23.00 -29.83 15.16
CA ILE E 401 -23.59 -28.74 15.95
C ILE E 401 -22.88 -28.71 17.30
N THR E 402 -22.58 -27.50 17.77
CA THR E 402 -21.79 -27.26 18.99
C THR E 402 -22.41 -26.21 19.90
N GLY E 403 -23.37 -25.44 19.41
CA GLY E 403 -24.02 -24.41 20.20
C GLY E 403 -25.15 -23.71 19.47
N LEU E 404 -26.01 -23.05 20.23
CA LEU E 404 -27.21 -22.39 19.73
C LEU E 404 -27.08 -20.89 19.95
N LEU E 405 -27.39 -20.07 18.95
CA LEU E 405 -27.56 -18.64 19.14
C LEU E 405 -29.03 -18.36 19.39
N LEU E 406 -29.41 -18.30 20.65
CA LEU E 406 -30.77 -17.93 21.04
C LEU E 406 -30.92 -16.41 21.17
N THR E 407 -32.15 -15.94 21.11
CA THR E 407 -32.55 -14.63 21.63
C THR E 407 -33.89 -14.77 22.35
N ARG E 408 -34.21 -13.90 23.31
CA ARG E 408 -35.39 -14.08 24.18
C ARG E 408 -36.51 -13.09 23.90
N ASP E 409 -37.73 -13.62 23.96
CA ASP E 409 -39.00 -12.95 23.70
C ASP E 409 -39.33 -11.91 24.77
N TYR E 410 -40.47 -11.24 24.64
CA TYR E 410 -41.06 -10.46 25.73
C TYR E 410 -41.34 -11.35 26.95
N GLY E 411 -40.92 -10.91 28.13
CA GLY E 411 -41.20 -11.64 29.37
C GLY E 411 -42.67 -11.50 29.77
N LYS E 412 -43.33 -12.63 30.04
CA LYS E 412 -44.75 -12.68 30.45
C LYS E 412 -44.96 -13.69 31.59
N ASN E 413 -46.12 -13.61 32.23
CA ASN E 413 -46.41 -14.29 33.50
C ASN E 413 -45.94 -15.76 33.51
N ASN E 414 -45.06 -16.09 34.45
CA ASN E 414 -44.48 -17.43 34.67
C ASN E 414 -43.82 -18.08 33.44
N THR E 415 -43.46 -17.30 32.39
CA THR E 415 -43.15 -17.86 31.08
C THR E 415 -42.03 -17.09 30.37
N GLU E 416 -40.85 -17.69 30.26
CA GLU E 416 -39.83 -17.27 29.29
C GLU E 416 -40.08 -17.92 27.94
N THR E 417 -39.54 -17.32 26.88
CA THR E 417 -39.56 -17.93 25.54
C THR E 417 -38.33 -17.50 24.75
N PHE E 418 -37.81 -18.40 23.93
CA PHE E 418 -36.59 -18.22 23.17
C PHE E 418 -36.80 -18.64 21.73
N ARG E 419 -36.02 -18.10 20.80
CA ARG E 419 -35.98 -18.57 19.42
C ARG E 419 -34.60 -18.41 18.82
N PRO E 420 -34.26 -19.15 17.76
CA PRO E 420 -33.01 -18.98 17.06
C PRO E 420 -32.84 -17.56 16.55
N GLY E 421 -31.62 -17.05 16.53
CA GLY E 421 -31.33 -15.70 16.08
C GLY E 421 -29.85 -15.49 15.77
N GLY E 422 -29.27 -14.43 16.34
CA GLY E 422 -27.87 -14.08 16.10
C GLY E 422 -27.71 -13.46 14.70
N GLY E 423 -27.06 -14.17 13.80
CA GLY E 423 -26.89 -13.78 12.39
C GLY E 423 -25.87 -12.65 12.17
N ASN E 424 -25.70 -11.73 13.12
CA ASN E 424 -24.61 -10.76 13.10
C ASN E 424 -23.31 -11.50 13.38
N MET E 425 -22.45 -11.64 12.37
CA MET E 425 -21.35 -12.61 12.38
C MET E 425 -20.39 -12.51 13.58
N LYS E 426 -20.26 -11.33 14.20
CA LYS E 426 -19.43 -11.12 15.38
C LYS E 426 -19.73 -12.12 16.49
N ASP E 427 -21.00 -12.47 16.69
CA ASP E 427 -21.37 -13.43 17.73
C ASP E 427 -20.79 -14.82 17.48
N ASN E 428 -20.57 -15.23 16.24
CA ASN E 428 -19.89 -16.51 16.00
C ASN E 428 -18.47 -16.48 16.55
N TRP E 429 -17.66 -15.47 16.20
CA TRP E 429 -16.30 -15.44 16.73
C TRP E 429 -16.27 -15.22 18.23
N ARG E 430 -17.16 -14.38 18.76
CA ARG E 430 -17.30 -14.24 20.21
C ARG E 430 -17.72 -15.54 20.90
N SER E 431 -18.40 -16.45 20.20
CA SER E 431 -18.71 -17.78 20.71
C SER E 431 -17.51 -18.72 20.81
N GLU E 432 -16.30 -18.30 20.40
CA GLU E 432 -15.08 -19.09 20.59
C GLU E 432 -13.92 -18.27 21.18
N LEU E 433 -13.80 -16.99 20.84
CA LEU E 433 -12.83 -16.08 21.45
C LEU E 433 -13.16 -15.72 22.90
N TYR E 434 -14.26 -16.22 23.49
CA TYR E 434 -14.64 -15.89 24.86
C TYR E 434 -13.55 -16.23 25.89
N LYS E 435 -12.67 -17.18 25.59
CA LYS E 435 -11.55 -17.55 26.45
C LYS E 435 -10.57 -16.38 26.61
N TYR E 436 -10.02 -15.89 25.50
CA TYR E 436 -8.83 -15.05 25.52
C TYR E 436 -9.05 -13.63 26.04
N LYS E 437 -7.95 -13.02 26.50
CA LYS E 437 -7.79 -11.57 26.69
C LYS E 437 -6.37 -11.20 26.29
N VAL E 438 -6.14 -9.97 25.81
CA VAL E 438 -4.80 -9.49 25.46
C VAL E 438 -4.36 -8.37 26.38
N VAL E 439 -3.10 -8.38 26.80
CA VAL E 439 -2.51 -7.40 27.73
C VAL E 439 -1.16 -6.93 27.22
N LYS E 440 -0.73 -5.74 27.65
CA LYS E 440 0.62 -5.25 27.42
C LYS E 440 1.44 -5.38 28.68
N ILE E 441 2.66 -5.87 28.56
CA ILE E 441 3.60 -5.94 29.68
C ILE E 441 4.14 -4.53 29.93
N GLU E 442 4.28 -4.13 31.20
CA GLU E 442 4.79 -2.81 31.60
C GLU E 442 6.06 -2.96 32.45
N PRO E 443 7.18 -3.40 31.86
CA PRO E 443 8.23 -4.09 32.58
C PRO E 443 9.06 -3.25 33.55
N LEU E 444 8.95 -1.92 33.51
CA LEU E 444 9.78 -1.01 34.28
C LEU E 444 9.22 -0.75 35.68
N GLY E 445 9.36 -1.71 36.58
CA GLY E 445 8.91 -1.60 37.96
C GLY E 445 9.90 -0.87 38.86
N VAL E 446 9.42 -0.23 39.93
CA VAL E 446 10.28 0.40 40.95
C VAL E 446 9.77 0.07 42.35
N ALA E 447 10.67 0.03 43.33
CA ALA E 447 10.37 -0.37 44.70
C ALA E 447 11.38 0.21 45.70
N PRO E 448 11.05 0.27 47.00
CA PRO E 448 12.03 0.48 48.05
C PRO E 448 12.97 -0.72 48.20
N THR E 449 14.21 -0.47 48.62
CA THR E 449 15.16 -1.51 49.04
C THR E 449 16.13 -1.01 50.11
N ARG E 450 16.72 -1.94 50.85
CA ARG E 450 17.73 -1.72 51.89
C ARG E 450 19.14 -1.59 51.30
N CYS E 451 19.31 -0.66 50.37
CA CYS E 451 20.57 -0.38 49.68
C CYS E 451 20.66 1.10 49.30
N LYS E 452 21.88 1.65 49.14
CA LYS E 452 22.13 2.82 48.29
C LYS E 452 23.38 2.62 47.44
N ARG E 453 23.48 3.29 46.30
CA ARG E 453 24.60 3.16 45.35
C ARG E 453 25.79 3.99 45.82
N ARG E 454 27.01 3.50 45.58
CA ARG E 454 28.24 4.25 45.92
C ARG E 454 28.42 5.46 45.00
N VAL E 455 28.95 6.56 45.55
CA VAL E 455 29.19 7.82 44.81
C VAL E 455 30.48 7.79 43.96
N VAL E 456 31.50 7.04 44.41
CA VAL E 456 32.80 6.86 43.73
C VAL E 456 32.70 6.09 42.41
N VAL F 1 16.60 -22.34 30.33
CA VAL F 1 15.19 -22.67 30.70
C VAL F 1 14.24 -21.61 30.15
N PHE F 2 13.12 -22.02 29.54
CA PHE F 2 12.08 -21.13 29.01
C PHE F 2 10.78 -21.22 29.82
N LEU F 3 10.31 -20.11 30.38
CA LEU F 3 9.05 -20.00 31.13
C LEU F 3 8.03 -19.08 30.45
N GLY F 4 8.29 -18.68 29.20
CA GLY F 4 7.45 -17.76 28.44
C GLY F 4 7.37 -16.35 29.04
N PHE F 5 6.64 -15.47 28.36
CA PHE F 5 6.23 -14.20 28.96
C PHE F 5 5.51 -14.45 30.28
N LEU F 6 5.79 -13.63 31.29
CA LEU F 6 5.09 -13.66 32.56
C LEU F 6 5.16 -15.03 33.26
N GLY F 7 6.27 -15.76 33.12
CA GLY F 7 6.41 -17.11 33.67
C GLY F 7 6.04 -17.21 35.16
N ALA F 8 6.49 -16.26 35.98
CA ALA F 8 5.96 -16.01 37.32
C ALA F 8 6.40 -14.62 37.78
N ALA F 9 5.56 -13.59 37.91
CA ALA F 9 4.11 -13.47 37.90
C ALA F 9 3.42 -14.26 39.01
N GLY F 10 2.46 -13.63 39.69
CA GLY F 10 1.70 -14.22 40.79
C GLY F 10 2.52 -14.44 42.06
N SER F 11 3.58 -15.26 41.98
CA SER F 11 4.53 -15.55 43.05
C SER F 11 5.16 -14.27 43.63
N THR F 12 5.77 -14.41 44.79
CA THR F 12 6.36 -13.28 45.53
C THR F 12 7.59 -12.70 44.82
N MET F 13 8.21 -11.63 45.34
CA MET F 13 9.25 -10.93 44.59
C MET F 13 10.57 -11.67 44.46
N GLY F 14 10.87 -12.70 45.25
CA GLY F 14 12.19 -13.33 45.22
C GLY F 14 12.25 -14.82 45.62
N ALA F 15 11.79 -15.79 44.84
CA ALA F 15 10.86 -15.73 43.70
C ALA F 15 11.17 -14.71 42.57
N ALA F 16 10.18 -13.97 42.07
CA ALA F 16 10.12 -13.44 40.70
C ALA F 16 11.39 -12.77 40.16
N SER F 17 12.05 -11.94 40.96
CA SER F 17 13.28 -11.22 40.58
C SER F 17 14.41 -12.14 40.11
N MET F 18 14.44 -13.41 40.54
CA MET F 18 15.41 -14.40 40.07
C MET F 18 15.23 -14.81 38.59
N THR F 19 14.15 -14.36 37.92
CA THR F 19 13.77 -14.80 36.55
C THR F 19 13.80 -13.69 35.50
N LEU F 20 14.22 -12.48 35.86
CA LEU F 20 14.02 -11.29 35.04
C LEU F 20 14.69 -11.38 33.66
N THR F 21 15.82 -12.08 33.53
CA THR F 21 16.50 -12.20 32.23
C THR F 21 15.61 -12.85 31.17
N VAL F 22 15.00 -13.99 31.46
CA VAL F 22 14.07 -14.65 30.53
C VAL F 22 12.87 -13.76 30.28
N GLN F 23 12.37 -13.13 31.34
CA GLN F 23 11.22 -12.24 31.29
C GLN F 23 11.47 -11.05 30.34
N ALA F 24 12.70 -10.55 30.27
CA ALA F 24 13.10 -9.46 29.37
C ALA F 24 13.41 -9.95 27.95
N ARG F 25 14.08 -11.09 27.77
CA ARG F 25 14.53 -11.54 26.42
C ARG F 25 13.39 -11.76 25.44
N ASN F 26 12.22 -12.13 25.93
CA ASN F 26 11.04 -12.36 25.09
C ASN F 26 10.47 -11.08 24.47
N LEU F 27 10.85 -9.89 24.95
CA LEU F 27 10.27 -8.61 24.56
C LEU F 27 10.49 -8.18 23.09
N LEU F 28 11.30 -8.89 22.30
CA LEU F 28 11.48 -8.66 20.85
C LEU F 28 11.57 -10.00 20.07
N SER F 29 10.48 -10.76 20.00
CA SER F 29 10.40 -12.07 19.34
C SER F 29 8.94 -12.48 19.02
N GLY F 30 8.75 -13.51 18.20
CA GLY F 30 7.44 -13.99 17.73
C GLY F 30 7.10 -13.47 16.33
N THR F 31 7.98 -13.70 15.35
CA THR F 31 7.88 -13.23 13.96
C THR F 31 8.72 -14.10 13.02
N VAL F 32 -3.10 -4.48 0.72
CA VAL F 32 -2.10 -3.62 1.34
C VAL F 32 -2.02 -3.77 2.88
N TRP F 33 -2.91 -4.56 3.46
CA TRP F 33 -3.09 -4.69 4.91
C TRP F 33 -1.84 -5.20 5.67
N GLY F 34 -0.86 -5.80 4.98
CA GLY F 34 0.45 -6.15 5.55
C GLY F 34 1.17 -4.97 6.23
N ILE F 35 0.81 -3.72 5.91
CA ILE F 35 1.25 -2.52 6.63
C ILE F 35 1.03 -2.63 8.15
N LYS F 36 -0.05 -3.28 8.59
CA LYS F 36 -0.36 -3.49 10.02
C LYS F 36 0.74 -4.25 10.75
N GLN F 37 1.34 -5.24 10.11
CA GLN F 37 2.41 -6.02 10.71
C GLN F 37 3.66 -5.16 10.97
N LEU F 38 4.08 -4.32 10.02
CA LEU F 38 5.17 -3.37 10.27
C LEU F 38 4.80 -2.38 11.38
N GLN F 39 3.59 -1.82 11.36
CA GLN F 39 3.17 -0.88 12.38
C GLN F 39 3.21 -1.51 13.78
N ALA F 40 2.76 -2.76 13.93
CA ALA F 40 2.87 -3.47 15.21
C ALA F 40 4.33 -3.65 15.66
N ARG F 41 5.24 -4.03 14.75
CA ARG F 41 6.65 -4.23 15.07
C ARG F 41 7.34 -2.92 15.45
N VAL F 42 7.05 -1.83 14.76
CA VAL F 42 7.56 -0.50 15.13
C VAL F 42 7.00 -0.03 16.48
N LEU F 43 5.71 -0.28 16.78
CA LEU F 43 5.13 0.03 18.09
C LEU F 43 5.82 -0.71 19.24
N ALA F 44 6.24 -1.96 19.02
CA ALA F 44 7.04 -2.70 20.00
C ALA F 44 8.46 -2.13 20.11
N VAL F 45 9.14 -1.92 18.98
CA VAL F 45 10.51 -1.42 18.97
C VAL F 45 10.63 -0.05 19.63
N GLU F 46 9.72 0.89 19.37
CA GLU F 46 9.75 2.19 20.04
C GLU F 46 9.55 2.06 21.55
N ARG F 47 8.67 1.19 22.02
CA ARG F 47 8.49 0.97 23.46
C ARG F 47 9.76 0.44 24.09
N TYR F 48 10.38 -0.57 23.47
CA TYR F 48 11.64 -1.06 23.99
C TYR F 48 12.71 0.02 24.02
N LEU F 49 12.88 0.76 22.93
CA LEU F 49 13.86 1.84 22.87
C LEU F 49 13.62 2.89 23.95
N ARG F 50 12.39 3.34 24.14
CA ARG F 50 12.08 4.33 25.18
C ARG F 50 12.51 3.83 26.55
N ASP F 51 12.15 2.61 26.91
CA ASP F 51 12.52 2.09 28.22
C ASP F 51 14.04 1.97 28.34
N GLN F 52 14.71 1.52 27.27
CA GLN F 52 16.16 1.41 27.29
C GLN F 52 16.81 2.80 27.47
N GLN F 53 16.33 3.82 26.77
CA GLN F 53 16.83 5.19 26.96
C GLN F 53 16.57 5.66 28.39
N LEU F 54 15.38 5.41 28.92
CA LEU F 54 15.02 5.87 30.24
C LEU F 54 15.89 5.23 31.33
N LEU F 55 16.23 3.95 31.19
CA LEU F 55 17.23 3.31 32.03
C LEU F 55 18.61 3.98 31.90
N GLY F 56 18.97 4.43 30.70
CA GLY F 56 20.17 5.23 30.48
C GLY F 56 20.14 6.54 31.27
N ILE F 57 19.02 7.27 31.23
CA ILE F 57 18.88 8.54 31.94
C ILE F 57 19.00 8.35 33.46
N TRP F 58 18.58 7.23 34.03
CA TRP F 58 18.73 6.96 35.47
C TRP F 58 20.08 6.37 35.87
N GLY F 59 21.04 6.28 34.96
CA GLY F 59 22.34 5.68 35.26
C GLY F 59 22.28 4.17 35.47
N CYS F 60 21.35 3.49 34.80
CA CYS F 60 21.17 2.04 34.81
C CYS F 60 21.37 1.49 33.40
N SER F 61 22.50 1.83 32.77
CA SER F 61 22.75 1.70 31.33
C SER F 61 22.52 0.30 30.73
N GLY F 62 22.76 -0.76 31.49
CA GLY F 62 22.67 -2.13 31.03
C GLY F 62 22.59 -3.12 32.17
N LYS F 63 21.72 -2.86 33.14
CA LYS F 63 21.49 -3.71 34.31
C LYS F 63 20.01 -4.02 34.46
N LEU F 64 19.66 -5.23 34.89
CA LEU F 64 18.27 -5.56 35.21
C LEU F 64 17.85 -5.15 36.62
N ILE F 65 18.80 -4.93 37.52
CA ILE F 65 18.54 -4.45 38.87
C ILE F 65 19.48 -3.29 39.15
N CYS F 66 19.00 -2.20 39.71
CA CYS F 66 19.79 -0.98 39.84
C CYS F 66 19.39 -0.21 41.08
N CYS F 67 20.16 -0.37 42.15
CA CYS F 67 20.06 0.45 43.35
C CYS F 67 20.54 1.88 43.03
N THR F 68 19.94 2.92 43.60
CA THR F 68 20.22 4.31 43.21
C THR F 68 19.79 5.34 44.26
N ASN F 69 20.36 6.54 44.22
CA ASN F 69 20.35 7.46 45.36
C ASN F 69 19.15 8.42 45.32
N VAL F 70 17.97 7.89 45.56
CA VAL F 70 16.80 8.68 46.00
C VAL F 70 16.23 8.03 47.26
N PRO F 71 16.08 8.77 48.36
CA PRO F 71 15.59 8.20 49.61
C PRO F 71 14.11 7.84 49.46
N TRP F 72 13.72 6.66 49.94
CA TRP F 72 12.31 6.29 50.03
C TRP F 72 11.59 7.10 51.10
N ASN F 73 10.28 7.30 50.99
CA ASN F 73 9.53 8.11 51.96
C ASN F 73 8.08 7.66 52.15
N SER F 74 7.52 8.01 53.30
CA SER F 74 6.14 7.70 53.67
C SER F 74 5.09 8.62 53.00
N SER F 75 5.48 9.61 52.19
CA SER F 75 4.53 10.30 51.31
C SER F 75 4.09 9.36 50.17
N TRP F 76 5.02 8.53 49.69
CA TRP F 76 4.73 7.32 48.92
C TRP F 76 4.27 6.20 49.84
N SER F 77 3.94 5.02 49.29
CA SER F 77 3.39 3.91 50.06
C SER F 77 4.36 3.42 51.14
N ASN F 78 4.03 3.67 52.41
CA ASN F 78 4.75 3.15 53.56
C ASN F 78 4.52 1.63 53.75
N ARG F 79 5.56 0.88 54.11
CA ARG F 79 5.52 -0.54 54.51
C ARG F 79 6.66 -0.90 55.46
N ASN F 80 6.46 -1.96 56.26
CA ASN F 80 7.49 -2.55 57.13
C ASN F 80 8.49 -3.47 56.39
N LEU F 81 8.19 -3.86 55.15
CA LEU F 81 8.93 -4.81 54.29
C LEU F 81 9.10 -6.24 54.82
N SER F 82 9.00 -6.50 56.12
CA SER F 82 9.42 -7.75 56.78
C SER F 82 8.92 -9.01 56.07
N GLU F 83 7.62 -9.16 55.90
CA GLU F 83 7.07 -10.02 54.84
C GLU F 83 6.91 -9.27 53.51
N ILE F 84 6.46 -8.01 53.56
CA ILE F 84 5.81 -7.36 52.41
C ILE F 84 6.70 -7.22 51.17
N TRP F 85 8.02 -7.06 51.34
CA TRP F 85 8.95 -7.08 50.21
C TRP F 85 8.88 -8.40 49.42
N ASP F 86 8.55 -9.50 50.08
CA ASP F 86 8.33 -10.81 49.47
C ASP F 86 6.92 -11.36 49.78
N ASN F 87 5.91 -10.49 49.88
CA ASN F 87 4.51 -10.87 50.03
C ASN F 87 3.61 -9.64 49.72
N MET F 88 3.26 -9.40 48.46
CA MET F 88 2.35 -8.30 48.10
C MET F 88 1.38 -8.65 46.96
N THR F 89 1.77 -9.10 45.76
CA THR F 89 3.08 -8.99 45.14
C THR F 89 3.00 -8.05 43.93
N TRP F 90 3.53 -8.38 42.74
CA TRP F 90 3.87 -7.33 41.76
C TRP F 90 2.68 -6.56 41.20
N LEU F 91 1.60 -7.23 40.79
CA LEU F 91 0.44 -6.51 40.27
C LEU F 91 -0.14 -5.58 41.35
N GLN F 92 -0.25 -6.10 42.57
CA GLN F 92 -0.77 -5.34 43.71
C GLN F 92 0.13 -4.16 44.02
N TRP F 93 1.44 -4.37 43.99
CA TRP F 93 2.42 -3.31 44.19
C TRP F 93 2.32 -2.23 43.12
N ASP F 94 2.17 -2.61 41.86
CA ASP F 94 2.01 -1.65 40.77
C ASP F 94 0.77 -0.76 40.97
N LYS F 95 -0.35 -1.35 41.42
CA LYS F 95 -1.52 -0.54 41.80
C LYS F 95 -1.19 0.37 42.96
N GLU F 96 -0.60 -0.16 44.02
CA GLU F 96 -0.28 0.60 45.22
C GLU F 96 0.64 1.80 44.96
N ILE F 97 1.62 1.67 44.05
CA ILE F 97 2.57 2.74 43.71
C ILE F 97 2.11 3.63 42.55
N SER F 98 1.07 3.24 41.81
CA SER F 98 0.68 3.87 40.54
C SER F 98 0.50 5.38 40.59
N ASN F 99 0.08 5.93 41.74
CA ASN F 99 -0.09 7.36 41.95
C ASN F 99 1.24 8.15 41.95
N TYR F 100 2.39 7.49 41.99
CA TYR F 100 3.68 8.12 42.29
C TYR F 100 4.79 7.88 41.25
N THR F 101 4.63 6.95 40.31
CA THR F 101 5.74 6.57 39.41
C THR F 101 6.28 7.76 38.63
N GLN F 102 5.41 8.63 38.13
CA GLN F 102 5.78 9.87 37.45
C GLN F 102 6.57 10.84 38.35
N ILE F 103 6.37 10.81 39.67
CA ILE F 103 7.19 11.59 40.61
C ILE F 103 8.54 10.91 40.76
N ILE F 104 8.56 9.61 41.02
CA ILE F 104 9.79 8.86 41.24
C ILE F 104 10.71 8.96 40.00
N TYR F 105 10.16 8.84 38.80
CA TYR F 105 10.92 8.98 37.57
C TYR F 105 11.56 10.37 37.46
N GLY F 106 10.88 11.41 37.95
CA GLY F 106 11.45 12.75 38.05
C GLY F 106 12.62 12.81 39.03
N LEU F 107 12.45 12.24 40.23
CA LEU F 107 13.52 12.22 41.23
C LEU F 107 14.75 11.45 40.75
N LEU F 108 14.57 10.34 40.02
CA LEU F 108 15.69 9.62 39.45
C LEU F 108 16.47 10.49 38.45
N GLU F 109 15.79 11.12 37.50
CA GLU F 109 16.44 11.99 36.52
C GLU F 109 17.21 13.12 37.22
N GLU F 110 16.62 13.73 38.23
CA GLU F 110 17.27 14.74 39.05
C GLU F 110 18.54 14.16 39.69
N SER F 111 18.43 13.03 40.38
CA SER F 111 19.54 12.48 41.14
C SER F 111 20.71 12.07 40.23
N GLN F 112 20.44 11.50 39.04
CA GLN F 112 21.53 11.15 38.14
C GLN F 112 22.30 12.38 37.67
N ASN F 113 21.61 13.48 37.30
CA ASN F 113 22.28 14.71 36.88
C ASN F 113 23.28 15.21 37.92
N GLN F 114 22.92 15.16 39.21
CA GLN F 114 23.85 15.53 40.28
C GLN F 114 25.12 14.69 40.22
N GLN F 115 24.98 13.37 40.04
CA GLN F 115 26.15 12.51 39.99
C GLN F 115 27.01 12.76 38.75
N GLU F 116 26.42 13.10 37.60
CA GLU F 116 27.24 13.51 36.45
C GLU F 116 28.03 14.78 36.76
N LYS F 117 27.41 15.78 37.40
CA LYS F 117 28.12 17.00 37.78
C LYS F 117 29.25 16.69 38.76
N ASN F 118 29.00 15.86 39.77
CA ASN F 118 30.03 15.43 40.72
C ASN F 118 31.19 14.74 40.01
N GLU F 119 30.89 13.75 39.18
CA GLU F 119 31.91 12.99 38.46
C GLU F 119 32.75 13.90 37.57
N GLN F 120 32.12 14.79 36.82
CA GLN F 120 32.84 15.75 35.98
C GLN F 120 33.74 16.66 36.80
N ASP F 121 33.23 17.27 37.87
CA ASP F 121 34.05 18.15 38.69
C ASP F 121 35.22 17.40 39.32
N LEU F 122 35.02 16.19 39.84
CA LEU F 122 36.10 15.42 40.42
C LEU F 122 37.15 15.03 39.38
N LEU F 123 36.75 14.44 38.26
CA LEU F 123 37.68 14.02 37.21
C LEU F 123 38.42 15.21 36.60
N ALA F 124 37.78 16.38 36.53
CA ALA F 124 38.40 17.61 36.08
C ALA F 124 39.40 18.17 37.09
N LEU F 125 38.95 18.46 38.30
CA LEU F 125 39.69 19.28 39.26
C LEU F 125 40.79 18.49 39.99
N ASP F 126 40.67 17.16 40.10
CA ASP F 126 41.71 16.31 40.68
C ASP F 126 42.97 16.25 39.80
N GLN G 1 -26.52 16.37 13.50
CA GLN G 1 -26.07 15.25 12.65
C GLN G 1 -27.21 14.27 12.35
N VAL G 2 -27.59 13.39 13.29
CA VAL G 2 -28.60 12.33 13.03
C VAL G 2 -30.02 12.87 12.94
N ARG G 3 -30.87 12.17 12.20
CA ARG G 3 -32.32 12.40 12.18
C ARG G 3 -33.09 11.08 12.07
N LEU G 4 -34.33 11.13 12.54
CA LEU G 4 -35.39 10.17 12.24
C LEU G 4 -36.62 10.95 11.77
N ALA G 5 -36.72 11.19 10.46
CA ALA G 5 -37.92 11.76 9.88
C ALA G 5 -39.06 10.74 9.88
N GLN G 6 -40.31 11.20 9.83
CA GLN G 6 -41.49 10.33 9.78
C GLN G 6 -42.55 10.84 8.82
N TYR G 7 -43.42 9.94 8.38
CA TYR G 7 -44.56 10.22 7.49
C TYR G 7 -45.78 9.39 7.90
N GLY G 8 -46.77 9.27 7.03
CA GLY G 8 -47.93 8.37 7.18
C GLY G 8 -48.99 8.79 8.20
N GLY G 9 -48.72 9.79 9.03
CA GLY G 9 -49.68 10.30 10.00
C GLY G 9 -50.88 10.98 9.35
N GLY G 10 -52.04 10.88 9.98
CA GLY G 10 -53.31 11.44 9.48
C GLY G 10 -54.53 10.71 10.02
N VAL G 11 -55.70 11.07 9.50
CA VAL G 11 -56.95 10.36 9.76
C VAL G 11 -56.92 8.99 9.08
N LYS G 12 -57.34 7.94 9.78
CA LYS G 12 -57.50 6.58 9.28
C LYS G 12 -58.90 6.06 9.60
N ARG G 13 -59.48 5.31 8.68
CA ARG G 13 -60.84 4.75 8.81
C ARG G 13 -60.87 3.63 9.85
N LEU G 14 -61.99 3.49 10.56
CA LEU G 14 -62.16 2.48 11.60
C LEU G 14 -61.95 1.07 11.02
N GLY G 15 -61.18 0.22 11.71
CA GLY G 15 -60.92 -1.15 11.27
C GLY G 15 -59.95 -1.29 10.09
N ALA G 16 -59.44 -0.20 9.52
CA ALA G 16 -58.50 -0.24 8.40
C ALA G 16 -57.12 -0.77 8.81
N THR G 17 -56.24 -0.95 7.83
CA THR G 17 -54.80 -1.20 8.03
C THR G 17 -53.99 0.01 7.59
N MET G 18 -52.96 0.36 8.35
CA MET G 18 -52.04 1.45 8.02
C MET G 18 -50.58 0.99 8.01
N THR G 19 -49.77 1.61 7.18
CA THR G 19 -48.32 1.54 7.29
C THR G 19 -47.80 2.93 7.64
N LEU G 20 -47.20 3.11 8.82
CA LEU G 20 -46.38 4.29 9.14
C LEU G 20 -44.94 4.05 8.71
N SER G 21 -44.15 5.11 8.56
CA SER G 21 -42.77 4.98 8.11
C SER G 21 -41.84 6.00 8.75
N CYS G 22 -40.57 5.63 8.81
CA CYS G 22 -39.50 6.37 9.45
C CYS G 22 -38.24 6.29 8.59
N VAL G 23 -37.56 7.41 8.40
CA VAL G 23 -36.38 7.51 7.55
C VAL G 23 -35.20 8.00 8.38
N ALA G 24 -34.14 7.22 8.44
CA ALA G 24 -32.93 7.56 9.16
C ALA G 24 -31.90 8.29 8.30
N SER G 25 -31.01 9.05 8.93
CA SER G 25 -29.80 9.57 8.29
C SER G 25 -28.73 9.94 9.31
N GLY G 26 -27.49 10.09 8.83
CA GLY G 26 -26.37 10.64 9.61
C GLY G 26 -25.57 9.66 10.45
N TYR G 27 -25.97 8.39 10.51
CA TYR G 27 -25.27 7.34 11.27
C TYR G 27 -25.26 5.99 10.56
N THR G 28 -24.39 5.09 10.97
CA THR G 28 -24.23 3.76 10.40
C THR G 28 -25.49 2.91 10.61
N PHE G 29 -26.29 2.71 9.57
CA PHE G 29 -27.66 2.20 9.70
C PHE G 29 -27.76 0.81 10.33
N ASN G 30 -26.73 -0.03 10.20
CA ASN G 30 -26.72 -1.38 10.79
C ASN G 30 -26.48 -1.41 12.31
N ASP G 31 -26.01 -0.33 12.94
CA ASP G 31 -25.44 -0.43 14.30
C ASP G 31 -26.44 -0.24 15.45
N TYR G 32 -27.64 0.28 15.19
CA TYR G 32 -28.57 0.67 16.24
C TYR G 32 -29.93 0.03 16.04
N TYR G 33 -30.53 -0.48 17.09
CA TYR G 33 -31.90 -0.99 17.02
C TYR G 33 -32.89 0.18 16.99
N ILE G 34 -34.01 0.01 16.31
CA ILE G 34 -35.10 0.99 16.29
C ILE G 34 -36.28 0.44 17.07
N HIS G 35 -36.85 1.25 17.95
CA HIS G 35 -38.06 0.91 18.69
C HIS G 35 -39.22 1.78 18.23
N TRP G 36 -40.41 1.19 18.16
CA TRP G 36 -41.65 1.90 17.87
C TRP G 36 -42.43 2.09 19.16
N VAL G 37 -42.69 3.34 19.51
CA VAL G 37 -43.35 3.69 20.76
C VAL G 37 -44.46 4.69 20.52
N ARG G 38 -45.49 4.67 21.36
CA ARG G 38 -46.66 5.52 21.18
C ARG G 38 -47.16 6.13 22.47
N GLN G 39 -47.94 7.18 22.33
CA GLN G 39 -48.64 7.83 23.43
C GLN G 39 -50.06 8.18 23.00
N ALA G 40 -51.04 7.46 23.55
CA ALA G 40 -52.43 7.90 23.52
C ALA G 40 -52.62 9.15 24.41
N PRO G 41 -53.53 10.06 24.07
CA PRO G 41 -53.77 11.25 24.86
C PRO G 41 -54.23 10.89 26.28
N GLY G 42 -53.59 11.49 27.29
CA GLY G 42 -53.86 11.21 28.71
C GLY G 42 -53.26 9.92 29.26
N GLN G 43 -52.38 9.24 28.51
CA GLN G 43 -51.70 8.01 28.92
C GLN G 43 -50.18 8.18 28.91
N GLY G 44 -49.46 7.45 29.75
CA GLY G 44 -48.00 7.35 29.65
C GLY G 44 -47.55 6.63 28.38
N PHE G 45 -46.29 6.82 27.99
CA PHE G 45 -45.73 6.13 26.82
C PHE G 45 -45.82 4.61 26.93
N GLU G 46 -45.84 3.96 25.78
CA GLU G 46 -46.03 2.53 25.61
C GLU G 46 -45.14 2.02 24.47
N LEU G 47 -44.57 0.82 24.60
CA LEU G 47 -43.72 0.22 23.58
C LEU G 47 -44.52 -0.77 22.74
N LEU G 48 -44.42 -0.66 21.42
CA LEU G 48 -45.02 -1.60 20.48
C LEU G 48 -44.08 -2.76 20.18
N GLY G 49 -42.80 -2.46 20.02
CA GLY G 49 -41.79 -3.45 19.69
C GLY G 49 -40.52 -2.83 19.14
N TYR G 50 -39.59 -3.65 18.69
CA TYR G 50 -38.34 -3.18 18.11
C TYR G 50 -37.90 -4.05 16.94
N ILE G 51 -37.06 -3.48 16.09
CA ILE G 51 -36.53 -4.13 14.90
C ILE G 51 -35.04 -3.87 14.79
N ASP G 52 -34.29 -4.91 14.48
CA ASP G 52 -32.89 -4.78 14.11
C ASP G 52 -32.82 -4.47 12.62
N PRO G 53 -32.39 -3.28 12.20
CA PRO G 53 -32.35 -2.92 10.79
C PRO G 53 -31.38 -3.81 10.01
N ALA G 54 -30.34 -4.35 10.63
CA ALA G 54 -29.30 -5.04 9.90
C ALA G 54 -29.84 -6.32 9.22
N ASN G 55 -30.46 -7.22 9.97
CA ASN G 55 -31.04 -8.47 9.47
C ASN G 55 -32.58 -8.44 9.34
N GLY G 56 -33.23 -7.37 9.81
CA GLY G 56 -34.68 -7.25 9.76
C GLY G 56 -35.43 -8.05 10.81
N ARG G 57 -34.76 -8.58 11.84
CA ARG G 57 -35.44 -9.33 12.91
C ARG G 57 -36.39 -8.42 13.69
N PRO G 58 -37.66 -8.78 13.86
CA PRO G 58 -38.59 -8.04 14.68
C PRO G 58 -38.81 -8.70 16.04
N ASP G 59 -39.30 -7.92 16.99
CA ASP G 59 -39.83 -8.38 18.28
C ASP G 59 -40.97 -7.47 18.77
N TYR G 60 -42.00 -8.04 19.40
CA TYR G 60 -43.29 -7.37 19.62
C TYR G 60 -43.77 -7.42 21.06
N ALA G 61 -44.50 -6.41 21.50
CA ALA G 61 -45.24 -6.46 22.75
C ALA G 61 -46.32 -7.55 22.70
N GLY G 62 -46.48 -8.32 23.78
CA GLY G 62 -47.37 -9.49 23.80
C GLY G 62 -48.85 -9.18 23.53
N ALA G 63 -49.30 -7.96 23.81
CA ALA G 63 -50.66 -7.52 23.53
C ALA G 63 -50.97 -7.35 22.03
N LEU G 64 -49.95 -7.11 21.19
CA LEU G 64 -50.13 -6.63 19.81
C LEU G 64 -49.47 -7.52 18.75
N ARG G 65 -48.92 -8.67 19.16
CA ARG G 65 -48.19 -9.63 18.31
C ARG G 65 -48.99 -10.09 17.08
N GLU G 66 -50.31 -10.14 17.19
CA GLU G 66 -51.19 -10.52 16.08
C GLU G 66 -51.37 -9.41 15.04
N ARG G 67 -51.29 -8.15 15.47
CA ARG G 67 -51.74 -6.98 14.70
C ARG G 67 -50.59 -6.23 14.04
N LEU G 68 -49.43 -6.18 14.67
CA LEU G 68 -48.26 -5.46 14.18
C LEU G 68 -47.46 -6.27 13.16
N SER G 69 -46.73 -5.60 12.28
CA SER G 69 -45.55 -6.17 11.60
C SER G 69 -44.55 -5.09 11.23
N PHE G 70 -43.24 -5.39 11.25
CA PHE G 70 -42.19 -4.43 10.91
C PHE G 70 -41.33 -4.93 9.75
N TYR G 71 -40.86 -4.03 8.89
CA TYR G 71 -39.91 -4.36 7.82
C TYR G 71 -39.13 -3.11 7.40
N ARG G 72 -37.99 -3.30 6.72
CA ARG G 72 -37.13 -2.19 6.29
C ARG G 72 -36.63 -2.33 4.86
N ASP G 73 -36.62 -1.24 4.11
CA ASP G 73 -35.99 -1.16 2.80
C ASP G 73 -34.55 -0.69 2.99
N LYS G 74 -33.66 -1.66 3.23
CA LYS G 74 -32.35 -1.39 3.82
C LYS G 74 -31.49 -0.43 3.03
N SER G 75 -31.54 -0.50 1.70
CA SER G 75 -30.79 0.41 0.82
C SER G 75 -31.24 1.87 0.97
N MET G 76 -32.47 2.10 1.44
CA MET G 76 -33.05 3.42 1.64
C MET G 76 -32.95 3.92 3.09
N GLU G 77 -32.31 3.18 4.01
CA GLU G 77 -32.23 3.57 5.43
C GLU G 77 -33.62 3.87 6.02
N THR G 78 -34.62 3.07 5.62
CA THR G 78 -36.04 3.37 5.80
C THR G 78 -36.77 2.19 6.42
N LEU G 79 -37.58 2.46 7.43
CA LEU G 79 -38.36 1.46 8.15
C LEU G 79 -39.85 1.71 8.01
N TYR G 80 -40.62 0.63 8.06
CA TYR G 80 -42.07 0.64 7.95
C TYR G 80 -42.67 -0.16 9.09
N MET G 81 -43.76 0.36 9.64
CA MET G 81 -44.57 -0.32 10.64
C MET G 81 -45.98 -0.49 10.10
N ASP G 82 -46.41 -1.73 9.91
CA ASP G 82 -47.81 -2.03 9.69
C ASP G 82 -48.49 -2.20 11.04
N LEU G 83 -49.64 -1.55 11.22
CA LEU G 83 -50.63 -1.98 12.20
C LEU G 83 -51.91 -2.36 11.48
N ARG G 84 -52.27 -3.64 11.54
CA ARG G 84 -53.51 -4.16 10.96
C ARG G 84 -54.70 -3.89 11.87
N SER G 85 -55.89 -3.82 11.29
CA SER G 85 -57.17 -3.83 12.00
C SER G 85 -57.24 -2.78 13.10
N LEU G 86 -57.12 -1.49 12.76
CA LEU G 86 -57.13 -0.37 13.70
C LEU G 86 -58.41 -0.34 14.56
N ARG G 87 -58.29 0.10 15.82
CA ARG G 87 -59.42 0.38 16.72
C ARG G 87 -59.29 1.78 17.30
N TYR G 88 -60.40 2.33 17.81
CA TYR G 88 -60.50 3.72 18.27
C TYR G 88 -59.35 4.12 19.21
N ASP G 89 -58.98 3.24 20.13
CA ASP G 89 -57.92 3.41 21.12
C ASP G 89 -56.49 3.41 20.54
N ASP G 90 -56.27 3.00 19.29
CA ASP G 90 -54.97 3.21 18.64
C ASP G 90 -54.71 4.69 18.31
N THR G 91 -55.70 5.57 18.46
CA THR G 91 -55.57 7.02 18.29
C THR G 91 -54.50 7.57 19.22
N ALA G 92 -53.37 8.00 18.66
CA ALA G 92 -52.17 8.32 19.43
C ALA G 92 -51.12 9.06 18.57
N MET G 93 -50.10 9.61 19.23
CA MET G 93 -48.84 9.95 18.59
C MET G 93 -47.93 8.71 18.52
N TYR G 94 -47.32 8.43 17.37
CA TYR G 94 -46.39 7.33 17.15
C TYR G 94 -45.00 7.85 16.81
N TYR G 95 -43.97 7.33 17.47
CA TYR G 95 -42.57 7.66 17.22
C TYR G 95 -41.75 6.43 16.86
N CYS G 96 -40.86 6.56 15.88
CA CYS G 96 -39.66 5.72 15.86
C CYS G 96 -38.57 6.36 16.73
N VAL G 97 -37.83 5.54 17.46
CA VAL G 97 -36.83 5.98 18.43
C VAL G 97 -35.58 5.13 18.31
N ARG G 98 -34.39 5.73 18.39
CA ARG G 98 -33.11 5.03 18.33
C ARG G 98 -32.67 4.54 19.70
N ASN G 99 -32.18 3.31 19.76
CA ASN G 99 -31.76 2.66 20.99
C ASN G 99 -30.27 2.33 20.95
N VAL G 100 -29.53 2.80 21.96
CA VAL G 100 -28.11 2.45 22.11
C VAL G 100 -27.98 1.04 22.65
N GLY G 101 -26.91 0.35 22.29
CA GLY G 101 -26.57 -0.93 22.92
C GLY G 101 -25.11 -1.29 22.72
N THR G 102 -24.53 -1.98 23.69
CA THR G 102 -23.26 -2.70 23.51
C THR G 102 -23.48 -3.93 22.63
N ALA G 103 -22.42 -4.66 22.30
CA ALA G 103 -22.55 -5.94 21.62
C ALA G 103 -23.42 -6.95 22.41
N GLY G 104 -23.54 -6.78 23.73
CA GLY G 104 -24.28 -7.68 24.61
C GLY G 104 -25.71 -7.24 24.90
N SER G 105 -25.94 -5.98 25.23
CA SER G 105 -27.25 -5.53 25.71
C SER G 105 -27.71 -4.22 25.09
N LEU G 106 -29.01 -4.20 24.78
CA LEU G 106 -29.78 -3.00 24.45
C LEU G 106 -30.03 -2.19 25.72
N LEU G 107 -30.00 -0.86 25.64
CA LEU G 107 -29.98 0.02 26.83
C LEU G 107 -31.05 1.11 26.74
N HIS G 108 -30.72 2.36 27.06
CA HIS G 108 -31.58 3.54 26.94
C HIS G 108 -31.78 4.01 25.48
N TYR G 109 -32.74 4.92 25.28
CA TYR G 109 -32.93 5.62 24.02
C TYR G 109 -32.13 6.91 23.95
N ASP G 110 -31.60 7.28 22.78
CA ASP G 110 -30.77 8.50 22.64
C ASP G 110 -31.26 9.51 21.62
N HIS G 111 -32.29 9.20 20.85
CA HIS G 111 -32.81 10.12 19.85
C HIS G 111 -34.23 9.73 19.43
N TRP G 112 -35.13 10.70 19.38
CA TRP G 112 -36.52 10.49 19.01
C TRP G 112 -36.82 11.13 17.66
N GLY G 113 -37.55 10.43 16.80
CA GLY G 113 -38.04 10.99 15.54
C GLY G 113 -39.08 12.08 15.70
N SER G 114 -39.48 12.69 14.60
CA SER G 114 -40.36 13.86 14.59
C SER G 114 -41.78 13.60 15.10
N GLY G 115 -42.21 12.33 15.15
CA GLY G 115 -43.55 11.93 15.58
C GLY G 115 -44.62 12.09 14.50
N SER G 116 -45.46 11.06 14.36
CA SER G 116 -46.61 11.05 13.47
C SER G 116 -47.89 10.88 14.29
N PRO G 117 -48.84 11.82 14.27
CA PRO G 117 -50.14 11.63 14.88
C PRO G 117 -51.01 10.72 14.02
N VAL G 118 -51.86 9.92 14.65
CA VAL G 118 -52.87 9.10 13.97
C VAL G 118 -54.19 9.22 14.68
N ILE G 119 -55.26 9.42 13.92
CA ILE G 119 -56.63 9.52 14.45
C ILE G 119 -57.49 8.43 13.81
N VAL G 120 -58.08 7.56 14.62
CA VAL G 120 -58.88 6.43 14.15
C VAL G 120 -60.36 6.78 14.24
N SER G 121 -60.93 7.32 13.16
CA SER G 121 -62.37 7.50 13.01
C SER G 121 -62.76 7.79 11.56
N SER G 122 -63.80 7.13 11.05
CA SER G 122 -64.31 7.35 9.68
C SER G 122 -65.13 8.62 9.59
N GLU H 1 -44.48 -7.38 33.63
CA GLU H 1 -44.42 -5.95 33.25
C GLU H 1 -43.99 -5.10 34.45
N ILE H 2 -42.77 -4.54 34.42
CA ILE H 2 -42.30 -3.66 35.51
C ILE H 2 -42.98 -2.29 35.43
N VAL H 3 -43.75 -1.94 36.45
CA VAL H 3 -44.37 -0.62 36.57
C VAL H 3 -43.34 0.41 37.01
N LEU H 4 -43.42 1.62 36.45
CA LEU H 4 -42.83 2.82 37.06
C LEU H 4 -43.93 3.76 37.55
N THR H 5 -43.78 4.25 38.78
CA THR H 5 -44.59 5.34 39.34
C THR H 5 -43.72 6.58 39.45
N GLN H 6 -44.13 7.70 38.85
CA GLN H 6 -43.54 9.00 39.16
C GLN H 6 -44.30 9.72 40.27
N SER H 7 -43.60 10.54 41.05
CA SER H 7 -44.23 11.45 42.01
C SER H 7 -43.43 12.75 42.17
N PRO H 8 -44.10 13.91 42.34
CA PRO H 8 -45.55 14.10 42.19
C PRO H 8 -45.99 13.98 40.72
N ALA H 9 -47.29 13.95 40.46
CA ALA H 9 -47.83 14.07 39.10
C ALA H 9 -47.57 15.48 38.53
N THR H 10 -47.78 16.52 39.34
CA THR H 10 -47.45 17.91 39.02
C THR H 10 -46.68 18.57 40.17
N LEU H 11 -45.61 19.29 39.85
CA LEU H 11 -44.68 19.89 40.80
C LEU H 11 -44.71 21.42 40.71
N SER H 12 -45.08 22.07 41.82
CA SER H 12 -45.13 23.54 41.95
C SER H 12 -43.76 24.15 42.25
N ALA H 13 -43.26 25.04 41.41
CA ALA H 13 -41.95 25.67 41.57
C ALA H 13 -41.90 27.12 41.05
N SER H 14 -40.81 27.82 41.35
CA SER H 14 -40.50 29.18 40.87
C SER H 14 -39.14 29.22 40.16
N PRO H 15 -38.93 30.13 39.20
CA PRO H 15 -37.69 30.20 38.44
C PRO H 15 -36.47 30.39 39.34
N GLY H 16 -35.32 29.85 38.94
CA GLY H 16 -34.06 29.88 39.69
C GLY H 16 -34.00 28.96 40.90
N GLU H 17 -35.09 28.30 41.30
CA GLU H 17 -35.07 27.33 42.39
C GLU H 17 -34.41 26.00 41.99
N ARG H 18 -33.82 25.31 42.97
CA ARG H 18 -33.51 23.88 42.87
C ARG H 18 -34.76 23.04 43.11
N VAL H 19 -34.97 22.02 42.28
CA VAL H 19 -36.21 21.21 42.21
C VAL H 19 -35.87 19.73 42.04
N THR H 20 -36.65 18.84 42.66
CA THR H 20 -36.42 17.39 42.65
C THR H 20 -37.66 16.59 42.26
N LEU H 21 -37.51 15.62 41.36
CA LEU H 21 -38.53 14.72 40.83
C LEU H 21 -38.18 13.28 41.20
N THR H 22 -39.18 12.45 41.48
CA THR H 22 -38.96 11.08 41.99
C THR H 22 -39.64 10.02 41.13
N CYS H 23 -39.02 8.85 41.03
CA CYS H 23 -39.55 7.69 40.34
C CYS H 23 -39.29 6.42 41.15
N ARG H 24 -40.25 5.50 41.22
CA ARG H 24 -40.12 4.20 41.89
C ARG H 24 -40.59 3.06 41.02
N ALA H 25 -39.97 1.89 41.19
CA ALA H 25 -40.24 0.69 40.41
C ALA H 25 -40.90 -0.41 41.25
N SER H 26 -41.74 -1.24 40.64
CA SER H 26 -42.44 -2.33 41.35
C SER H 26 -41.52 -3.41 41.91
N ARG H 27 -40.32 -3.56 41.35
CA ARG H 27 -39.19 -4.33 41.88
C ARG H 27 -37.88 -3.77 41.34
N SER H 28 -36.74 -4.31 41.76
CA SER H 28 -35.42 -3.81 41.35
C SER H 28 -35.24 -3.72 39.84
N VAL H 29 -34.60 -2.64 39.41
CA VAL H 29 -34.16 -2.41 38.03
C VAL H 29 -32.68 -2.06 37.98
N ARG H 30 -31.93 -2.44 39.02
CA ARG H 30 -30.53 -2.02 39.22
C ARG H 30 -30.45 -0.50 39.09
N ASN H 31 -29.43 0.02 38.39
CA ASN H 31 -29.38 1.42 37.99
C ASN H 31 -29.85 1.67 36.55
N ASN H 32 -30.48 0.71 35.88
CA ASN H 32 -30.76 0.78 34.43
C ASN H 32 -31.98 1.67 34.10
N VAL H 33 -31.90 2.93 34.50
CA VAL H 33 -32.97 3.92 34.46
C VAL H 33 -32.46 5.17 33.78
N ALA H 34 -33.33 5.85 33.04
CA ALA H 34 -33.04 7.10 32.38
C ALA H 34 -34.18 8.11 32.53
N TRP H 35 -33.86 9.37 32.32
CA TRP H 35 -34.76 10.51 32.43
C TRP H 35 -34.73 11.35 31.16
N TYR H 36 -35.90 11.81 30.74
CA TYR H 36 -36.08 12.58 29.52
C TYR H 36 -36.88 13.85 29.80
N GLN H 37 -36.47 14.95 29.18
CA GLN H 37 -37.30 16.15 29.08
C GLN H 37 -38.21 16.02 27.87
N HIS H 38 -39.48 16.37 28.04
CA HIS H 38 -40.49 16.39 26.98
C HIS H 38 -41.05 17.80 26.85
N LYS H 39 -40.47 18.61 25.96
CA LYS H 39 -41.02 19.91 25.58
C LYS H 39 -42.35 19.74 24.86
N GLY H 40 -43.29 20.66 25.07
CA GLY H 40 -44.66 20.55 24.57
C GLY H 40 -44.73 20.38 23.05
N GLY H 41 -45.40 19.33 22.58
CA GLY H 41 -45.62 19.06 21.16
C GLY H 41 -44.37 18.70 20.35
N GLN H 42 -43.28 18.30 20.99
CA GLN H 42 -41.97 18.08 20.35
C GLN H 42 -41.38 16.71 20.71
N SER H 43 -40.44 16.23 19.90
CA SER H 43 -39.67 15.02 20.19
C SER H 43 -38.93 15.17 21.53
N PRO H 44 -39.09 14.24 22.49
CA PRO H 44 -38.35 14.28 23.75
C PRO H 44 -36.83 14.33 23.58
N ARG H 45 -36.11 14.68 24.65
CA ARG H 45 -34.65 14.63 24.72
C ARG H 45 -34.18 13.91 25.98
N LEU H 46 -33.11 13.14 25.82
CA LEU H 46 -32.40 12.48 26.91
C LEU H 46 -31.74 13.50 27.84
N LEU H 47 -31.90 13.33 29.16
CA LEU H 47 -31.13 14.05 30.17
C LEU H 47 -30.05 13.17 30.78
N ILE H 48 -30.46 12.07 31.40
CA ILE H 48 -29.61 11.23 32.24
C ILE H 48 -29.93 9.77 31.96
N TYR H 49 -28.92 8.91 32.03
CA TYR H 49 -29.06 7.47 31.98
C TYR H 49 -28.17 6.79 33.02
N ASP H 50 -28.38 5.49 33.21
CA ASP H 50 -27.83 4.71 34.32
C ASP H 50 -28.03 5.42 35.68
N ALA H 51 -29.19 6.05 35.83
CA ALA H 51 -29.63 6.86 36.96
C ALA H 51 -28.70 8.03 37.37
N SER H 52 -27.66 8.34 36.60
CA SER H 52 -26.56 9.16 37.12
C SER H 52 -25.68 9.81 36.06
N THR H 53 -25.54 9.21 34.88
CA THR H 53 -24.73 9.76 33.80
C THR H 53 -25.52 10.82 33.05
N ARG H 54 -25.14 12.09 33.18
CA ARG H 54 -25.65 13.17 32.33
C ARG H 54 -25.12 12.98 30.91
N ALA H 55 -26.02 12.99 29.92
CA ALA H 55 -25.63 12.79 28.53
C ALA H 55 -24.90 14.01 27.92
N ALA H 56 -24.19 13.80 26.82
CA ALA H 56 -23.49 14.88 26.13
C ALA H 56 -24.44 16.01 25.69
N GLY H 57 -23.99 17.26 25.81
CA GLY H 57 -24.76 18.45 25.44
C GLY H 57 -25.92 18.81 26.38
N VAL H 58 -26.26 17.97 27.36
CA VAL H 58 -27.29 18.26 28.36
C VAL H 58 -26.82 19.35 29.32
N PRO H 59 -27.68 20.32 29.71
CA PRO H 59 -27.32 21.34 30.68
C PRO H 59 -26.84 20.78 32.03
N ALA H 60 -25.76 21.36 32.56
CA ALA H 60 -25.15 20.92 33.82
C ALA H 60 -26.09 21.03 35.03
N ARG H 61 -27.12 21.89 34.96
CA ARG H 61 -28.14 22.04 36.01
C ARG H 61 -28.90 20.76 36.34
N PHE H 62 -28.97 19.80 35.42
CA PHE H 62 -29.58 18.49 35.67
C PHE H 62 -28.62 17.54 36.38
N SER H 63 -29.12 16.71 37.29
CA SER H 63 -28.35 15.66 37.98
C SER H 63 -29.29 14.57 38.51
N GLY H 64 -28.77 13.42 38.89
CA GLY H 64 -29.60 12.32 39.39
C GLY H 64 -28.86 11.26 40.18
N SER H 65 -29.61 10.47 40.93
CA SER H 65 -29.11 9.47 41.88
C SER H 65 -30.15 8.40 42.16
N ALA H 66 -29.75 7.31 42.83
CA ALA H 66 -30.60 6.15 43.09
C ALA H 66 -30.36 5.51 44.46
N SER H 67 -31.36 4.80 44.96
CA SER H 67 -31.30 3.99 46.17
C SER H 67 -32.32 2.85 46.10
N GLY H 68 -31.85 1.61 46.01
CA GLY H 68 -32.73 0.44 45.90
C GLY H 68 -33.69 0.55 44.71
N THR H 69 -35.00 0.50 44.99
CA THR H 69 -36.07 0.62 43.99
C THR H 69 -36.50 2.05 43.67
N GLU H 70 -35.73 3.06 44.08
CA GLU H 70 -36.10 4.48 43.95
C GLU H 70 -35.02 5.32 43.28
N PHE H 71 -35.47 6.25 42.44
CA PHE H 71 -34.64 7.04 41.52
C PHE H 71 -35.04 8.50 41.61
N THR H 72 -34.05 9.38 41.55
CA THR H 72 -34.25 10.81 41.79
C THR H 72 -33.57 11.63 40.71
N LEU H 73 -34.32 12.56 40.13
CA LEU H 73 -33.85 13.57 39.18
C LEU H 73 -33.88 14.92 39.88
N ALA H 74 -32.84 15.72 39.73
CA ALA H 74 -32.78 17.08 40.26
C ALA H 74 -32.38 18.10 39.19
N ILE H 75 -32.86 19.33 39.37
CA ILE H 75 -32.57 20.48 38.51
C ILE H 75 -32.15 21.64 39.41
N SER H 76 -31.03 22.31 39.17
CA SER H 76 -30.54 23.36 40.07
C SER H 76 -31.24 24.72 39.92
N ASN H 77 -31.76 25.01 38.74
CA ASN H 77 -32.38 26.29 38.36
C ASN H 77 -33.56 26.03 37.43
N LEU H 78 -34.80 26.19 37.93
CA LEU H 78 -35.97 26.22 37.04
C LEU H 78 -35.92 27.45 36.12
N GLU H 79 -36.52 27.31 34.94
CA GLU H 79 -36.58 28.32 33.87
C GLU H 79 -37.83 28.05 33.01
N SER H 80 -38.21 29.00 32.15
CA SER H 80 -39.26 28.78 31.14
C SER H 80 -38.99 27.57 30.23
N GLU H 81 -37.72 27.20 30.02
CA GLU H 81 -37.34 25.94 29.36
C GLU H 81 -37.89 24.70 30.10
N ASP H 82 -37.93 24.78 31.43
CA ASP H 82 -37.97 23.61 32.28
C ASP H 82 -39.27 23.47 33.08
N PHE H 83 -40.14 24.48 33.08
CA PHE H 83 -41.54 24.32 33.45
C PHE H 83 -42.29 23.49 32.39
N THR H 84 -42.02 22.18 32.37
CA THR H 84 -42.39 21.27 31.30
C THR H 84 -42.55 19.84 31.82
N VAL H 85 -42.93 18.90 30.95
CA VAL H 85 -43.04 17.49 31.28
C VAL H 85 -41.68 16.78 31.29
N TYR H 86 -41.52 15.82 32.20
CA TYR H 86 -40.39 14.89 32.25
C TYR H 86 -40.87 13.49 32.57
N PHE H 87 -40.15 12.47 32.09
CA PHE H 87 -40.46 11.09 32.43
C PHE H 87 -39.22 10.23 32.72
N CYS H 88 -39.39 9.30 33.63
CA CYS H 88 -38.45 8.21 33.86
C CYS H 88 -38.79 7.00 32.97
N LEU H 89 -37.76 6.26 32.58
CA LEU H 89 -37.79 5.06 31.76
C LEU H 89 -36.88 4.03 32.40
N GLN H 90 -37.27 2.77 32.42
CA GLN H 90 -36.38 1.68 32.83
C GLN H 90 -36.16 0.71 31.68
N TYR H 91 -34.95 0.19 31.59
CA TYR H 91 -34.51 -0.75 30.56
C TYR H 91 -33.81 -1.97 31.18
N ASN H 92 -34.05 -2.27 32.45
CA ASN H 92 -33.53 -3.47 33.07
C ASN H 92 -34.18 -4.72 32.50
N ASN H 93 -35.50 -4.72 32.44
CA ASN H 93 -36.32 -5.84 32.01
C ASN H 93 -37.45 -5.35 31.10
N TRP H 94 -37.69 -6.10 30.03
CA TRP H 94 -38.41 -5.65 28.84
C TRP H 94 -37.83 -4.39 28.20
N TRP H 95 -39.59 -2.38 27.50
CA TRP H 95 -39.22 -1.15 28.16
C TRP H 95 -40.49 -0.54 28.75
N THR H 96 -40.40 0.18 29.87
CA THR H 96 -41.58 0.82 30.44
C THR H 96 -41.27 2.20 30.99
N PHE H 97 -42.27 3.07 30.89
CA PHE H 97 -42.16 4.48 31.22
C PHE H 97 -43.06 4.81 32.40
N GLY H 98 -42.70 5.83 33.17
CA GLY H 98 -43.63 6.43 34.12
C GLY H 98 -44.79 7.17 33.44
N GLN H 99 -45.80 7.55 34.21
CA GLN H 99 -46.92 8.38 33.74
C GLN H 99 -46.51 9.82 33.36
N GLY H 100 -45.24 10.19 33.50
CA GLY H 100 -44.74 11.55 33.32
C GLY H 100 -45.10 12.47 34.49
N THR H 101 -44.34 13.55 34.63
CA THR H 101 -44.54 14.60 35.64
C THR H 101 -44.42 15.94 34.96
N ARG H 102 -45.30 16.88 35.30
CA ARG H 102 -45.24 18.27 34.84
C ARG H 102 -44.67 19.16 35.94
N VAL H 103 -43.75 20.07 35.61
CA VAL H 103 -43.32 21.13 36.53
C VAL H 103 -43.97 22.44 36.10
N ASP H 104 -44.66 23.14 37.00
CA ASP H 104 -45.33 24.40 36.69
C ASP H 104 -45.20 25.45 37.81
N ILE H 105 -45.63 26.69 37.51
CA ILE H 105 -45.31 27.87 38.31
C ILE H 105 -45.74 27.72 39.79
N GLU I 1 46.01 -24.05 29.85
CA GLU I 1 45.37 -24.08 31.19
C GLU I 1 44.77 -22.71 31.57
N ASN I 2 43.83 -22.70 32.52
CA ASN I 2 43.17 -21.50 33.06
C ASN I 2 42.46 -20.66 31.99
N LEU I 3 41.44 -21.24 31.36
CA LEU I 3 40.68 -20.62 30.27
C LEU I 3 39.21 -20.41 30.61
N TRP I 4 38.65 -19.32 30.11
CA TRP I 4 37.27 -18.93 30.35
C TRP I 4 36.63 -18.39 29.07
N VAL I 5 35.31 -18.42 29.01
CA VAL I 5 34.53 -17.88 27.90
C VAL I 5 34.77 -16.38 27.76
N THR I 6 34.80 -15.90 26.53
CA THR I 6 34.63 -14.48 26.25
C THR I 6 33.78 -14.28 25.01
N VAL I 7 33.07 -13.16 24.96
CA VAL I 7 32.30 -12.73 23.81
C VAL I 7 33.04 -11.62 23.10
N TYR I 8 33.11 -11.72 21.77
CA TYR I 8 33.55 -10.66 20.89
C TYR I 8 32.36 -10.22 20.05
N TYR I 9 32.04 -8.93 20.06
CA TYR I 9 31.04 -8.40 19.15
C TYR I 9 31.66 -7.95 17.83
N GLY I 10 30.86 -7.87 16.78
CA GLY I 10 31.33 -7.43 15.46
C GLY I 10 32.27 -8.39 14.74
N VAL I 11 32.39 -9.65 15.16
CA VAL I 11 33.30 -10.61 14.53
C VAL I 11 32.93 -10.79 13.06
N PRO I 12 33.87 -10.68 12.12
CA PRO I 12 33.59 -10.90 10.71
C PRO I 12 33.40 -12.40 10.42
N VAL I 13 32.15 -12.85 10.41
CA VAL I 13 31.74 -14.20 10.02
C VAL I 13 30.34 -14.17 9.43
N TRP I 14 30.01 -15.10 8.54
CA TRP I 14 28.77 -15.06 7.77
C TRP I 14 28.19 -16.43 7.44
N LYS I 15 26.90 -16.45 7.07
CA LYS I 15 26.22 -17.60 6.47
C LYS I 15 25.33 -17.15 5.31
N GLU I 16 25.05 -18.07 4.39
CA GLU I 16 24.16 -17.81 3.25
C GLU I 16 22.71 -17.73 3.69
N ALA I 17 21.94 -16.82 3.10
CA ALA I 17 20.51 -16.68 3.38
C ALA I 17 19.76 -16.04 2.22
N LYS I 18 18.48 -16.35 2.07
CA LYS I 18 17.56 -15.53 1.28
C LYS I 18 17.37 -14.20 1.99
N THR I 19 17.46 -13.08 1.28
CA THR I 19 17.20 -11.74 1.84
C THR I 19 16.73 -10.77 0.77
N THR I 20 15.92 -9.79 1.14
CA THR I 20 15.33 -8.83 0.19
C THR I 20 16.33 -7.76 -0.22
N LEU I 21 16.91 -7.84 -1.41
CA LEU I 21 17.83 -6.80 -1.89
C LEU I 21 17.12 -5.50 -2.26
N PHE I 22 17.82 -4.36 -2.16
CA PHE I 22 17.38 -3.10 -2.73
C PHE I 22 17.56 -3.07 -4.24
N CYS I 23 16.56 -2.56 -4.95
CA CYS I 23 16.74 -1.98 -6.28
C CYS I 23 17.54 -0.68 -6.14
N ALA I 24 18.63 -0.51 -6.89
CA ALA I 24 19.37 0.73 -6.98
C ALA I 24 19.61 1.17 -8.43
N SER I 25 19.77 2.47 -8.64
CA SER I 25 19.85 3.07 -9.97
C SER I 25 20.69 4.35 -9.95
N ASP I 26 21.22 4.75 -11.10
CA ASP I 26 21.47 6.18 -11.34
C ASP I 26 20.22 7.00 -10.97
N ALA I 27 20.38 8.11 -10.26
CA ALA I 27 19.34 8.71 -9.41
C ALA I 27 18.10 9.25 -10.14
N LYS I 28 18.23 9.54 -11.44
CA LYS I 28 17.13 9.88 -12.36
C LYS I 28 17.61 9.51 -13.76
N ALA I 29 16.96 8.56 -14.45
CA ALA I 29 17.44 8.02 -15.74
C ALA I 29 18.97 7.75 -15.76
N TYR I 30 19.66 8.05 -16.87
CA TYR I 30 21.12 8.06 -16.98
C TYR I 30 21.79 9.27 -16.27
N GLU I 31 21.29 9.67 -15.09
CA GLU I 31 21.52 10.99 -14.45
C GLU I 31 20.91 12.18 -15.23
N LYS I 32 19.69 12.01 -15.77
CA LYS I 32 18.94 12.95 -16.63
C LYS I 32 17.44 12.94 -16.29
N GLU I 33 16.71 13.96 -16.70
CA GLU I 33 15.27 14.13 -16.40
C GLU I 33 14.33 13.38 -17.38
N VAL I 34 14.84 12.52 -18.27
CA VAL I 34 14.04 11.79 -19.26
C VAL I 34 13.13 10.73 -18.60
N HIS I 35 12.02 10.39 -19.27
CA HIS I 35 11.06 9.40 -18.79
C HIS I 35 11.42 8.00 -19.34
N ASN I 36 11.89 7.07 -18.49
CA ASN I 36 12.34 5.73 -18.87
C ASN I 36 11.73 4.66 -17.96
N ILE I 37 11.32 3.53 -18.53
CA ILE I 37 10.42 2.56 -17.87
C ILE I 37 11.00 1.87 -16.63
N TRP I 38 12.33 1.83 -16.51
CA TRP I 38 13.01 1.43 -15.27
C TRP I 38 13.20 2.61 -14.29
N ALA I 39 14.24 3.42 -14.47
CA ALA I 39 14.73 4.33 -13.42
C ALA I 39 13.79 5.49 -13.03
N THR I 40 12.81 5.85 -13.87
CA THR I 40 11.82 6.89 -13.51
C THR I 40 10.86 6.41 -12.39
N HIS I 41 10.69 5.10 -12.21
CA HIS I 41 9.91 4.53 -11.12
C HIS I 41 10.80 4.13 -9.93
N ALA I 42 10.99 5.06 -8.99
CA ALA I 42 11.70 4.83 -7.72
C ALA I 42 13.12 4.28 -7.89
N CYS I 43 13.46 3.18 -7.21
CA CYS I 43 14.77 2.51 -7.27
C CYS I 43 15.99 3.37 -6.81
N VAL I 44 15.73 4.38 -5.97
CA VAL I 44 16.69 5.09 -5.09
C VAL I 44 17.88 5.78 -5.82
N PRO I 45 18.78 6.53 -5.13
CA PRO I 45 19.83 7.29 -5.80
C PRO I 45 21.09 6.45 -6.12
N THR I 46 21.96 7.03 -6.94
CA THR I 46 23.18 6.45 -7.49
C THR I 46 24.16 5.94 -6.44
N ASP I 47 24.77 4.78 -6.69
CA ASP I 47 26.08 4.43 -6.13
C ASP I 47 27.19 5.14 -6.94
N PRO I 48 27.90 6.13 -6.41
CA PRO I 48 28.90 6.87 -7.18
C PRO I 48 30.08 6.00 -7.62
N ASN I 49 30.48 5.03 -6.79
CA ASN I 49 31.54 4.06 -7.08
C ASN I 49 31.46 2.91 -6.03
N PRO I 50 31.24 1.65 -6.43
CA PRO I 50 31.20 0.53 -5.47
C PRO I 50 32.56 0.36 -4.76
N GLN I 51 32.53 0.39 -3.44
CA GLN I 51 33.72 0.38 -2.57
C GLN I 51 34.32 -1.03 -2.41
N GLU I 52 34.65 -1.71 -3.51
CA GLU I 52 35.10 -3.10 -3.50
C GLU I 52 36.30 -3.33 -2.58
N MET I 53 36.19 -4.28 -1.66
CA MET I 53 37.31 -4.75 -0.84
C MET I 53 37.66 -6.19 -1.20
N VAL I 54 38.90 -6.45 -1.59
CA VAL I 54 39.40 -7.81 -1.87
C VAL I 54 39.76 -8.51 -0.57
N LEU I 55 39.21 -9.69 -0.34
CA LEU I 55 39.47 -10.45 0.87
C LEU I 55 40.76 -11.25 0.74
N LYS I 56 41.71 -11.07 1.67
CA LYS I 56 42.90 -11.93 1.76
C LYS I 56 42.50 -13.34 2.14
N ASN I 57 43.10 -14.35 1.49
CA ASN I 57 43.11 -15.73 1.95
C ASN I 57 41.73 -16.33 2.26
N VAL I 58 40.71 -15.98 1.47
CA VAL I 58 39.36 -16.56 1.57
C VAL I 58 39.14 -17.58 0.45
N THR I 59 38.69 -18.78 0.82
CA THR I 59 38.12 -19.76 -0.11
C THR I 59 36.64 -19.89 0.19
N GLU I 60 35.77 -19.68 -0.80
CA GLU I 60 34.33 -19.62 -0.56
C GLU I 60 33.53 -20.20 -1.74
N ASN I 61 32.40 -20.87 -1.47
CA ASN I 61 31.58 -21.51 -2.49
C ASN I 61 30.58 -20.56 -3.14
N PHE I 62 30.27 -20.81 -4.41
CA PHE I 62 29.26 -20.11 -5.19
C PHE I 62 28.46 -21.10 -6.01
N ASN I 63 27.18 -20.83 -6.23
CA ASN I 63 26.30 -21.69 -7.01
C ASN I 63 25.30 -20.81 -7.75
N MET I 64 25.57 -20.57 -9.03
CA MET I 64 24.73 -19.68 -9.83
C MET I 64 23.38 -20.28 -10.19
N TRP I 65 23.23 -21.61 -10.22
CA TRP I 65 21.94 -22.24 -10.53
C TRP I 65 20.96 -22.15 -9.36
N LYS I 66 21.43 -22.45 -8.15
CA LYS I 66 20.60 -22.48 -6.92
C LYS I 66 20.45 -21.09 -6.26
N ASN I 67 20.86 -20.04 -6.96
CA ASN I 67 21.06 -18.69 -6.44
C ASN I 67 19.80 -18.05 -5.83
N ASP I 68 19.96 -17.29 -4.75
CA ASP I 68 18.87 -16.73 -3.94
C ASP I 68 18.32 -15.38 -4.43
N MET I 69 19.00 -14.71 -5.37
CA MET I 69 18.65 -13.36 -5.83
C MET I 69 18.12 -13.28 -7.27
N VAL I 70 18.39 -14.27 -8.12
CA VAL I 70 17.86 -14.28 -9.50
C VAL I 70 16.33 -14.15 -9.48
N ASP I 71 15.65 -14.86 -8.59
CA ASP I 71 14.20 -14.74 -8.45
C ASP I 71 13.77 -13.30 -8.16
N GLN I 72 14.51 -12.58 -7.34
CA GLN I 72 14.19 -11.20 -7.00
C GLN I 72 14.38 -10.29 -8.20
N MET I 73 15.43 -10.52 -9.00
CA MET I 73 15.60 -9.79 -10.25
C MET I 73 14.39 -9.98 -11.16
N HIS I 74 13.94 -11.22 -11.31
CA HIS I 74 12.78 -11.53 -12.13
C HIS I 74 11.53 -10.81 -11.63
N GLU I 75 11.22 -10.95 -10.34
CA GLU I 75 10.07 -10.28 -9.74
C GLU I 75 10.14 -8.75 -9.85
N ASP I 76 11.31 -8.16 -9.62
CA ASP I 76 11.44 -6.71 -9.69
C ASP I 76 11.22 -6.19 -11.11
N VAL I 77 11.80 -6.83 -12.12
CA VAL I 77 11.58 -6.40 -13.50
C VAL I 77 10.10 -6.54 -13.87
N ILE I 78 9.46 -7.65 -13.50
CA ILE I 78 8.01 -7.81 -13.69
C ILE I 78 7.28 -6.64 -13.03
N SER I 79 7.61 -6.36 -11.77
CA SER I 79 6.94 -5.33 -11.00
C SER I 79 7.06 -3.97 -11.69
N LEU I 80 8.25 -3.57 -12.14
CA LEU I 80 8.40 -2.28 -12.83
C LEU I 80 7.56 -2.25 -14.11
N TRP I 81 7.55 -3.32 -14.89
CA TRP I 81 6.70 -3.35 -16.08
C TRP I 81 5.22 -3.28 -15.73
N ASP I 82 4.76 -3.96 -14.69
CA ASP I 82 3.36 -3.84 -14.26
C ASP I 82 3.03 -2.43 -13.80
N GLN I 83 3.83 -1.87 -12.89
CA GLN I 83 3.59 -0.54 -12.32
C GLN I 83 3.60 0.55 -13.39
N SER I 84 4.42 0.41 -14.42
CA SER I 84 4.49 1.38 -15.51
C SER I 84 3.41 1.18 -16.58
N LEU I 85 2.97 -0.05 -16.87
CA LEU I 85 1.88 -0.28 -17.82
C LEU I 85 0.50 0.01 -17.23
N LYS I 86 0.28 -0.23 -15.93
CA LYS I 86 -1.04 -0.08 -15.27
C LYS I 86 -1.81 1.22 -15.61
N PRO I 87 -1.21 2.43 -15.60
CA PRO I 87 -1.93 3.64 -15.95
C PRO I 87 -2.26 3.79 -17.44
N CYS I 88 -1.57 3.08 -18.34
CA CYS I 88 -1.79 3.21 -19.78
C CYS I 88 -3.06 2.49 -20.25
N VAL I 89 -3.56 2.88 -21.43
CA VAL I 89 -4.91 2.55 -21.87
C VAL I 89 -5.09 1.08 -22.32
N LYS I 90 -6.20 0.47 -21.89
CA LYS I 90 -6.63 -0.85 -22.32
C LYS I 90 -7.33 -0.76 -23.67
N LEU I 91 -6.90 -1.55 -24.66
CA LEU I 91 -7.47 -1.55 -26.01
C LEU I 91 -8.78 -2.36 -26.13
N THR I 92 -9.45 -2.70 -25.04
CA THR I 92 -10.62 -3.58 -25.04
C THR I 92 -11.71 -3.23 -26.06
N PRO I 93 -12.05 -1.95 -26.32
CA PRO I 93 -13.05 -1.57 -27.34
C PRO I 93 -12.73 -2.04 -28.77
N LEU I 94 -11.47 -2.32 -29.06
CA LEU I 94 -10.98 -2.70 -30.38
C LEU I 94 -11.24 -4.17 -30.75
N CYS I 95 -11.54 -5.03 -29.77
CA CYS I 95 -11.37 -6.48 -29.92
C CYS I 95 -12.37 -7.20 -30.85
N CYS I 96 -13.52 -6.60 -31.20
CA CYS I 96 -14.48 -7.30 -32.06
C CYS I 96 -13.98 -7.48 -33.51
N THR I 97 -14.57 -8.41 -34.24
CA THR I 97 -14.11 -8.93 -35.54
C THR I 97 -13.80 -7.84 -36.57
N LEU I 98 -12.62 -7.95 -37.17
CA LEU I 98 -12.11 -7.10 -38.24
C LEU I 98 -12.53 -7.63 -39.63
N ASN I 99 -12.72 -6.72 -40.59
CA ASN I 99 -12.75 -7.04 -42.03
C ASN I 99 -11.41 -6.64 -42.64
N CYS I 100 -10.78 -7.49 -43.45
CA CYS I 100 -9.41 -7.26 -43.94
C CYS I 100 -9.17 -7.64 -45.40
N THR I 101 -8.11 -7.07 -45.98
CA THR I 101 -7.72 -7.14 -47.40
C THR I 101 -6.19 -6.99 -47.54
N ASN I 102 -5.65 -7.25 -48.73
CA ASN I 102 -4.21 -7.08 -48.97
C ASN I 102 -3.77 -5.61 -48.80
N ALA I 103 -2.69 -5.38 -48.05
CA ALA I 103 -2.11 -4.06 -47.83
C ALA I 103 -1.15 -3.65 -48.95
N THR I 104 -1.01 -2.35 -49.19
CA THR I 104 -0.31 -1.78 -50.37
C THR I 104 0.33 -0.42 -50.05
N ALA I 105 1.24 0.03 -50.90
CA ALA I 105 1.76 1.39 -50.95
C ALA I 105 2.02 1.82 -52.41
N SER I 106 2.27 3.10 -52.66
CA SER I 106 2.61 3.57 -54.01
C SER I 106 3.88 2.86 -54.53
N ASN I 107 3.84 2.35 -55.76
CA ASN I 107 4.84 1.44 -56.33
C ASN I 107 5.13 0.18 -55.47
N SER I 108 4.14 -0.27 -54.69
CA SER I 108 4.16 -1.55 -53.98
C SER I 108 2.73 -2.11 -53.87
N SER I 109 2.26 -2.72 -54.96
CA SER I 109 0.92 -3.34 -55.11
C SER I 109 0.65 -4.50 -54.15
N ILE I 110 1.62 -4.86 -53.31
CA ILE I 110 1.48 -5.65 -52.10
C ILE I 110 2.53 -5.16 -51.09
N ILE I 111 2.26 -5.29 -49.80
CA ILE I 111 3.28 -5.46 -48.76
C ILE I 111 3.02 -6.78 -48.04
N GLU I 112 3.96 -7.71 -48.14
CA GLU I 112 3.63 -9.14 -48.09
C GLU I 112 3.42 -9.68 -46.66
N GLY I 113 4.17 -9.18 -45.68
CA GLY I 113 4.09 -9.62 -44.29
C GLY I 113 2.94 -9.01 -43.50
N MET I 114 1.91 -8.50 -44.17
CA MET I 114 1.01 -7.51 -43.62
C MET I 114 -0.42 -7.67 -44.15
N LYS I 115 -1.40 -7.13 -43.43
CA LYS I 115 -2.81 -7.08 -43.86
C LYS I 115 -3.39 -5.70 -43.56
N ASN I 116 -4.26 -5.20 -44.43
CA ASN I 116 -5.02 -3.98 -44.21
C ASN I 116 -6.38 -4.37 -43.64
N CYS I 117 -6.89 -3.62 -42.66
CA CYS I 117 -8.10 -3.98 -41.93
C CYS I 117 -8.94 -2.75 -41.57
N SER I 118 -10.24 -2.98 -41.39
CA SER I 118 -11.18 -1.97 -40.92
C SER I 118 -12.17 -2.57 -39.93
N PHE I 119 -12.62 -1.73 -39.00
CA PHE I 119 -13.26 -2.18 -37.77
C PHE I 119 -14.25 -1.16 -37.22
N ASN I 120 -15.25 -1.65 -36.50
CA ASN I 120 -16.16 -0.83 -35.71
C ASN I 120 -15.46 -0.35 -34.43
N ILE I 121 -15.61 0.93 -34.07
CA ILE I 121 -15.08 1.55 -32.85
C ILE I 121 -16.08 2.58 -32.30
N THR I 122 -15.94 2.96 -31.03
CA THR I 122 -16.85 3.88 -30.33
C THR I 122 -16.14 5.19 -29.99
N THR I 123 -16.06 6.11 -30.97
CA THR I 123 -15.16 7.29 -30.96
C THR I 123 -15.39 8.24 -29.78
N GLU I 124 -16.63 8.40 -29.34
CA GLU I 124 -16.99 8.98 -28.04
C GLU I 124 -17.92 7.98 -27.33
N LEU I 125 -17.70 7.76 -26.03
CA LEU I 125 -18.16 6.54 -25.38
C LEU I 125 -19.68 6.51 -25.16
N ARG I 126 -20.29 5.31 -25.31
CA ARG I 126 -21.73 5.02 -25.16
C ARG I 126 -22.66 5.85 -26.08
N CYS I 127 -22.19 6.19 -27.28
CA CYS I 127 -23.00 6.75 -28.38
C CYS I 127 -22.52 6.19 -29.74
N LYS I 128 -22.88 6.86 -30.85
CA LYS I 128 -22.81 6.31 -32.21
C LYS I 128 -21.42 5.76 -32.59
N ARG I 129 -21.39 4.50 -33.03
CA ARG I 129 -20.20 3.81 -33.56
C ARG I 129 -19.68 4.44 -34.85
N GLU I 130 -18.45 4.10 -35.19
CA GLU I 130 -17.76 4.57 -36.38
C GLU I 130 -16.88 3.48 -36.98
N LYS I 131 -16.61 3.54 -38.28
CA LYS I 131 -15.67 2.66 -38.97
C LYS I 131 -14.33 3.38 -39.12
N LYS I 132 -13.25 2.73 -38.71
CA LYS I 132 -11.85 3.19 -38.87
C LYS I 132 -11.01 2.08 -39.48
N ASN I 133 -9.83 2.40 -39.99
CA ASN I 133 -8.96 1.44 -40.67
C ASN I 133 -7.47 1.64 -40.35
N ALA I 134 -6.72 0.55 -40.44
CA ALA I 134 -5.30 0.45 -40.12
C ALA I 134 -4.72 -0.82 -40.76
N LEU I 135 -3.39 -0.95 -40.81
CA LEU I 135 -2.74 -2.19 -41.25
C LEU I 135 -1.90 -2.79 -40.13
N PHE I 136 -1.76 -4.12 -40.13
CA PHE I 136 -1.11 -4.89 -39.08
C PHE I 136 -0.11 -5.88 -39.69
N TYR I 137 1.04 -6.07 -39.06
CA TYR I 137 1.91 -7.19 -39.40
C TYR I 137 1.14 -8.50 -39.17
N LYS I 138 1.21 -9.46 -40.10
CA LYS I 138 0.25 -10.57 -40.12
C LYS I 138 0.28 -11.41 -38.84
N LEU I 139 1.45 -11.52 -38.20
CA LEU I 139 1.65 -12.26 -36.96
C LEU I 139 0.83 -11.71 -35.77
N ASP I 140 0.35 -10.47 -35.81
CA ASP I 140 -0.52 -9.90 -34.77
C ASP I 140 -1.97 -10.41 -34.85
N ILE I 141 -2.33 -11.17 -35.89
CA ILE I 141 -3.71 -11.39 -36.31
C ILE I 141 -4.01 -12.89 -36.48
N VAL I 142 -5.24 -13.32 -36.18
CA VAL I 142 -5.74 -14.66 -36.54
C VAL I 142 -6.96 -14.56 -37.44
N GLN I 143 -7.10 -15.53 -38.35
CA GLN I 143 -8.19 -15.59 -39.32
C GLN I 143 -9.28 -16.52 -38.77
N LEU I 144 -10.50 -16.03 -38.66
CA LEU I 144 -11.65 -16.84 -38.23
C LEU I 144 -12.04 -17.83 -39.32
N ASP I 145 -12.80 -18.87 -38.96
CA ASP I 145 -13.01 -20.06 -39.78
C ASP I 145 -13.56 -19.85 -41.21
N GLY I 146 -13.20 -20.76 -42.10
CA GLY I 146 -13.55 -20.75 -43.54
C GLY I 146 -12.56 -19.96 -44.40
N ASN I 147 -12.91 -19.77 -45.68
CA ASN I 147 -12.13 -18.96 -46.63
C ASN I 147 -11.97 -17.50 -46.17
N SER I 148 -13.02 -16.98 -45.52
CA SER I 148 -13.02 -15.93 -44.49
C SER I 148 -12.25 -14.64 -44.77
N SER I 149 -12.99 -13.56 -44.98
CA SER I 149 -12.48 -12.18 -44.85
C SER I 149 -12.38 -11.70 -43.39
N GLN I 150 -12.65 -12.57 -42.40
CA GLN I 150 -12.86 -12.19 -41.00
C GLN I 150 -11.65 -12.50 -40.14
N TYR I 151 -11.20 -11.54 -39.34
CA TYR I 151 -9.99 -11.66 -38.54
C TYR I 151 -10.14 -11.03 -37.15
N ARG I 152 -9.26 -11.38 -36.21
CA ARG I 152 -9.23 -10.84 -34.84
C ARG I 152 -7.80 -10.67 -34.35
N LEU I 153 -7.56 -9.76 -33.42
CA LEU I 153 -6.24 -9.60 -32.80
C LEU I 153 -5.85 -10.89 -32.05
N ILE I 154 -4.61 -11.34 -32.21
CA ILE I 154 -4.18 -12.69 -31.81
C ILE I 154 -4.41 -13.03 -30.34
N ASN I 155 -4.34 -12.04 -29.45
CA ASN I 155 -4.44 -12.28 -28.01
C ASN I 155 -5.77 -11.89 -27.36
N CYS I 156 -6.54 -10.92 -27.88
CA CYS I 156 -7.64 -10.31 -27.11
C CYS I 156 -8.81 -11.25 -26.80
N ASP I 157 -8.86 -12.41 -27.46
CA ASP I 157 -9.60 -13.58 -27.00
C ASP I 157 -9.30 -13.92 -25.54
N THR I 158 -8.02 -14.17 -25.25
CA THR I 158 -7.55 -14.78 -24.01
C THR I 158 -7.31 -13.78 -22.89
N SER I 159 -7.02 -12.53 -23.24
CA SER I 159 -6.24 -11.63 -22.38
C SER I 159 -6.61 -10.17 -22.60
N VAL I 160 -6.42 -9.34 -21.59
CA VAL I 160 -6.45 -7.89 -21.78
C VAL I 160 -5.22 -7.46 -22.57
N ILE I 161 -5.37 -6.47 -23.44
CA ILE I 161 -4.24 -5.85 -24.13
C ILE I 161 -4.08 -4.42 -23.62
N THR I 162 -2.91 -4.05 -23.13
CA THR I 162 -2.59 -2.64 -22.83
C THR I 162 -1.66 -2.08 -23.89
N GLN I 163 -1.99 -0.90 -24.41
CA GLN I 163 -1.06 -0.13 -25.24
C GLN I 163 -0.02 0.51 -24.34
N VAL I 164 1.27 0.28 -24.56
CA VAL I 164 2.28 1.06 -23.83
C VAL I 164 2.23 2.52 -24.29
N CYS I 165 2.20 3.46 -23.34
CA CYS I 165 2.11 4.89 -23.63
C CYS I 165 3.34 5.38 -24.42
N PRO I 166 3.19 6.12 -25.53
CA PRO I 166 4.33 6.62 -26.32
C PRO I 166 5.29 7.55 -25.56
N LYS I 167 4.87 8.07 -24.40
CA LYS I 167 5.71 8.86 -23.49
C LYS I 167 6.93 8.09 -22.97
N LEU I 168 6.81 6.77 -22.78
CA LEU I 168 7.83 5.92 -22.18
C LEU I 168 8.91 5.52 -23.20
N SER I 169 10.00 4.91 -22.71
CA SER I 169 10.95 4.19 -23.55
C SER I 169 11.24 2.79 -23.01
N PHE I 170 11.34 1.84 -23.94
CA PHE I 170 11.79 0.47 -23.72
C PHE I 170 13.29 0.35 -23.42
N ASP I 171 14.07 1.43 -23.54
CA ASP I 171 15.52 1.35 -23.34
C ASP I 171 15.88 0.76 -21.98
N PRO I 172 16.85 -0.17 -21.92
CA PRO I 172 17.45 -0.56 -20.66
C PRO I 172 18.23 0.61 -20.04
N ILE I 173 18.41 0.54 -18.72
CA ILE I 173 19.33 1.39 -17.96
C ILE I 173 20.17 0.49 -17.06
N PRO I 174 21.40 0.86 -16.67
CA PRO I 174 22.23 0.03 -15.82
C PRO I 174 21.72 0.05 -14.37
N ILE I 175 20.86 -0.90 -14.02
CA ILE I 175 20.37 -1.14 -12.65
C ILE I 175 21.49 -1.71 -11.79
N HIS I 176 21.51 -1.40 -10.51
CA HIS I 176 22.40 -2.00 -9.51
C HIS I 176 21.56 -2.69 -8.43
N TYR I 177 22.09 -3.74 -7.82
CA TYR I 177 21.48 -4.37 -6.65
C TYR I 177 22.34 -4.17 -5.42
N CYS I 178 21.73 -3.83 -4.28
CA CYS I 178 22.45 -3.50 -3.05
C CYS I 178 21.93 -4.24 -1.83
N ALA I 179 22.82 -4.57 -0.90
CA ALA I 179 22.46 -5.26 0.34
C ALA I 179 21.79 -4.30 1.33
N PRO I 180 20.74 -4.72 2.05
CA PRO I 180 20.31 -4.05 3.27
C PRO I 180 21.37 -4.19 4.35
N ALA I 181 21.35 -3.32 5.35
CA ALA I 181 22.34 -3.31 6.41
C ALA I 181 22.45 -4.67 7.13
N GLY I 182 23.67 -5.16 7.33
CA GLY I 182 23.95 -6.45 7.98
C GLY I 182 24.00 -7.64 7.03
N TYR I 183 23.49 -7.51 5.81
CA TYR I 183 23.83 -8.41 4.70
C TYR I 183 25.04 -7.88 3.94
N ALA I 184 25.71 -8.75 3.18
CA ALA I 184 26.86 -8.38 2.35
C ALA I 184 26.84 -9.19 1.05
N ILE I 185 27.37 -8.61 -0.03
CA ILE I 185 27.43 -9.24 -1.35
C ILE I 185 28.87 -9.58 -1.69
N LEU I 186 29.11 -10.81 -2.12
CA LEU I 186 30.43 -11.34 -2.50
C LEU I 186 30.49 -11.55 -4.03
N LYS I 187 31.59 -11.17 -4.72
CA LYS I 187 31.66 -11.21 -6.20
C LYS I 187 32.19 -12.48 -6.87
N CYS I 188 33.12 -13.21 -6.26
CA CYS I 188 34.01 -14.19 -6.93
C CYS I 188 34.72 -13.64 -8.18
N ASN I 189 35.99 -13.23 -8.04
CA ASN I 189 36.76 -12.57 -9.09
C ASN I 189 37.61 -13.53 -9.94
N ASN I 190 37.60 -14.85 -9.73
CA ASN I 190 38.40 -15.78 -10.55
C ASN I 190 37.96 -15.72 -12.02
N LYS I 191 38.87 -15.28 -12.90
CA LYS I 191 38.60 -14.96 -14.31
C LYS I 191 38.23 -16.16 -15.18
N THR I 192 38.24 -17.37 -14.62
CA THR I 192 37.88 -18.62 -15.32
C THR I 192 36.59 -19.26 -14.78
N PHE I 193 35.85 -18.58 -13.91
CA PHE I 193 34.81 -19.21 -13.10
C PHE I 193 33.61 -19.76 -13.89
N THR I 194 33.37 -21.06 -13.74
CA THR I 194 32.32 -21.83 -14.44
C THR I 194 30.93 -21.72 -13.82
N GLY I 195 30.77 -20.98 -12.70
CA GLY I 195 29.46 -20.76 -12.08
C GLY I 195 29.10 -21.69 -10.92
N THR I 196 29.96 -22.66 -10.57
CA THR I 196 29.71 -23.57 -9.45
C THR I 196 31.00 -24.01 -8.76
N GLY I 197 30.92 -24.35 -7.47
CA GLY I 197 32.06 -24.80 -6.66
C GLY I 197 32.80 -23.66 -5.94
N PRO I 198 34.03 -23.88 -5.48
CA PRO I 198 34.80 -22.88 -4.76
C PRO I 198 35.39 -21.79 -5.66
N CYS I 199 35.57 -20.60 -5.09
CA CYS I 199 36.40 -19.51 -5.62
C CYS I 199 37.53 -19.20 -4.63
N ASN I 200 38.68 -18.77 -5.13
CA ASN I 200 39.90 -18.50 -4.35
C ASN I 200 40.35 -17.03 -4.38
N ASN I 201 39.63 -16.15 -5.09
CA ASN I 201 39.88 -14.72 -5.16
C ASN I 201 38.52 -14.04 -5.05
N VAL I 202 38.23 -13.47 -3.89
CA VAL I 202 36.88 -13.05 -3.50
C VAL I 202 36.91 -11.62 -2.99
N SER I 203 35.87 -10.85 -3.27
CA SER I 203 35.76 -9.48 -2.81
C SER I 203 34.32 -9.16 -2.44
N THR I 204 34.14 -8.14 -1.62
CA THR I 204 32.82 -7.71 -1.13
C THR I 204 32.53 -6.30 -1.55
N VAL I 205 31.24 -6.01 -1.70
CA VAL I 205 30.70 -4.73 -2.15
C VAL I 205 29.38 -4.46 -1.46
N GLN I 206 29.01 -3.19 -1.28
CA GLN I 206 27.65 -2.83 -0.88
C GLN I 206 26.65 -3.01 -2.04
N CYS I 207 27.11 -2.97 -3.29
CA CYS I 207 26.28 -3.08 -4.49
C CYS I 207 26.98 -3.79 -5.65
N THR I 208 26.22 -4.43 -6.54
CA THR I 208 26.70 -4.99 -7.81
C THR I 208 27.20 -3.90 -8.76
N HIS I 209 27.98 -4.28 -9.78
CA HIS I 209 28.09 -3.44 -10.98
C HIS I 209 26.73 -3.25 -11.65
N GLY I 210 26.64 -2.37 -12.64
CA GLY I 210 25.42 -2.20 -13.41
C GLY I 210 25.03 -3.47 -14.17
N ILE I 211 23.74 -3.74 -14.30
CA ILE I 211 23.16 -4.75 -15.17
C ILE I 211 22.12 -4.08 -16.03
N LYS I 212 22.07 -4.39 -17.31
CA LYS I 212 21.09 -3.85 -18.26
C LYS I 212 19.98 -4.89 -18.43
N PRO I 213 18.72 -4.61 -18.06
CA PRO I 213 17.61 -5.56 -18.13
C PRO I 213 17.11 -5.88 -19.55
N VAL I 214 18.00 -6.22 -20.48
CA VAL I 214 17.66 -6.46 -21.89
C VAL I 214 16.78 -7.69 -22.04
N LEU I 215 15.56 -7.51 -22.56
CA LEU I 215 14.74 -8.63 -23.02
C LEU I 215 15.35 -9.18 -24.32
N SER I 216 15.79 -10.43 -24.32
CA SER I 216 16.18 -11.11 -25.55
C SER I 216 16.13 -12.62 -25.41
N THR I 217 16.16 -13.31 -26.55
CA THR I 217 16.07 -14.77 -26.62
C THR I 217 17.04 -15.28 -27.67
N GLN I 218 17.49 -16.53 -27.58
CA GLN I 218 18.64 -17.08 -28.33
C GLN I 218 19.98 -16.39 -28.04
N LEU I 219 20.08 -15.07 -28.20
CA LEU I 219 21.32 -14.31 -28.11
C LEU I 219 21.31 -13.35 -26.92
N LEU I 220 22.28 -13.48 -26.01
CA LEU I 220 22.55 -12.51 -24.97
C LEU I 220 23.25 -11.30 -25.61
N LEU I 221 22.71 -10.10 -25.42
CA LEU I 221 23.24 -8.91 -26.07
C LEU I 221 23.28 -7.67 -25.18
N ASN I 222 24.19 -6.75 -25.49
CA ASN I 222 24.59 -5.60 -24.67
C ASN I 222 24.95 -5.99 -23.22
N GLY I 223 25.37 -7.22 -22.99
CA GLY I 223 25.84 -7.71 -21.68
C GLY I 223 27.32 -7.46 -21.42
N SER I 224 27.84 -8.02 -20.33
CA SER I 224 29.28 -8.12 -20.05
C SER I 224 29.99 -9.15 -20.95
N LEU I 225 31.32 -9.17 -20.91
CA LEU I 225 32.16 -10.19 -21.56
C LEU I 225 32.99 -10.95 -20.51
N ALA I 226 33.27 -12.22 -20.78
CA ALA I 226 34.12 -13.04 -19.94
C ALA I 226 35.58 -12.57 -19.96
N GLU I 227 36.28 -12.69 -18.83
CA GLU I 227 37.66 -12.19 -18.69
C GLU I 227 38.72 -13.12 -19.31
N GLY I 228 38.48 -14.44 -19.36
CA GLY I 228 39.40 -15.43 -19.93
C GLY I 228 39.26 -15.60 -21.44
N GLU I 229 39.48 -16.81 -21.96
CA GLU I 229 38.81 -17.26 -23.19
C GLU I 229 37.37 -17.72 -22.89
N ILE I 230 36.57 -18.01 -23.92
CA ILE I 230 35.12 -18.26 -23.80
C ILE I 230 34.80 -19.24 -22.67
N ILE I 231 33.81 -18.88 -21.84
CA ILE I 231 33.36 -19.70 -20.72
C ILE I 231 32.02 -20.34 -21.06
N ILE I 232 31.88 -21.63 -20.79
CA ILE I 232 30.63 -22.36 -20.96
C ILE I 232 30.12 -22.74 -19.58
N ARG I 233 28.93 -22.27 -19.20
CA ARG I 233 28.30 -22.54 -17.91
C ARG I 233 27.11 -23.46 -18.08
N SER I 234 27.04 -24.50 -17.28
CA SER I 234 25.91 -25.43 -17.25
C SER I 234 25.63 -25.83 -15.81
N GLU I 235 24.44 -26.34 -15.55
CA GLU I 235 24.25 -27.15 -14.36
C GLU I 235 25.07 -28.44 -14.48
N ASN I 236 25.35 -29.11 -13.36
CA ASN I 236 26.03 -30.40 -13.33
C ASN I 236 25.41 -31.38 -12.32
N ILE I 237 24.09 -31.39 -12.17
CA ILE I 237 23.40 -32.51 -11.51
C ILE I 237 23.39 -33.72 -12.44
N THR I 238 23.13 -33.49 -13.73
CA THR I 238 22.94 -34.51 -14.78
C THR I 238 23.42 -33.98 -16.13
N LYS I 239 23.72 -34.87 -17.09
CA LYS I 239 23.99 -34.46 -18.47
C LYS I 239 22.78 -33.77 -19.11
N ASN I 240 21.56 -34.15 -18.71
CA ASN I 240 20.34 -33.42 -19.05
C ASN I 240 20.36 -32.04 -18.41
N VAL I 241 20.15 -30.98 -19.19
CA VAL I 241 20.14 -29.59 -18.73
C VAL I 241 19.09 -28.79 -19.47
N LYS I 242 18.49 -27.80 -18.80
CA LYS I 242 17.47 -26.96 -19.43
C LYS I 242 18.10 -25.98 -20.42
N THR I 243 19.21 -25.39 -20.02
CA THR I 243 19.95 -24.39 -20.80
C THR I 243 21.44 -24.57 -20.59
N ILE I 244 22.24 -24.23 -21.59
CA ILE I 244 23.67 -23.97 -21.45
C ILE I 244 23.88 -22.51 -21.78
N ILE I 245 24.64 -21.80 -20.96
CA ILE I 245 25.00 -20.41 -21.22
C ILE I 245 26.42 -20.40 -21.76
N VAL I 246 26.63 -19.80 -22.92
CA VAL I 246 27.96 -19.59 -23.47
C VAL I 246 28.26 -18.12 -23.36
N HIS I 247 29.34 -17.74 -22.68
CA HIS I 247 29.70 -16.36 -22.40
C HIS I 247 31.01 -16.00 -23.11
N LEU I 248 30.96 -15.05 -24.05
CA LEU I 248 32.06 -14.73 -24.95
C LEU I 248 33.07 -13.79 -24.29
N ASN I 249 34.35 -13.90 -24.66
CA ASN I 249 35.38 -12.93 -24.26
C ASN I 249 35.57 -11.79 -25.28
N GLU I 250 34.74 -11.73 -26.31
CA GLU I 250 34.84 -10.81 -27.43
C GLU I 250 33.46 -10.55 -27.99
N SER I 251 32.99 -9.30 -28.00
CA SER I 251 31.68 -9.00 -28.56
C SER I 251 31.69 -9.17 -30.08
N VAL I 252 30.60 -9.70 -30.63
CA VAL I 252 30.34 -9.71 -32.08
C VAL I 252 29.27 -8.66 -32.36
N LYS I 253 29.55 -7.71 -33.23
CA LYS I 253 28.57 -6.67 -33.55
C LYS I 253 27.43 -7.26 -34.36
N ILE I 254 26.20 -6.84 -34.06
CA ILE I 254 25.04 -7.03 -34.92
C ILE I 254 24.39 -5.68 -35.17
N GLU I 255 23.98 -5.44 -36.40
CA GLU I 255 23.28 -4.22 -36.81
C GLU I 255 21.94 -4.59 -37.40
N CYS I 256 20.91 -3.77 -37.21
CA CYS I 256 19.55 -4.06 -37.63
C CYS I 256 18.82 -2.80 -38.09
N THR I 257 17.82 -2.95 -38.95
CA THR I 257 16.99 -1.82 -39.38
C THR I 257 15.56 -2.19 -39.74
N ARG I 258 14.66 -1.23 -39.52
CA ARG I 258 13.30 -1.19 -40.05
C ARG I 258 13.24 0.01 -41.02
N PRO I 259 13.60 -0.17 -42.30
CA PRO I 259 13.86 0.94 -43.20
C PRO I 259 12.61 1.63 -43.77
N ASN I 260 11.43 1.00 -43.70
CA ASN I 260 10.18 1.61 -44.19
C ASN I 260 9.73 2.74 -43.26
N ASN I 261 9.18 3.83 -43.82
CA ASN I 261 8.57 4.91 -43.04
C ASN I 261 7.17 4.52 -42.55
N LYS I 262 6.87 4.79 -41.27
CA LYS I 262 5.55 4.54 -40.65
C LYS I 262 4.77 5.83 -40.48
N THR I 263 3.53 5.86 -40.96
CA THR I 263 2.57 6.93 -40.66
C THR I 263 1.76 6.57 -39.42
N ARG I 264 2.10 7.12 -38.26
CA ARG I 264 1.26 6.99 -37.05
C ARG I 264 -0.08 7.68 -37.29
N THR I 265 -1.17 7.08 -36.84
CA THR I 265 -2.49 7.73 -36.80
C THR I 265 -3.11 7.62 -35.41
N SER I 266 -3.93 8.58 -35.02
CA SER I 266 -4.54 8.64 -33.69
C SER I 266 -6.04 8.41 -33.77
N ILE I 267 -6.53 7.35 -33.12
CA ILE I 267 -7.96 7.02 -33.02
C ILE I 267 -8.38 7.19 -31.57
N ARG I 268 -9.36 8.03 -31.27
CA ARG I 268 -9.79 8.25 -29.88
C ARG I 268 -10.40 7.00 -29.27
N ILE I 269 -10.07 6.72 -28.02
CA ILE I 269 -10.69 5.64 -27.24
C ILE I 269 -11.82 6.19 -26.37
N GLY I 270 -11.63 7.36 -25.77
CA GLY I 270 -12.61 8.01 -24.91
C GLY I 270 -12.05 9.30 -24.31
N PRO I 271 -12.07 9.48 -22.97
CA PRO I 271 -11.55 10.68 -22.33
C PRO I 271 -10.02 10.74 -22.42
N GLY I 272 -9.50 11.67 -23.21
CA GLY I 272 -8.07 12.00 -23.32
C GLY I 272 -7.17 10.98 -24.04
N GLN I 273 -7.44 9.68 -23.92
CA GLN I 273 -6.59 8.61 -24.49
C GLN I 273 -6.91 8.24 -25.94
N ALA I 274 -5.88 7.84 -26.68
CA ALA I 274 -5.99 7.45 -28.08
C ALA I 274 -5.21 6.16 -28.39
N PHE I 275 -5.80 5.31 -29.21
CA PHE I 275 -5.19 4.15 -29.82
C PHE I 275 -4.30 4.62 -30.97
N TYR I 276 -2.99 4.49 -30.82
CA TYR I 276 -2.03 4.80 -31.88
C TYR I 276 -1.97 3.63 -32.84
N ALA I 277 -2.97 3.56 -33.70
CA ALA I 277 -3.05 2.59 -34.77
C ALA I 277 -1.96 2.82 -35.83
N THR I 278 -1.64 1.77 -36.57
CA THR I 278 -0.63 1.83 -37.62
C THR I 278 -1.27 2.19 -38.96
N GLY I 279 -1.05 3.43 -39.40
CA GLY I 279 -1.52 3.96 -40.69
C GLY I 279 -0.57 3.66 -41.83
N GLN I 280 -0.72 4.37 -42.95
CA GLN I 280 -0.08 4.05 -44.22
C GLN I 280 1.46 3.85 -44.14
N VAL I 281 1.94 2.75 -44.72
CA VAL I 281 3.39 2.50 -44.90
C VAL I 281 3.92 3.33 -46.06
N ILE I 282 5.08 3.96 -45.89
CA ILE I 282 5.68 4.90 -46.83
C ILE I 282 7.10 4.47 -47.19
N GLY I 283 7.53 4.78 -48.40
CA GLY I 283 8.87 4.49 -48.90
C GLY I 283 8.95 3.17 -49.68
N ASP I 284 10.12 2.90 -50.26
CA ASP I 284 10.36 1.69 -51.04
C ASP I 284 10.42 0.47 -50.10
N ILE I 285 9.44 -0.42 -50.20
CA ILE I 285 9.18 -1.44 -49.19
C ILE I 285 10.29 -2.49 -49.11
N ARG I 286 10.75 -2.80 -47.90
CA ARG I 286 11.68 -3.87 -47.56
C ARG I 286 11.21 -4.63 -46.33
N GLU I 287 11.77 -5.81 -46.13
CA GLU I 287 11.74 -6.50 -44.83
C GLU I 287 12.54 -5.74 -43.77
N ALA I 288 12.27 -5.99 -42.49
CA ALA I 288 13.29 -5.75 -41.47
C ALA I 288 14.42 -6.78 -41.59
N TYR I 289 15.65 -6.40 -41.28
CA TYR I 289 16.80 -7.30 -41.40
C TYR I 289 17.93 -6.92 -40.45
N CYS I 290 18.86 -7.86 -40.26
CA CYS I 290 20.08 -7.65 -39.49
C CYS I 290 21.32 -8.21 -40.19
N ASN I 291 22.50 -7.64 -39.90
CA ASN I 291 23.78 -7.93 -40.54
C ASN I 291 24.87 -8.26 -39.51
N ILE I 292 25.80 -9.18 -39.86
CA ILE I 292 26.90 -9.64 -39.00
C ILE I 292 28.19 -9.87 -39.81
N ASN I 293 29.36 -9.55 -39.24
CA ASN I 293 30.67 -9.87 -39.82
C ASN I 293 30.94 -11.39 -39.83
N GLU I 294 30.87 -12.00 -41.01
CA GLU I 294 30.89 -13.46 -41.13
C GLU I 294 32.21 -14.10 -40.69
N SER I 295 33.32 -13.38 -40.85
CA SER I 295 34.61 -13.78 -40.30
C SER I 295 34.51 -13.99 -38.78
N LYS I 296 33.98 -12.97 -38.08
CA LYS I 296 33.84 -12.98 -36.62
C LYS I 296 32.86 -14.06 -36.18
N TRP I 297 31.77 -14.25 -36.92
CA TRP I 297 30.84 -15.32 -36.62
C TRP I 297 31.51 -16.69 -36.73
N ASN I 298 32.20 -16.97 -37.84
CA ASN I 298 32.90 -18.23 -38.02
C ASN I 298 33.95 -18.45 -36.94
N GLU I 299 34.77 -17.44 -36.63
CA GLU I 299 35.74 -17.56 -35.55
C GLU I 299 35.03 -17.84 -34.22
N THR I 300 33.93 -17.16 -33.93
CA THR I 300 33.22 -17.34 -32.68
C THR I 300 32.71 -18.76 -32.56
N LEU I 301 32.02 -19.30 -33.57
CA LEU I 301 31.52 -20.67 -33.47
C LEU I 301 32.66 -21.69 -33.47
N GLN I 302 33.76 -21.46 -34.19
CA GLN I 302 34.96 -22.30 -34.06
C GLN I 302 35.45 -22.32 -32.61
N ARG I 303 35.64 -21.14 -31.99
CA ARG I 303 36.07 -21.05 -30.59
C ARG I 303 35.08 -21.73 -29.66
N VAL I 304 33.78 -21.51 -29.83
CA VAL I 304 32.74 -22.14 -28.99
C VAL I 304 32.82 -23.65 -29.09
N SER I 305 32.91 -24.20 -30.30
CA SER I 305 33.08 -25.63 -30.49
C SER I 305 34.35 -26.16 -29.84
N LYS I 306 35.46 -25.43 -30.02
CA LYS I 306 36.77 -25.77 -29.48
C LYS I 306 36.80 -25.80 -27.96
N LYS I 307 35.98 -25.01 -27.27
CA LYS I 307 35.73 -25.14 -25.82
C LYS I 307 34.70 -26.22 -25.50
N LEU I 308 33.60 -26.30 -26.24
CA LEU I 308 32.48 -27.17 -25.90
C LEU I 308 32.87 -28.66 -25.93
N LYS I 309 33.76 -29.04 -26.84
CA LYS I 309 34.33 -30.39 -26.86
C LYS I 309 35.20 -30.74 -25.65
N GLU I 310 35.57 -29.77 -24.81
CA GLU I 310 36.19 -30.09 -23.51
C GLU I 310 35.19 -30.68 -22.52
N TYR I 311 33.94 -30.22 -22.52
CA TYR I 311 32.87 -30.85 -21.73
C TYR I 311 32.43 -32.18 -22.34
N PHE I 312 32.39 -32.27 -23.67
CA PHE I 312 31.89 -33.42 -24.41
C PHE I 312 33.03 -34.04 -25.25
N PRO I 313 33.85 -34.93 -24.67
CA PRO I 313 35.14 -35.34 -25.25
C PRO I 313 35.05 -36.24 -26.49
N HIS I 314 33.88 -36.81 -26.81
CA HIS I 314 33.69 -37.61 -28.03
C HIS I 314 33.55 -36.73 -29.29
N LYS I 315 33.64 -37.37 -30.46
CA LYS I 315 34.14 -36.73 -31.69
C LYS I 315 33.34 -35.56 -32.25
N ASN I 316 32.04 -35.69 -32.50
CA ASN I 316 31.31 -34.73 -33.36
C ASN I 316 30.43 -33.78 -32.56
N ILE I 317 30.44 -32.50 -32.96
CA ILE I 317 29.55 -31.44 -32.48
C ILE I 317 28.82 -30.83 -33.68
N THR I 318 27.58 -30.39 -33.50
CA THR I 318 26.77 -29.80 -34.57
C THR I 318 25.77 -28.80 -34.03
N PHE I 319 25.47 -27.78 -34.83
CA PHE I 319 24.48 -26.77 -34.52
C PHE I 319 23.34 -26.85 -35.53
N GLN I 320 22.13 -26.49 -35.12
CA GLN I 320 20.93 -26.49 -35.96
C GLN I 320 19.99 -25.36 -35.55
N PRO I 321 19.07 -24.92 -36.42
CA PRO I 321 17.97 -24.04 -36.04
C PRO I 321 17.04 -24.69 -35.01
N SER I 322 16.13 -23.88 -34.49
CA SER I 322 15.09 -24.25 -33.51
C SER I 322 14.26 -25.47 -33.93
N SER I 323 13.79 -26.28 -32.99
CA SER I 323 12.95 -27.45 -33.32
C SER I 323 11.48 -27.10 -33.56
N GLY I 324 10.92 -26.17 -32.79
CA GLY I 324 9.51 -25.77 -32.87
C GLY I 324 9.07 -24.96 -31.65
N GLY I 325 7.80 -24.62 -31.56
CA GLY I 325 7.24 -23.78 -30.49
C GLY I 325 6.96 -22.34 -30.93
N ASP I 326 6.77 -21.44 -29.98
CA ASP I 326 6.41 -20.04 -30.28
C ASP I 326 7.55 -19.28 -30.96
N LEU I 327 7.22 -18.19 -31.67
CA LEU I 327 8.18 -17.27 -32.29
C LEU I 327 9.27 -16.84 -31.31
N GLU I 328 8.87 -16.56 -30.08
CA GLU I 328 9.71 -16.04 -29.00
C GLU I 328 10.95 -16.89 -28.73
N ILE I 329 10.88 -18.21 -28.93
CA ILE I 329 12.05 -19.09 -28.84
C ILE I 329 12.51 -19.61 -30.19
N THR I 330 11.60 -19.81 -31.15
CA THR I 330 11.99 -20.34 -32.45
C THR I 330 12.81 -19.36 -33.29
N THR I 331 12.90 -18.10 -32.89
CA THR I 331 13.71 -17.07 -33.54
C THR I 331 14.51 -16.28 -32.52
N HIS I 332 15.56 -15.59 -32.95
CA HIS I 332 16.17 -14.54 -32.12
C HIS I 332 15.21 -13.38 -32.01
N SER I 333 15.08 -12.79 -30.83
CA SER I 333 14.15 -11.69 -30.59
C SER I 333 14.70 -10.63 -29.64
N PHE I 334 14.37 -9.37 -29.94
CA PHE I 334 14.91 -8.16 -29.31
C PHE I 334 14.03 -6.96 -29.69
N ASN I 335 14.23 -5.82 -29.04
CA ASN I 335 13.33 -4.66 -29.12
C ASN I 335 14.06 -3.35 -29.52
N CYS I 336 14.77 -3.35 -30.65
CA CYS I 336 15.44 -2.16 -31.17
C CYS I 336 14.50 -0.97 -31.31
N GLY I 337 14.96 0.20 -30.86
CA GLY I 337 14.19 1.45 -30.91
C GLY I 337 12.97 1.40 -30.01
N GLY I 338 11.86 0.90 -30.56
CA GLY I 338 10.60 0.74 -29.84
C GLY I 338 9.61 -0.20 -30.50
N GLU I 339 10.08 -1.16 -31.31
CA GLU I 339 9.26 -2.24 -31.87
C GLU I 339 9.99 -3.57 -31.71
N PHE I 340 9.27 -4.67 -31.79
CA PHE I 340 9.80 -6.00 -31.49
C PHE I 340 10.08 -6.80 -32.76
N PHE I 341 11.21 -7.48 -32.77
CA PHE I 341 11.76 -8.19 -33.92
C PHE I 341 11.85 -9.70 -33.66
N TYR I 342 11.77 -10.48 -34.73
CA TYR I 342 11.80 -11.93 -34.70
C TYR I 342 12.54 -12.41 -35.96
N CYS I 343 13.74 -12.97 -35.81
CA CYS I 343 14.65 -13.23 -36.93
C CYS I 343 14.93 -14.73 -37.13
N ASN I 344 14.75 -15.24 -38.36
CA ASN I 344 14.98 -16.64 -38.70
C ASN I 344 16.48 -16.93 -38.76
N THR I 345 17.09 -17.22 -37.61
CA THR I 345 18.54 -17.41 -37.43
C THR I 345 19.11 -18.68 -38.03
N SER I 346 18.35 -19.44 -38.83
CA SER I 346 18.80 -20.72 -39.40
C SER I 346 20.12 -20.63 -40.15
N SER I 347 20.37 -19.55 -40.88
CA SER I 347 21.64 -19.35 -41.60
C SER I 347 22.84 -19.13 -40.68
N LEU I 348 22.65 -18.69 -39.43
CA LEU I 348 23.73 -18.56 -38.46
C LEU I 348 24.16 -19.92 -37.89
N PHE I 349 23.24 -20.87 -37.75
CA PHE I 349 23.48 -22.10 -36.98
C PHE I 349 23.63 -23.38 -37.81
N ASN I 350 23.58 -23.36 -39.14
CA ASN I 350 24.00 -24.52 -39.95
C ASN I 350 25.53 -24.66 -39.91
N ARG I 351 26.09 -25.38 -38.93
CA ARG I 351 27.53 -25.65 -38.81
C ARG I 351 27.80 -27.00 -38.16
N THR I 352 28.96 -27.58 -38.45
CA THR I 352 29.39 -28.91 -37.95
C THR I 352 30.89 -28.94 -37.65
N TYR I 353 31.30 -29.75 -36.68
CA TYR I 353 32.69 -29.86 -36.23
C TYR I 353 33.00 -31.28 -35.71
N MET I 354 34.29 -31.64 -35.67
CA MET I 354 34.77 -32.99 -35.41
C MET I 354 36.16 -33.00 -34.75
N ALA I 355 36.57 -34.14 -34.20
CA ALA I 355 37.91 -34.34 -33.64
C ALA I 355 39.01 -34.04 -34.68
N ASN I 356 40.15 -33.50 -34.23
CA ASN I 356 41.26 -33.05 -35.06
C ASN I 356 40.80 -32.10 -36.18
N ASN I 361 37.13 -7.43 -41.89
CA ASN I 361 36.05 -8.27 -41.39
C ASN I 361 34.71 -8.05 -42.10
N SER I 362 34.59 -7.01 -42.92
CA SER I 362 33.40 -6.71 -43.73
C SER I 362 33.47 -7.38 -45.11
N THR I 363 33.50 -8.71 -45.10
CA THR I 363 33.51 -9.58 -46.29
C THR I 363 32.69 -10.85 -46.00
N ARG I 364 32.11 -11.50 -47.02
CA ARG I 364 31.11 -12.59 -46.88
C ARG I 364 29.91 -12.23 -45.98
N THR I 365 29.63 -10.95 -45.73
CA THR I 365 28.75 -10.46 -44.64
C THR I 365 27.42 -11.19 -44.57
N ILE I 366 27.10 -11.79 -43.42
CA ILE I 366 25.83 -12.46 -43.20
C ILE I 366 24.73 -11.41 -43.06
N THR I 367 23.59 -11.64 -43.70
CA THR I 367 22.37 -10.86 -43.48
C THR I 367 21.17 -11.80 -43.30
N ILE I 368 20.25 -11.47 -42.40
CA ILE I 368 19.16 -12.37 -41.98
C ILE I 368 17.80 -11.67 -42.05
N HIS I 369 16.80 -12.41 -42.50
CA HIS I 369 15.41 -11.96 -42.61
C HIS I 369 14.77 -11.84 -41.23
N CYS I 370 14.05 -10.75 -40.97
CA CYS I 370 13.32 -10.56 -39.72
C CYS I 370 11.88 -10.14 -40.00
N ARG I 371 10.93 -10.71 -39.25
CA ARG I 371 9.58 -10.17 -39.11
C ARG I 371 9.52 -9.30 -37.88
N ILE I 372 8.46 -8.52 -37.76
CA ILE I 372 8.24 -7.57 -36.68
C ILE I 372 6.77 -7.60 -36.27
N LYS I 373 6.49 -7.22 -35.03
CA LYS I 373 5.23 -7.57 -34.34
C LYS I 373 4.81 -6.44 -33.39
N GLN I 374 3.52 -6.21 -33.23
CA GLN I 374 3.02 -5.19 -32.30
C GLN I 374 2.39 -5.79 -31.05
N ILE I 375 1.89 -7.02 -31.08
CA ILE I 375 1.20 -7.66 -29.96
C ILE I 375 2.08 -8.74 -29.36
N ILE I 376 2.37 -8.62 -28.07
CA ILE I 376 3.51 -9.27 -27.43
C ILE I 376 3.07 -9.99 -26.15
N ASN I 377 3.47 -11.24 -25.97
CA ASN I 377 3.43 -11.89 -24.66
C ASN I 377 4.67 -11.49 -23.88
N MET I 378 4.57 -11.31 -22.57
CA MET I 378 5.65 -10.80 -21.73
C MET I 378 5.79 -11.68 -20.49
N TRP I 379 7.03 -11.99 -20.10
CA TRP I 379 7.37 -12.98 -19.06
C TRP I 379 6.78 -14.37 -19.28
N GLN I 380 6.35 -14.67 -20.50
CA GLN I 380 5.58 -15.87 -20.84
C GLN I 380 4.28 -16.05 -20.03
N GLU I 381 3.73 -15.03 -19.37
CA GLU I 381 2.38 -15.13 -18.81
C GLU I 381 1.31 -15.13 -19.91
N VAL I 382 0.19 -15.83 -19.72
CA VAL I 382 -1.05 -15.55 -20.45
C VAL I 382 -1.78 -14.37 -19.79
N GLY I 383 -2.94 -13.99 -20.30
CA GLY I 383 -3.85 -13.04 -19.62
C GLY I 383 -3.49 -11.57 -19.74
N ARG I 384 -2.20 -11.22 -19.85
CA ARG I 384 -1.68 -9.84 -19.78
C ARG I 384 -0.76 -9.50 -20.94
N ALA I 385 -1.31 -9.51 -22.15
CA ALA I 385 -0.59 -9.17 -23.37
C ALA I 385 -0.37 -7.66 -23.51
N MET I 386 0.58 -7.28 -24.34
CA MET I 386 1.04 -5.90 -24.52
C MET I 386 0.99 -5.50 -25.99
N TYR I 387 0.53 -4.29 -26.29
CA TYR I 387 0.58 -3.71 -27.64
C TYR I 387 1.62 -2.59 -27.69
N ALA I 388 2.53 -2.68 -28.67
CA ALA I 388 3.48 -1.65 -29.00
C ALA I 388 2.89 -0.73 -30.07
N PRO I 389 2.78 0.59 -29.83
CA PRO I 389 2.44 1.52 -30.88
C PRO I 389 3.57 1.56 -31.91
N PRO I 390 3.30 1.88 -33.19
CA PRO I 390 4.33 1.99 -34.19
C PRO I 390 5.27 3.15 -33.89
N ILE I 391 6.57 2.96 -34.11
CA ILE I 391 7.55 4.05 -34.15
C ILE I 391 7.45 4.70 -35.53
N ALA I 392 7.16 5.99 -35.57
CA ALA I 392 7.01 6.75 -36.80
C ALA I 392 8.35 6.87 -37.57
N GLY I 393 8.28 7.03 -38.89
CA GLY I 393 9.48 7.08 -39.74
C GLY I 393 10.18 5.73 -39.83
N ASN I 394 11.51 5.72 -39.93
CA ASN I 394 12.34 4.52 -40.09
C ASN I 394 13.48 4.45 -39.07
N ILE I 395 14.00 3.25 -38.83
CA ILE I 395 14.79 2.92 -37.64
C ILE I 395 16.08 2.17 -38.01
N THR I 396 17.20 2.54 -37.40
CA THR I 396 18.45 1.78 -37.39
C THR I 396 18.90 1.52 -35.96
N CYS I 397 19.62 0.43 -35.75
CA CYS I 397 19.98 -0.05 -34.43
C CYS I 397 21.28 -0.87 -34.50
N ILE I 398 22.11 -0.79 -33.47
CA ILE I 398 23.35 -1.56 -33.35
C ILE I 398 23.44 -2.11 -31.93
N SER I 399 23.91 -3.35 -31.78
CA SER I 399 24.10 -3.97 -30.47
C SER I 399 25.21 -5.02 -30.52
N ASN I 400 25.64 -5.45 -29.34
CA ASN I 400 26.77 -6.37 -29.18
C ASN I 400 26.26 -7.72 -28.74
N ILE I 401 26.43 -8.77 -29.53
CA ILE I 401 26.26 -10.15 -29.06
C ILE I 401 27.37 -10.46 -28.07
N THR I 402 27.02 -11.12 -26.98
CA THR I 402 27.92 -11.41 -25.85
C THR I 402 27.84 -12.85 -25.37
N GLY I 403 26.82 -13.60 -25.78
CA GLY I 403 26.66 -14.99 -25.39
C GLY I 403 25.48 -15.67 -26.05
N LEU I 404 25.51 -17.00 -26.04
CA LEU I 404 24.51 -17.84 -26.70
C LEU I 404 23.75 -18.63 -25.64
N LEU I 405 22.42 -18.66 -25.71
CA LEU I 405 21.64 -19.61 -24.92
C LEU I 405 21.40 -20.86 -25.74
N LEU I 406 22.25 -21.85 -25.58
CA LEU I 406 22.09 -23.15 -26.22
C LEU I 406 21.21 -24.07 -25.39
N THR I 407 20.66 -25.10 -26.03
CA THR I 407 20.15 -26.30 -25.37
C THR I 407 20.56 -27.52 -26.19
N ARG I 408 20.69 -28.71 -25.59
CA ARG I 408 21.26 -29.88 -26.28
C ARG I 408 20.25 -30.96 -26.61
N ASP I 409 20.42 -31.52 -27.79
CA ASP I 409 19.58 -32.55 -28.42
C ASP I 409 19.68 -33.90 -27.68
N TYR I 410 18.98 -34.92 -28.17
CA TYR I 410 19.21 -36.29 -27.77
C TYR I 410 20.65 -36.72 -28.10
N GLY I 411 21.32 -37.34 -27.13
CA GLY I 411 22.67 -37.86 -27.33
C GLY I 411 22.65 -39.12 -28.21
N LYS I 412 23.44 -39.14 -29.28
CA LYS I 412 23.56 -40.26 -30.22
C LYS I 412 25.02 -40.53 -30.60
N ASN I 413 25.27 -41.70 -31.19
CA ASN I 413 26.61 -42.25 -31.37
C ASN I 413 27.62 -41.23 -31.90
N ASN I 414 28.69 -41.01 -31.14
CA ASN I 414 29.80 -40.09 -31.43
C ASN I 414 29.39 -38.63 -31.75
N THR I 415 28.17 -38.20 -31.38
CA THR I 415 27.58 -36.97 -31.92
C THR I 415 26.74 -36.22 -30.89
N GLU I 416 27.24 -35.08 -30.41
CA GLU I 416 26.40 -34.08 -29.74
C GLU I 416 25.74 -33.16 -30.75
N THR I 417 24.65 -32.51 -30.35
CA THR I 417 24.03 -31.47 -31.17
C THR I 417 23.36 -30.43 -30.28
N PHE I 418 23.40 -29.17 -30.70
CA PHE I 418 22.91 -28.03 -29.94
C PHE I 418 22.05 -27.15 -30.83
N ARG I 419 21.13 -26.40 -30.24
CA ARG I 419 20.39 -25.35 -30.96
C ARG I 419 20.07 -24.18 -30.04
N PRO I 420 19.78 -22.99 -30.59
CA PRO I 420 19.36 -21.86 -29.80
C PRO I 420 18.10 -22.18 -29.00
N GLY I 421 17.97 -21.61 -27.81
CA GLY I 421 16.83 -21.85 -26.93
C GLY I 421 16.71 -20.79 -25.84
N GLY I 422 16.56 -21.23 -24.60
CA GLY I 422 16.39 -20.34 -23.45
C GLY I 422 14.98 -19.78 -23.43
N GLY I 423 14.83 -18.49 -23.69
CA GLY I 423 13.54 -17.80 -23.78
C GLY I 423 12.84 -17.56 -22.44
N ASN I 424 13.00 -18.45 -21.47
CA ASN I 424 12.57 -18.21 -20.10
C ASN I 424 13.48 -17.15 -19.47
N MET I 425 12.95 -15.94 -19.27
CA MET I 425 13.76 -14.73 -19.04
C MET I 425 14.74 -14.82 -17.88
N LYS I 426 14.49 -15.67 -16.87
CA LYS I 426 15.39 -15.90 -15.74
C LYS I 426 16.81 -16.22 -16.19
N ASP I 427 16.97 -17.00 -17.25
CA ASP I 427 18.29 -17.35 -17.75
C ASP I 427 19.09 -16.14 -18.23
N ASN I 428 18.46 -15.08 -18.73
CA ASN I 428 19.20 -13.86 -19.05
C ASN I 428 19.83 -13.25 -17.81
N TRP I 429 19.06 -13.03 -16.73
CA TRP I 429 19.66 -12.45 -15.55
C TRP I 429 20.66 -13.39 -14.90
N ARG I 430 20.40 -14.69 -14.87
CA ARG I 430 21.39 -15.66 -14.41
C ARG I 430 22.65 -15.66 -15.27
N SER I 431 22.57 -15.28 -16.53
CA SER I 431 23.75 -15.09 -17.39
C SER I 431 24.63 -13.89 -17.03
N GLU I 432 24.24 -13.07 -16.05
CA GLU I 432 25.09 -11.97 -15.55
C GLU I 432 25.22 -11.93 -14.03
N LEU I 433 24.18 -12.32 -13.28
CA LEU I 433 24.24 -12.48 -11.84
C LEU I 433 25.05 -13.70 -11.39
N TYR I 434 25.63 -14.49 -12.30
CA TYR I 434 26.40 -15.68 -11.93
C TYR I 434 27.57 -15.38 -10.98
N LYS I 435 28.09 -14.16 -10.99
CA LYS I 435 29.15 -13.71 -10.10
C LYS I 435 28.70 -13.74 -8.64
N TYR I 436 27.66 -12.99 -8.31
CA TYR I 436 27.35 -12.63 -6.94
C TYR I 436 26.79 -13.77 -6.08
N LYS I 437 26.95 -13.62 -4.76
CA LYS I 437 26.21 -14.34 -3.72
C LYS I 437 25.91 -13.37 -2.59
N VAL I 438 24.82 -13.56 -1.86
CA VAL I 438 24.46 -12.72 -0.70
C VAL I 438 24.54 -13.51 0.59
N VAL I 439 25.07 -12.90 1.65
CA VAL I 439 25.26 -13.52 2.97
C VAL I 439 24.80 -12.59 4.07
N LYS I 440 24.45 -13.15 5.23
CA LYS I 440 24.19 -12.36 6.44
C LYS I 440 25.37 -12.47 7.37
N ILE I 441 25.79 -11.36 7.95
CA ILE I 441 26.84 -11.34 8.96
C ILE I 441 26.24 -11.82 10.29
N GLU I 442 26.96 -12.64 11.04
CA GLU I 442 26.52 -13.19 12.33
C GLU I 442 27.47 -12.75 13.46
N PRO I 443 27.49 -11.46 13.82
CA PRO I 443 28.65 -10.82 14.42
C PRO I 443 28.98 -11.25 15.85
N LEU I 444 28.10 -11.96 16.53
CA LEU I 444 28.24 -12.29 17.96
C LEU I 444 29.05 -13.58 18.16
N GLY I 445 30.36 -13.52 17.99
CA GLY I 445 31.26 -14.65 18.18
C GLY I 445 31.64 -14.87 19.64
N VAL I 446 31.98 -16.11 20.02
CA VAL I 446 32.51 -16.43 21.36
C VAL I 446 33.68 -17.39 21.26
N ALA I 447 34.60 -17.32 22.22
CA ALA I 447 35.84 -18.09 22.22
C ALA I 447 36.41 -18.27 23.63
N PRO I 448 37.30 -19.26 23.86
CA PRO I 448 38.13 -19.31 25.05
C PRO I 448 39.15 -18.17 25.08
N THR I 449 39.52 -17.72 26.27
CA THR I 449 40.65 -16.81 26.49
C THR I 449 41.30 -17.02 27.85
N ARG I 450 42.55 -16.58 27.99
CA ARG I 450 43.38 -16.61 29.20
C ARG I 450 43.08 -15.41 30.10
N CYS I 451 41.82 -15.25 30.49
CA CYS I 451 41.33 -14.16 31.35
C CYS I 451 40.12 -14.62 32.17
N LYS I 452 39.86 -14.01 33.32
CA LYS I 452 38.52 -13.95 33.93
C LYS I 452 38.21 -12.55 34.44
N ARG I 453 36.94 -12.17 34.53
CA ARG I 453 36.48 -10.84 34.97
C ARG I 453 36.52 -10.72 36.49
N ARG I 454 36.87 -9.56 37.02
CA ARG I 454 36.85 -9.30 38.46
C ARG I 454 35.43 -9.27 39.01
N VAL I 455 35.23 -9.78 40.23
CA VAL I 455 33.91 -9.83 40.92
C VAL I 455 33.52 -8.49 41.55
N VAL I 456 34.49 -7.70 42.01
CA VAL I 456 34.30 -6.37 42.64
C VAL I 456 33.79 -5.31 41.66
N VAL J 1 39.85 5.08 8.99
CA VAL J 1 40.11 4.10 7.90
C VAL J 1 38.86 3.26 7.63
N PHE J 2 38.48 3.06 6.36
CA PHE J 2 37.34 2.23 5.96
C PHE J 2 37.80 0.96 5.21
N LEU J 3 37.44 -0.22 5.72
CA LEU J 3 37.73 -1.52 5.11
C LEU J 3 36.46 -2.27 4.67
N GLY J 4 35.30 -1.60 4.69
CA GLY J 4 34.00 -2.19 4.37
C GLY J 4 33.55 -3.29 5.34
N PHE J 5 32.37 -3.83 5.10
CA PHE J 5 31.95 -5.06 5.75
C PHE J 5 32.98 -6.16 5.51
N LEU J 6 33.29 -6.95 6.54
CA LEU J 6 34.14 -8.11 6.42
C LEU J 6 35.56 -7.78 5.90
N GLY J 7 36.10 -6.60 6.23
CA GLY J 7 37.39 -6.14 5.72
C GLY J 7 38.52 -7.17 5.87
N ALA J 8 38.61 -7.81 7.04
CA ALA J 8 39.37 -9.04 7.25
C ALA J 8 38.91 -9.71 8.55
N ALA J 9 38.22 -10.85 8.60
CA ALA J 9 37.90 -11.86 7.59
C ALA J 9 39.13 -12.55 6.98
N GLY J 10 39.09 -13.88 6.89
CA GLY J 10 40.18 -14.69 6.34
C GLY J 10 41.41 -14.75 7.24
N SER J 11 42.03 -13.60 7.50
CA SER J 11 43.18 -13.42 8.38
C SER J 11 42.92 -13.97 9.79
N THR J 12 44.00 -14.18 10.55
CA THR J 12 43.94 -14.76 11.89
C THR J 12 43.24 -13.85 12.91
N MET J 13 43.06 -14.27 14.16
CA MET J 13 42.20 -13.51 15.08
C MET J 13 42.80 -12.19 15.59
N GLY J 14 44.10 -11.93 15.47
CA GLY J 14 44.70 -10.73 16.05
C GLY J 14 45.97 -10.18 15.38
N ALA J 15 45.92 -9.56 14.21
CA ALA J 15 44.87 -9.55 13.17
C ALA J 15 43.43 -9.21 13.60
N ALA J 16 42.42 -9.95 13.14
CA ALA J 16 41.04 -9.47 12.94
C ALA J 16 40.41 -8.67 14.10
N SER J 17 40.59 -9.10 15.33
CA SER J 17 40.05 -8.45 16.52
C SER J 17 40.47 -6.98 16.66
N MET J 18 41.60 -6.56 16.09
CA MET J 18 42.03 -5.17 16.06
C MET J 18 41.13 -4.25 15.19
N THR J 19 40.17 -4.80 14.44
CA THR J 19 39.35 -4.07 13.45
C THR J 19 37.85 -4.01 13.77
N LEU J 20 37.43 -4.54 14.92
CA LEU J 20 36.02 -4.80 15.20
C LEU J 20 35.15 -3.54 15.18
N THR J 21 35.68 -2.38 15.55
CA THR J 21 34.89 -1.14 15.55
C THR J 21 34.34 -0.79 14.16
N VAL J 22 35.18 -0.79 13.13
CA VAL J 22 34.73 -0.56 11.75
C VAL J 22 33.78 -1.66 11.30
N GLN J 23 34.10 -2.90 11.67
CA GLN J 23 33.30 -4.07 11.35
C GLN J 23 31.87 -3.96 11.91
N ALA J 24 31.72 -3.37 13.10
CA ALA J 24 30.43 -3.14 13.73
C ALA J 24 29.70 -1.89 13.20
N ARG J 25 30.40 -0.77 12.95
CA ARG J 25 29.74 0.50 12.57
C ARG J 25 28.94 0.41 11.27
N ASN J 26 29.35 -0.45 10.35
CA ASN J 26 28.66 -0.63 9.08
C ASN J 26 27.29 -1.31 9.22
N LEU J 27 26.96 -1.92 10.36
CA LEU J 27 25.76 -2.72 10.57
C LEU J 27 24.41 -1.96 10.49
N LEU J 28 24.40 -0.62 10.41
CA LEU J 28 23.19 0.19 10.19
C LEU J 28 23.48 1.35 9.21
N SER J 29 23.70 1.05 7.93
CA SER J 29 24.02 2.03 6.87
C SER J 29 23.78 1.47 5.46
N GLY J 30 23.78 2.32 4.43
CA GLY J 30 23.51 1.96 3.03
C GLY J 30 22.06 2.26 2.62
N THR J 31 21.61 3.49 2.81
CA THR J 31 20.23 3.96 2.56
C THR J 31 20.20 5.48 2.36
N VAL J 32 2.84 -0.22 -4.69
CA VAL J 32 2.94 -0.33 -3.23
C VAL J 32 4.21 -1.05 -2.76
N TRP J 33 5.01 -1.59 -3.69
CA TRP J 33 6.15 -2.45 -3.41
C TRP J 33 7.26 -1.81 -2.56
N GLY J 34 7.28 -0.48 -2.42
CA GLY J 34 8.15 0.24 -1.48
C GLY J 34 8.05 -0.24 -0.02
N ILE J 35 6.96 -0.92 0.35
CA ILE J 35 6.82 -1.65 1.62
C ILE J 35 8.00 -2.58 1.90
N LYS J 36 8.57 -3.22 0.87
CA LYS J 36 9.73 -4.13 0.99
C LYS J 36 10.95 -3.43 1.59
N GLN J 37 11.19 -2.17 1.23
CA GLN J 37 12.32 -1.41 1.75
C GLN J 37 12.18 -1.17 3.26
N LEU J 38 10.99 -0.79 3.76
CA LEU J 38 10.78 -0.68 5.20
C LEU J 38 10.92 -2.03 5.89
N GLN J 39 10.36 -3.09 5.32
CA GLN J 39 10.47 -4.42 5.91
C GLN J 39 11.94 -4.86 6.04
N ALA J 40 12.76 -4.63 5.02
CA ALA J 40 14.19 -4.91 5.09
C ALA J 40 14.89 -4.11 6.21
N ARG J 41 14.60 -2.82 6.34
CA ARG J 41 15.21 -1.96 7.37
C ARG J 41 14.78 -2.38 8.77
N VAL J 42 13.51 -2.72 8.99
CA VAL J 42 13.04 -3.26 10.27
C VAL J 42 13.68 -4.62 10.58
N LEU J 43 13.84 -5.51 9.60
CA LEU J 43 14.54 -6.79 9.79
C LEU J 43 16.00 -6.61 10.24
N ALA J 44 16.69 -5.58 9.74
CA ALA J 44 18.02 -5.24 10.20
C ALA J 44 17.99 -4.65 11.62
N VAL J 45 17.12 -3.66 11.87
CA VAL J 45 17.03 -3.00 13.17
C VAL J 45 16.68 -3.98 14.29
N GLU J 46 15.74 -4.90 14.09
CA GLU J 46 15.43 -5.91 15.10
C GLU J 46 16.62 -6.82 15.38
N ARG J 47 17.38 -7.24 14.36
CA ARG J 47 18.58 -8.07 14.58
C ARG J 47 19.60 -7.32 15.41
N TYR J 48 19.87 -6.05 15.08
CA TYR J 48 20.80 -5.28 15.88
C TYR J 48 20.31 -5.14 17.32
N LEU J 49 19.05 -4.77 17.52
CA LEU J 49 18.50 -4.63 18.86
C LEU J 49 18.60 -5.92 19.66
N ARG J 50 18.26 -7.07 19.08
CA ARG J 50 18.37 -8.35 19.78
C ARG J 50 19.79 -8.59 20.25
N ASP J 51 20.77 -8.42 19.39
CA ASP J 51 22.16 -8.65 19.79
C ASP J 51 22.59 -7.65 20.87
N GLN J 52 22.17 -6.39 20.74
CA GLN J 52 22.50 -5.39 21.75
C GLN J 52 21.86 -5.74 23.10
N GLN J 53 20.61 -6.18 23.13
CA GLN J 53 19.98 -6.64 24.36
C GLN J 53 20.71 -7.85 24.94
N LEU J 54 21.08 -8.81 24.09
CA LEU J 54 21.73 -10.02 24.54
C LEU J 54 23.10 -9.74 25.16
N LEU J 55 23.86 -8.80 24.59
CA LEU J 55 25.07 -8.30 25.23
C LEU J 55 24.78 -7.64 26.60
N GLY J 56 23.64 -6.96 26.73
CA GLY J 56 23.18 -6.45 28.02
C GLY J 56 22.96 -7.57 29.03
N ILE J 57 22.26 -8.64 28.63
CA ILE J 57 21.98 -9.77 29.51
C ILE J 57 23.27 -10.45 29.99
N TRP J 58 24.34 -10.48 29.20
CA TRP J 58 25.63 -11.07 29.63
C TRP J 58 26.54 -10.10 30.41
N GLY J 59 26.06 -8.91 30.76
CA GLY J 59 26.88 -7.92 31.46
C GLY J 59 27.98 -7.32 30.58
N CYS J 60 27.75 -7.23 29.27
CA CYS J 60 28.64 -6.62 28.29
C CYS J 60 27.95 -5.42 27.63
N SER J 61 27.45 -4.49 28.45
CA SER J 61 26.48 -3.45 28.08
C SER J 61 26.87 -2.57 26.88
N GLY J 62 28.16 -2.30 26.69
CA GLY J 62 28.65 -1.41 25.65
C GLY J 62 30.14 -1.61 25.38
N LYS J 63 30.56 -2.86 25.22
CA LYS J 63 31.94 -3.25 24.94
C LYS J 63 32.01 -4.16 23.72
N LEU J 64 33.03 -4.02 22.88
CA LEU J 64 33.25 -4.95 21.77
C LEU J 64 33.98 -6.23 22.18
N ILE J 65 34.69 -6.23 23.30
CA ILE J 65 35.37 -7.39 23.84
C ILE J 65 35.00 -7.50 25.32
N CYS J 66 34.66 -8.69 25.81
CA CYS J 66 34.13 -8.84 27.15
C CYS J 66 34.50 -10.20 27.73
N CYS J 67 35.55 -10.20 28.56
CA CYS J 67 35.93 -11.35 29.36
C CYS J 67 34.86 -11.56 30.46
N THR J 68 34.54 -12.81 30.81
CA THR J 68 33.40 -13.09 31.73
C THR J 68 33.48 -14.48 32.37
N ASN J 69 32.79 -14.68 33.49
CA ASN J 69 33.08 -15.79 34.40
C ASN J 69 32.24 -17.03 34.08
N VAL J 70 32.57 -17.69 32.98
CA VAL J 70 32.20 -19.10 32.74
C VAL J 70 33.46 -19.87 32.36
N PRO J 71 33.82 -20.96 33.04
CA PRO J 71 35.04 -21.68 32.74
C PRO J 71 34.91 -22.42 31.40
N TRP J 72 35.95 -22.34 30.58
CA TRP J 72 36.01 -23.14 29.36
C TRP J 72 36.19 -24.62 29.67
N ASN J 73 35.75 -25.53 28.79
CA ASN J 73 35.84 -26.97 29.06
C ASN J 73 36.04 -27.81 27.78
N SER J 74 36.58 -29.00 27.96
CA SER J 74 36.83 -29.97 26.89
C SER J 74 35.57 -30.73 26.45
N SER J 75 34.39 -30.51 27.04
CA SER J 75 33.13 -31.00 26.46
C SER J 75 32.80 -30.17 25.21
N TRP J 76 33.11 -28.87 25.23
CA TRP J 76 33.23 -28.02 24.05
C TRP J 76 34.57 -28.29 23.35
N SER J 77 34.83 -27.61 22.23
CA SER J 77 36.03 -27.84 21.42
C SER J 77 37.32 -27.57 22.20
N ASN J 78 38.07 -28.62 22.53
CA ASN J 78 39.39 -28.53 23.13
C ASN J 78 40.45 -28.04 22.13
N ARG J 79 41.37 -27.17 22.56
CA ARG J 79 42.57 -26.71 21.81
C ARG J 79 43.71 -26.31 22.75
N ASN J 80 44.95 -26.37 22.24
CA ASN J 80 46.15 -25.88 22.95
C ASN J 80 46.34 -24.36 22.88
N LEU J 81 45.59 -23.65 22.02
CA LEU J 81 45.67 -22.21 21.70
C LEU J 81 47.00 -21.68 21.16
N SER J 82 48.13 -22.35 21.36
CA SER J 82 49.49 -21.83 21.15
C SER J 82 49.66 -21.11 19.80
N GLU J 83 49.40 -21.81 18.69
CA GLU J 83 49.05 -21.14 17.43
C GLU J 83 47.55 -20.88 17.33
N ILE J 84 46.71 -21.83 17.76
CA ILE J 84 45.33 -21.94 17.28
C ILE J 84 44.45 -20.73 17.61
N TRP J 85 44.70 -20.03 18.72
CA TRP J 85 44.00 -18.77 19.03
C TRP J 85 44.23 -17.71 17.94
N ASP J 86 45.38 -17.75 17.25
CA ASP J 86 45.70 -16.90 16.11
C ASP J 86 46.06 -17.72 14.86
N ASN J 87 45.41 -18.88 14.66
CA ASN J 87 45.51 -19.70 13.46
C ASN J 87 44.36 -20.73 13.42
N MET J 88 43.19 -20.37 12.90
CA MET J 88 42.07 -21.33 12.76
C MET J 88 41.27 -21.16 11.45
N THR J 89 40.71 -20.01 11.07
CA THR J 89 40.39 -18.84 11.90
C THR J 89 38.86 -18.68 11.99
N TRP J 90 38.25 -17.51 11.79
CA TRP J 90 36.91 -17.25 12.34
C TRP J 90 35.80 -18.11 11.74
N LEU J 91 35.72 -18.26 10.43
CA LEU J 91 34.69 -19.09 9.81
C LEU J 91 34.83 -20.54 10.29
N GLN J 92 36.06 -21.05 10.31
CA GLN J 92 36.36 -22.40 10.75
C GLN J 92 35.99 -22.57 12.23
N TRP J 93 36.32 -21.59 13.06
CA TRP J 93 35.98 -21.58 14.48
C TRP J 93 34.46 -21.60 14.68
N ASP J 94 33.72 -20.80 13.92
CA ASP J 94 32.26 -20.77 14.03
C ASP J 94 31.66 -22.14 13.71
N LYS J 95 32.17 -22.83 12.69
CA LYS J 95 31.75 -24.22 12.43
C LYS J 95 32.12 -25.12 13.59
N GLU J 96 33.36 -25.06 14.07
CA GLU J 96 33.85 -25.90 15.15
C GLU J 96 33.04 -25.75 16.45
N ILE J 97 32.60 -24.53 16.79
CA ILE J 97 31.83 -24.26 18.01
C ILE J 97 30.31 -24.36 17.81
N SER J 98 29.81 -24.42 16.58
CA SER J 98 28.40 -24.28 16.23
C SER J 98 27.44 -25.17 17.03
N ASN J 99 27.87 -26.36 17.42
CA ASN J 99 27.07 -27.30 18.23
C ASN J 99 26.79 -26.80 19.65
N TYR J 100 27.48 -25.76 20.13
CA TYR J 100 27.52 -25.40 21.55
C TYR J 100 27.08 -23.98 21.87
N THR J 101 26.93 -23.09 20.88
CA THR J 101 26.72 -21.66 21.17
C THR J 101 25.49 -21.41 22.05
N GLN J 102 24.38 -22.10 21.80
CA GLN J 102 23.18 -22.05 22.61
C GLN J 102 23.43 -22.49 24.06
N ILE J 103 24.32 -23.45 24.31
CA ILE J 103 24.69 -23.84 25.67
C ILE J 103 25.49 -22.73 26.31
N ILE J 104 26.50 -22.20 25.61
CA ILE J 104 27.34 -21.13 26.15
C ILE J 104 26.49 -19.88 26.45
N TYR J 105 25.56 -19.52 25.58
CA TYR J 105 24.64 -18.40 25.82
C TYR J 105 23.80 -18.63 27.09
N GLY J 106 23.37 -19.88 27.34
CA GLY J 106 22.72 -20.24 28.59
C GLY J 106 23.62 -20.03 29.81
N LEU J 107 24.86 -20.51 29.75
CA LEU J 107 25.80 -20.36 30.85
C LEU J 107 26.14 -18.90 31.13
N LEU J 108 26.24 -18.06 30.11
CA LEU J 108 26.46 -16.63 30.31
C LEU J 108 25.28 -15.99 31.06
N GLU J 109 24.05 -16.22 30.62
CA GLU J 109 22.88 -15.68 31.29
C GLU J 109 22.80 -16.13 32.76
N GLU J 110 23.08 -17.40 33.02
CA GLU J 110 23.19 -17.92 34.37
C GLU J 110 24.25 -17.16 35.17
N SER J 111 25.46 -17.06 34.65
CA SER J 111 26.58 -16.47 35.38
C SER J 111 26.35 -14.99 35.70
N GLN J 112 25.76 -14.21 34.78
CA GLN J 112 25.48 -12.80 35.07
C GLN J 112 24.46 -12.65 36.21
N ASN J 113 23.38 -13.44 36.23
CA ASN J 113 22.40 -13.38 37.31
C ASN J 113 23.04 -13.56 38.68
N GLN J 114 23.98 -14.50 38.82
CA GLN J 114 24.71 -14.68 40.07
C GLN J 114 25.42 -13.38 40.49
N GLN J 115 26.10 -12.72 39.54
CA GLN J 115 26.80 -11.48 39.87
C GLN J 115 25.85 -10.34 40.23
N GLU J 116 24.66 -10.25 39.63
CA GLU J 116 23.67 -9.28 40.08
C GLU J 116 23.24 -9.55 41.53
N LYS J 117 22.98 -10.82 41.87
CA LYS J 117 22.62 -11.18 43.25
C LYS J 117 23.74 -10.84 44.22
N ASN J 118 25.00 -11.15 43.87
CA ASN J 118 26.15 -10.79 44.70
C ASN J 118 26.25 -9.29 44.90
N GLU J 119 26.20 -8.52 43.82
CA GLU J 119 26.30 -7.06 43.87
C GLU J 119 25.20 -6.46 44.74
N GLN J 120 23.95 -6.91 44.55
CA GLN J 120 22.85 -6.45 45.37
C GLN J 120 23.04 -6.77 46.84
N ASP J 121 23.39 -8.01 47.19
CA ASP J 121 23.59 -8.38 48.59
C ASP J 121 24.74 -7.56 49.22
N LEU J 122 25.85 -7.39 48.51
CA LEU J 122 26.97 -6.61 49.04
C LEU J 122 26.59 -5.14 49.23
N LEU J 123 26.05 -4.48 48.20
CA LEU J 123 25.67 -3.06 48.29
C LEU J 123 24.58 -2.82 49.34
N ALA J 124 23.69 -3.80 49.54
CA ALA J 124 22.67 -3.74 50.58
C ALA J 124 23.26 -3.93 51.99
N LEU J 125 23.93 -5.06 52.23
CA LEU J 125 24.26 -5.50 53.58
C LEU J 125 25.50 -4.80 54.15
N ASP J 126 26.40 -4.28 53.30
CA ASP J 126 27.56 -3.51 53.75
C ASP J 126 27.15 -2.15 54.35
N GLN K 1 -4.56 -33.25 -5.24
CA GLN K 1 -4.41 -31.91 -5.86
C GLN K 1 -4.20 -32.01 -7.37
N VAL K 2 -3.00 -32.36 -7.87
CA VAL K 2 -2.70 -32.34 -9.31
C VAL K 2 -3.34 -33.50 -10.06
N ARG K 3 -3.60 -33.30 -11.36
CA ARG K 3 -3.97 -34.37 -12.30
C ARG K 3 -3.37 -34.14 -13.67
N LEU K 4 -3.23 -35.25 -14.40
CA LEU K 4 -3.05 -35.28 -15.85
C LEU K 4 -4.12 -36.22 -16.43
N ALA K 5 -5.27 -35.67 -16.79
CA ALA K 5 -6.29 -36.43 -17.52
C ALA K 5 -5.83 -36.68 -18.96
N GLN K 6 -6.36 -37.70 -19.62
CA GLN K 6 -6.05 -38.02 -21.01
C GLN K 6 -7.29 -38.42 -21.82
N TYR K 7 -7.20 -38.29 -23.14
CA TYR K 7 -8.24 -38.69 -24.09
C TYR K 7 -7.60 -39.31 -25.35
N GLY K 8 -8.36 -39.41 -26.44
CA GLY K 8 -7.85 -39.79 -27.76
C GLY K 8 -7.52 -41.28 -27.96
N GLY K 9 -7.48 -42.07 -26.90
CA GLY K 9 -7.24 -43.50 -26.96
C GLY K 9 -8.36 -44.26 -27.67
N GLY K 10 -8.01 -45.33 -28.39
CA GLY K 10 -8.95 -46.15 -29.14
C GLY K 10 -8.30 -46.89 -30.30
N VAL K 11 -9.12 -47.56 -31.11
CA VAL K 11 -8.68 -48.18 -32.36
C VAL K 11 -8.34 -47.10 -33.38
N LYS K 12 -7.22 -47.25 -34.08
CA LYS K 12 -6.76 -46.39 -35.18
C LYS K 12 -6.43 -47.25 -36.40
N ARG K 13 -6.75 -46.73 -37.59
CA ARG K 13 -6.52 -47.44 -38.86
C ARG K 13 -5.03 -47.49 -39.22
N LEU K 14 -4.60 -48.56 -39.87
CA LEU K 14 -3.20 -48.76 -40.24
C LEU K 14 -2.71 -47.61 -41.13
N GLY K 15 -1.52 -47.06 -40.85
CA GLY K 15 -0.95 -45.96 -41.63
C GLY K 15 -1.60 -44.59 -41.41
N ALA K 16 -2.63 -44.48 -40.58
CA ALA K 16 -3.30 -43.20 -40.30
C ALA K 16 -2.43 -42.26 -39.44
N THR K 17 -2.97 -41.08 -39.15
CA THR K 17 -2.39 -40.12 -38.19
C THR K 17 -3.34 -39.90 -37.04
N MET K 18 -2.80 -39.72 -35.83
CA MET K 18 -3.58 -39.48 -34.61
C MET K 18 -3.04 -38.31 -33.82
N THR K 19 -3.93 -37.63 -33.09
CA THR K 19 -3.55 -36.71 -32.02
C THR K 19 -4.07 -37.27 -30.70
N LEU K 20 -3.18 -37.62 -29.78
CA LEU K 20 -3.54 -37.85 -28.37
C LEU K 20 -3.50 -36.53 -27.61
N SER K 21 -4.18 -36.45 -26.47
CA SER K 21 -4.24 -35.22 -25.69
C SER K 21 -4.22 -35.48 -24.20
N CYS K 22 -3.71 -34.49 -23.47
CA CYS K 22 -3.47 -34.51 -22.04
C CYS K 22 -3.86 -33.17 -21.44
N VAL K 23 -4.60 -33.18 -20.33
CA VAL K 23 -5.11 -31.97 -19.68
C VAL K 23 -4.60 -31.91 -18.26
N ALA K 24 -3.89 -30.83 -17.93
CA ALA K 24 -3.35 -30.61 -16.60
C ALA K 24 -4.31 -29.83 -15.70
N SER K 25 -4.14 -29.96 -14.39
CA SER K 25 -4.77 -29.10 -13.39
C SER K 25 -4.04 -29.14 -12.06
N GLY K 26 -4.29 -28.13 -11.22
CA GLY K 26 -3.87 -28.09 -9.81
C GLY K 26 -2.46 -27.56 -9.54
N TYR K 27 -1.69 -27.22 -10.56
CA TYR K 27 -0.33 -26.66 -10.42
C TYR K 27 -0.03 -25.58 -11.46
N THR K 28 1.00 -24.79 -11.21
CA THR K 28 1.43 -23.69 -12.08
C THR K 28 1.92 -24.21 -13.44
N PHE K 29 1.11 -24.06 -14.49
CA PHE K 29 1.31 -24.78 -15.74
C PHE K 29 2.65 -24.52 -16.43
N ASN K 30 3.24 -23.34 -16.24
CA ASN K 30 4.54 -22.99 -16.83
C ASN K 30 5.76 -23.67 -16.16
N ASP K 31 5.64 -24.24 -14.97
CA ASP K 31 6.83 -24.59 -14.16
C ASP K 31 7.42 -25.98 -14.40
N TYR K 32 6.70 -26.89 -15.05
CA TYR K 32 7.09 -28.30 -15.15
C TYR K 32 7.10 -28.76 -16.61
N TYR K 33 8.13 -29.49 -17.00
CA TYR K 33 8.16 -30.09 -18.33
C TYR K 33 7.24 -31.31 -18.36
N ILE K 34 6.64 -31.59 -19.52
CA ILE K 34 5.82 -32.79 -19.74
C ILE K 34 6.56 -33.73 -20.67
N HIS K 35 6.62 -35.01 -20.31
CA HIS K 35 7.20 -36.05 -21.15
C HIS K 35 6.10 -36.99 -21.64
N TRP K 36 6.22 -37.45 -22.88
CA TRP K 36 5.33 -38.45 -23.46
C TRP K 36 6.05 -39.78 -23.53
N VAL K 37 5.49 -40.79 -22.88
CA VAL K 37 6.12 -42.10 -22.74
C VAL K 37 5.12 -43.20 -23.02
N ARG K 38 5.60 -44.34 -23.49
CA ARG K 38 4.74 -45.44 -23.89
C ARG K 38 5.24 -46.80 -23.46
N GLN K 39 4.35 -47.76 -23.45
CA GLN K 39 4.65 -49.16 -23.22
C GLN K 39 3.87 -50.02 -24.20
N ALA K 40 4.58 -50.62 -25.15
CA ALA K 40 4.06 -51.73 -25.92
C ALA K 40 3.91 -52.98 -25.02
N PRO K 41 2.92 -53.85 -25.26
CA PRO K 41 2.72 -55.05 -24.44
C PRO K 41 3.94 -55.97 -24.52
N GLY K 42 4.45 -56.40 -23.37
CA GLY K 42 5.65 -57.24 -23.26
C GLY K 42 7.00 -56.50 -23.40
N GLN K 43 7.00 -55.17 -23.41
CA GLN K 43 8.21 -54.33 -23.52
C GLN K 43 8.33 -53.40 -22.30
N GLY K 44 9.56 -53.04 -21.93
CA GLY K 44 9.80 -51.96 -20.97
C GLY K 44 9.36 -50.60 -21.49
N PHE K 45 9.15 -49.63 -20.60
CA PHE K 45 8.78 -48.26 -20.98
C PHE K 45 9.82 -47.61 -21.90
N GLU K 46 9.34 -46.66 -22.69
CA GLU K 46 10.09 -45.98 -23.74
C GLU K 46 9.68 -44.50 -23.76
N LEU K 47 10.64 -43.59 -24.02
CA LEU K 47 10.38 -42.16 -24.09
C LEU K 47 10.24 -41.73 -25.54
N LEU K 48 9.19 -40.97 -25.84
CA LEU K 48 8.96 -40.39 -27.16
C LEU K 48 9.63 -39.02 -27.28
N GLY K 49 9.51 -38.21 -26.24
CA GLY K 49 10.00 -36.84 -26.24
C GLY K 49 9.43 -36.03 -25.08
N TYR K 50 9.78 -34.76 -25.03
CA TYR K 50 9.28 -33.85 -24.00
C TYR K 50 9.04 -32.45 -24.56
N ILE K 51 8.17 -31.71 -23.88
CA ILE K 51 7.76 -30.38 -24.27
C ILE K 51 7.77 -29.46 -23.06
N ASP K 52 8.32 -28.27 -23.23
CA ASP K 52 8.20 -27.20 -22.26
C ASP K 52 6.88 -26.48 -22.52
N PRO K 53 5.88 -26.55 -21.63
CA PRO K 53 4.60 -25.91 -21.86
C PRO K 53 4.73 -24.39 -21.94
N ALA K 54 5.72 -23.78 -21.29
CA ALA K 54 5.77 -22.32 -21.19
C ALA K 54 5.99 -21.68 -22.57
N ASN K 55 7.06 -22.04 -23.29
CA ASN K 55 7.38 -21.53 -24.63
C ASN K 55 6.98 -22.48 -25.77
N GLY K 56 6.56 -23.70 -25.46
CA GLY K 56 6.18 -24.68 -26.47
C GLY K 56 7.35 -25.38 -27.14
N ARG K 57 8.58 -25.28 -26.63
CA ARG K 57 9.74 -25.96 -27.22
C ARG K 57 9.58 -27.48 -27.14
N PRO K 58 9.71 -28.22 -28.25
CA PRO K 58 9.70 -29.67 -28.24
C PRO K 58 11.11 -30.25 -28.32
N ASP K 59 11.23 -31.51 -27.92
CA ASP K 59 12.40 -32.35 -28.14
C ASP K 59 12.01 -33.84 -28.29
N TYR K 60 12.75 -34.60 -29.10
CA TYR K 60 12.31 -35.89 -29.62
C TYR K 60 13.34 -37.00 -29.47
N ALA K 61 12.89 -38.24 -29.28
CA ALA K 61 13.74 -39.41 -29.44
C ALA K 61 14.21 -39.55 -30.89
N GLY K 62 15.48 -39.89 -31.11
CA GLY K 62 16.08 -39.90 -32.46
C GLY K 62 15.42 -40.86 -33.45
N ALA K 63 14.77 -41.93 -32.97
CA ALA K 63 14.05 -42.86 -33.81
C ALA K 63 12.76 -42.29 -34.43
N LEU K 64 12.14 -41.28 -33.80
CA LEU K 64 10.77 -40.84 -34.10
C LEU K 64 10.65 -39.38 -34.50
N ARG K 65 11.77 -38.67 -34.64
CA ARG K 65 11.85 -37.23 -34.96
C ARG K 65 11.09 -36.84 -36.22
N GLU K 66 10.97 -37.75 -37.19
CA GLU K 66 10.23 -37.53 -38.43
C GLU K 66 8.71 -37.62 -38.25
N ARG K 67 8.25 -38.43 -37.30
CA ARG K 67 6.86 -38.86 -37.18
C ARG K 67 6.08 -38.10 -36.12
N LEU K 68 6.72 -37.72 -35.03
CA LEU K 68 6.09 -37.03 -33.91
C LEU K 68 5.96 -35.53 -34.15
N SER K 69 5.01 -34.89 -33.48
CA SER K 69 5.03 -33.45 -33.20
C SER K 69 4.25 -33.13 -31.92
N PHE K 70 4.64 -32.09 -31.19
CA PHE K 70 3.96 -31.68 -29.95
C PHE K 70 3.54 -30.21 -30.00
N TYR K 71 2.40 -29.87 -29.39
CA TYR K 71 1.94 -28.50 -29.25
C TYR K 71 0.98 -28.38 -28.06
N ARG K 72 0.77 -27.15 -27.56
CA ARG K 72 -0.11 -26.90 -26.41
C ARG K 72 -1.02 -25.71 -26.60
N ASP K 73 -2.29 -25.84 -26.21
CA ASP K 73 -3.23 -24.73 -26.12
C ASP K 73 -3.12 -24.12 -24.73
N LYS K 74 -2.19 -23.18 -24.57
CA LYS K 74 -1.66 -22.77 -23.28
C LYS K 74 -2.72 -22.20 -22.34
N SER K 75 -3.69 -21.47 -22.87
CA SER K 75 -4.80 -20.92 -22.05
C SER K 75 -5.72 -22.02 -21.51
N MET K 76 -5.68 -23.22 -22.09
CA MET K 76 -6.47 -24.38 -21.66
C MET K 76 -5.67 -25.39 -20.82
N GLU K 77 -4.41 -25.12 -20.48
CA GLU K 77 -3.56 -26.05 -19.71
C GLU K 77 -3.54 -27.46 -20.35
N THR K 78 -3.52 -27.49 -21.69
CA THR K 78 -3.79 -28.68 -22.49
C THR K 78 -2.70 -28.92 -23.50
N LEU K 79 -2.24 -30.16 -23.62
CA LEU K 79 -1.19 -30.58 -24.52
C LEU K 79 -1.70 -31.62 -25.51
N TYR K 80 -1.10 -31.63 -26.68
CA TYR K 80 -1.42 -32.54 -27.77
C TYR K 80 -0.16 -33.19 -28.30
N MET K 81 -0.23 -34.48 -28.57
CA MET K 81 0.81 -35.23 -29.26
C MET K 81 0.27 -35.74 -30.58
N ASP K 82 0.83 -35.29 -31.69
CA ASP K 82 0.61 -35.93 -32.97
C ASP K 82 1.62 -37.05 -33.16
N LEU K 83 1.15 -38.23 -33.57
CA LEU K 83 2.00 -39.22 -34.22
C LEU K 83 1.48 -39.48 -35.63
N ARG K 84 2.27 -39.12 -36.63
CA ARG K 84 1.95 -39.35 -38.04
C ARG K 84 2.27 -40.78 -38.45
N SER K 85 1.58 -41.26 -39.48
CA SER K 85 1.92 -42.50 -40.19
C SER K 85 2.08 -43.70 -39.25
N LEU K 86 1.02 -44.07 -38.53
CA LEU K 86 1.03 -45.17 -37.56
C LEU K 86 1.44 -46.51 -38.19
N ARG K 87 2.14 -47.36 -37.42
CA ARG K 87 2.46 -48.75 -37.78
C ARG K 87 2.04 -49.69 -36.66
N TYR K 88 1.90 -50.97 -36.98
CA TYR K 88 1.35 -51.99 -36.08
C TYR K 88 2.00 -51.97 -34.69
N ASP K 89 3.32 -51.79 -34.64
CA ASP K 89 4.14 -51.73 -33.43
C ASP K 89 3.94 -50.47 -32.58
N ASP K 90 3.28 -49.42 -33.07
CA ASP K 90 2.89 -48.31 -32.20
C ASP K 90 1.75 -48.69 -31.24
N THR K 91 1.14 -49.87 -31.40
CA THR K 91 0.11 -50.40 -30.51
C THR K 91 0.65 -50.51 -29.08
N ALA K 92 0.15 -49.67 -28.17
CA ALA K 92 0.72 -49.48 -26.85
C ALA K 92 -0.21 -48.69 -25.92
N MET K 93 0.10 -48.67 -24.63
CA MET K 93 -0.39 -47.66 -23.70
C MET K 93 0.49 -46.40 -23.80
N TYR K 94 -0.11 -45.21 -23.91
CA TYR K 94 0.58 -43.92 -23.95
C TYR K 94 0.24 -43.09 -22.73
N TYR K 95 1.24 -42.53 -22.05
CA TYR K 95 1.07 -41.62 -20.93
C TYR K 95 1.72 -40.27 -21.18
N CYS K 96 1.04 -39.20 -20.78
CA CYS K 96 1.75 -37.96 -20.46
C CYS K 96 2.16 -37.98 -18.98
N VAL K 97 3.36 -37.49 -18.67
CA VAL K 97 3.98 -37.61 -17.35
C VAL K 97 4.65 -36.29 -16.98
N ARG K 98 4.53 -35.87 -15.72
CA ARG K 98 5.15 -34.65 -15.22
C ARG K 98 6.57 -34.88 -14.72
N ASN K 99 7.48 -33.98 -15.07
CA ASN K 99 8.89 -34.06 -14.74
C ASN K 99 9.32 -32.90 -13.84
N VAL K 100 9.91 -33.20 -12.70
CA VAL K 100 10.49 -32.19 -11.81
C VAL K 100 11.80 -31.69 -12.38
N GLY K 101 12.15 -30.44 -12.13
CA GLY K 101 13.49 -29.94 -12.41
C GLY K 101 13.82 -28.68 -11.63
N THR K 102 15.09 -28.49 -11.30
CA THR K 102 15.61 -27.20 -10.85
C THR K 102 15.68 -26.24 -12.03
N ALA K 103 16.06 -24.99 -11.79
CA ALA K 103 16.34 -24.06 -12.88
C ALA K 103 17.44 -24.56 -13.85
N GLY K 104 18.30 -25.47 -13.40
CA GLY K 104 19.42 -26.00 -14.19
C GLY K 104 19.12 -27.32 -14.89
N SER K 105 18.53 -28.29 -14.20
CA SER K 105 18.40 -29.65 -14.71
C SER K 105 17.03 -30.27 -14.49
N LEU K 106 16.56 -30.96 -15.52
CA LEU K 106 15.42 -31.87 -15.48
C LEU K 106 15.82 -33.16 -14.76
N LEU K 107 14.93 -33.77 -13.98
CA LEU K 107 15.28 -34.85 -13.05
C LEU K 107 14.35 -36.05 -13.23
N HIS K 108 13.85 -36.64 -12.14
CA HIS K 108 12.87 -37.73 -12.11
C HIS K 108 11.44 -37.29 -12.46
N TYR K 109 10.54 -38.25 -12.70
CA TYR K 109 9.11 -38.02 -12.84
C TYR K 109 8.39 -38.09 -11.50
N ASP K 110 7.36 -37.27 -11.28
CA ASP K 110 6.62 -37.26 -10.00
C ASP K 110 5.13 -37.51 -10.09
N HIS K 111 4.56 -37.59 -11.29
CA HIS K 111 3.14 -37.84 -11.46
C HIS K 111 2.84 -38.34 -12.86
N TRP K 112 2.06 -39.41 -12.97
CA TRP K 112 1.67 -40.01 -14.24
C TRP K 112 0.19 -39.77 -14.52
N GLY K 113 -0.14 -39.41 -15.76
CA GLY K 113 -1.53 -39.29 -16.19
C GLY K 113 -2.27 -40.61 -16.26
N SER K 114 -3.56 -40.56 -16.55
CA SER K 114 -4.47 -41.71 -16.51
C SER K 114 -4.15 -42.81 -17.54
N GLY K 115 -3.39 -42.51 -18.58
CA GLY K 115 -3.03 -43.44 -19.65
C GLY K 115 -4.12 -43.61 -20.70
N SER K 116 -3.73 -43.58 -21.97
CA SER K 116 -4.58 -43.83 -23.12
C SER K 116 -4.07 -45.05 -23.89
N PRO K 117 -4.85 -46.13 -24.03
CA PRO K 117 -4.48 -47.23 -24.89
C PRO K 117 -4.69 -46.86 -26.36
N VAL K 118 -3.85 -47.38 -27.25
CA VAL K 118 -4.00 -47.23 -28.70
C VAL K 118 -3.76 -48.57 -29.38
N ILE K 119 -4.66 -48.93 -30.30
CA ILE K 119 -4.55 -50.17 -31.07
C ILE K 119 -4.49 -49.85 -32.55
N VAL K 120 -3.42 -50.26 -33.23
CA VAL K 120 -3.21 -49.97 -34.65
C VAL K 120 -3.61 -51.16 -35.50
N SER K 121 -4.87 -51.20 -35.95
CA SER K 121 -5.34 -52.17 -36.95
C SER K 121 -6.69 -51.75 -37.53
N SER K 122 -6.84 -51.82 -38.86
CA SER K 122 -8.09 -51.50 -39.56
C SER K 122 -9.11 -52.63 -39.42
N GLU L 1 22.64 -44.60 -25.88
CA GLU L 1 21.47 -45.01 -25.05
C GLU L 1 21.93 -45.81 -23.83
N ILE L 2 21.77 -45.27 -22.62
CA ILE L 2 22.13 -46.01 -21.39
C ILE L 2 21.09 -47.08 -21.09
N VAL L 3 21.50 -48.35 -21.10
CA VAL L 3 20.65 -49.48 -20.75
C VAL L 3 20.51 -49.57 -19.24
N LEU L 4 19.32 -49.91 -18.76
CA LEU L 4 19.11 -50.46 -17.42
C LEU L 4 18.72 -51.94 -17.51
N THR L 5 19.37 -52.78 -16.69
CA THR L 5 18.97 -54.16 -16.46
C THR L 5 18.41 -54.27 -15.04
N GLN L 6 17.18 -54.78 -14.87
CA GLN L 6 16.69 -55.20 -13.56
C GLN L 6 16.96 -56.69 -13.33
N SER L 7 17.15 -57.07 -12.07
CA SER L 7 17.21 -58.48 -11.68
C SER L 7 16.64 -58.70 -10.27
N PRO L 8 15.93 -59.81 -10.02
CA PRO L 8 15.45 -60.78 -11.02
C PRO L 8 14.33 -60.17 -11.89
N ALA L 9 13.94 -60.87 -12.96
CA ALA L 9 12.74 -60.51 -13.72
C ALA L 9 11.46 -60.74 -12.88
N THR L 10 11.39 -61.86 -12.16
CA THR L 10 10.32 -62.17 -11.20
C THR L 10 10.91 -62.64 -9.87
N LEU L 11 10.38 -62.12 -8.76
CA LEU L 11 10.88 -62.34 -7.40
C LEU L 11 9.85 -63.08 -6.55
N SER L 12 10.22 -64.26 -6.06
CA SER L 12 9.38 -65.10 -5.18
C SER L 12 9.45 -64.67 -3.71
N ALA L 13 8.33 -64.32 -3.09
CA ALA L 13 8.27 -63.86 -1.70
C ALA L 13 6.97 -64.26 -0.98
N SER L 14 6.92 -64.05 0.33
CA SER L 14 5.74 -64.25 1.20
C SER L 14 5.42 -62.97 1.97
N PRO L 15 4.15 -62.74 2.35
CA PRO L 15 3.75 -61.52 3.05
C PRO L 15 4.51 -61.34 4.37
N GLY L 16 4.74 -60.08 4.76
CA GLY L 16 5.50 -59.69 5.95
C GLY L 16 7.01 -59.86 5.85
N GLU L 17 7.54 -60.50 4.79
CA GLU L 17 8.99 -60.61 4.59
C GLU L 17 9.63 -59.28 4.15
N ARG L 18 10.91 -59.10 4.49
CA ARG L 18 11.79 -58.13 3.84
C ARG L 18 12.30 -58.67 2.50
N VAL L 19 12.28 -57.83 1.47
CA VAL L 19 12.53 -58.19 0.07
C VAL L 19 13.39 -57.14 -0.62
N THR L 20 14.29 -57.55 -1.52
CA THR L 20 15.25 -56.67 -2.21
C THR L 20 15.24 -56.88 -3.73
N LEU L 21 15.20 -55.78 -4.49
CA LEU L 21 15.19 -55.70 -5.94
C LEU L 21 16.44 -54.96 -6.42
N THR L 22 17.01 -55.35 -7.56
CA THR L 22 18.30 -54.82 -8.03
C THR L 22 18.21 -54.26 -9.44
N CYS L 23 18.97 -53.21 -9.72
CA CYS L 23 19.09 -52.58 -11.03
C CYS L 23 20.54 -52.22 -11.32
N ARG L 24 21.01 -52.44 -12.55
CA ARG L 24 22.37 -52.08 -13.00
C ARG L 24 22.34 -51.32 -14.32
N ALA L 25 23.30 -50.44 -14.50
CA ALA L 25 23.44 -49.57 -15.67
C ALA L 25 24.66 -49.93 -16.53
N SER L 26 24.57 -49.72 -17.84
CA SER L 26 25.67 -50.05 -18.78
C SER L 26 26.94 -49.21 -18.55
N ARG L 27 26.81 -48.03 -17.94
CA ARG L 27 27.89 -47.20 -17.40
C ARG L 27 27.34 -46.30 -16.28
N SER L 28 28.20 -45.53 -15.63
CA SER L 28 27.80 -44.69 -14.49
C SER L 28 26.63 -43.76 -14.81
N VAL L 29 25.72 -43.63 -13.84
CA VAL L 29 24.60 -42.68 -13.85
C VAL L 29 24.60 -41.85 -12.56
N ARG L 30 25.75 -41.75 -11.89
CA ARG L 30 25.87 -41.14 -10.56
C ARG L 30 24.83 -41.78 -9.63
N ASN L 31 24.13 -40.98 -8.82
CA ASN L 31 22.96 -41.43 -8.07
C ASN L 31 21.63 -41.05 -8.75
N ASN L 32 21.62 -40.61 -10.01
CA ASN L 32 20.44 -40.03 -10.65
C ASN L 32 19.42 -41.08 -11.13
N VAL L 33 18.95 -41.89 -10.19
CA VAL L 33 18.11 -43.06 -10.40
C VAL L 33 16.88 -42.97 -9.51
N ALA L 34 15.77 -43.47 -9.99
CA ALA L 34 14.52 -43.53 -9.25
C ALA L 34 13.81 -44.86 -9.43
N TRP L 35 12.89 -45.17 -8.52
CA TRP L 35 12.11 -46.38 -8.47
C TRP L 35 10.63 -46.06 -8.38
N TYR L 36 9.82 -46.84 -9.10
CA TYR L 36 8.37 -46.66 -9.17
C TYR L 36 7.65 -47.98 -8.92
N GLN L 37 6.55 -47.91 -8.16
CA GLN L 37 5.60 -49.00 -8.09
C GLN L 37 4.61 -48.86 -9.25
N HIS L 38 4.30 -49.96 -9.92
CA HIS L 38 3.32 -50.04 -11.00
C HIS L 38 2.24 -51.04 -10.61
N LYS L 39 1.15 -50.55 -10.00
CA LYS L 39 -0.05 -51.36 -9.74
C LYS L 39 -0.71 -51.75 -11.06
N GLY L 40 -1.29 -52.95 -11.12
CA GLY L 40 -1.83 -53.52 -12.36
C GLY L 40 -2.88 -52.63 -13.02
N GLY L 41 -2.67 -52.30 -14.30
CA GLY L 41 -3.61 -51.51 -15.10
C GLY L 41 -3.80 -50.05 -14.67
N GLN L 42 -2.88 -49.48 -13.88
CA GLN L 42 -3.01 -48.15 -13.27
C GLN L 42 -1.77 -47.28 -13.54
N SER L 43 -1.94 -45.96 -13.40
CA SER L 43 -0.83 -45.01 -13.46
C SER L 43 0.21 -45.35 -12.39
N PRO L 44 1.49 -45.53 -12.73
CA PRO L 44 2.55 -45.77 -11.75
C PRO L 44 2.66 -44.69 -10.67
N ARG L 45 3.36 -45.00 -9.57
CA ARG L 45 3.69 -44.04 -8.51
C ARG L 45 5.17 -44.07 -8.17
N LEU L 46 5.72 -42.90 -7.89
CA LEU L 46 7.08 -42.71 -7.41
C LEU L 46 7.26 -43.32 -6.01
N LEU L 47 8.34 -44.07 -5.79
CA LEU L 47 8.77 -44.50 -4.46
C LEU L 47 9.97 -43.68 -3.99
N ILE L 48 11.06 -43.76 -4.75
CA ILE L 48 12.37 -43.25 -4.35
C ILE L 48 13.03 -42.57 -5.53
N TYR L 49 13.79 -41.52 -5.28
CA TYR L 49 14.64 -40.85 -6.26
C TYR L 49 16.01 -40.52 -5.66
N ASP L 50 16.94 -40.12 -6.52
CA ASP L 50 18.36 -40.00 -6.20
C ASP L 50 18.92 -41.25 -5.48
N ALA L 51 18.43 -42.41 -5.91
CA ALA L 51 18.69 -43.74 -5.38
C ALA L 51 18.42 -43.94 -3.87
N SER L 52 17.83 -42.98 -3.17
CA SER L 52 17.88 -42.95 -1.70
C SER L 52 16.82 -42.09 -1.02
N THR L 53 16.34 -41.04 -1.67
CA THR L 53 15.30 -40.17 -1.11
C THR L 53 13.94 -40.80 -1.31
N ARG L 54 13.30 -41.26 -0.24
CA ARG L 54 11.89 -41.65 -0.24
C ARG L 54 11.01 -40.42 -0.45
N ALA L 55 10.11 -40.46 -1.42
CA ALA L 55 9.26 -39.32 -1.73
C ALA L 55 8.15 -39.11 -0.67
N ALA L 56 7.56 -37.91 -0.64
CA ALA L 56 6.48 -37.59 0.29
C ALA L 56 5.26 -38.54 0.12
N GLY L 57 4.65 -38.93 1.23
CA GLY L 57 3.49 -39.84 1.26
C GLY L 57 3.80 -41.31 0.93
N VAL L 58 5.00 -41.66 0.50
CA VAL L 58 5.40 -43.04 0.25
C VAL L 58 5.52 -43.83 1.57
N PRO L 59 5.06 -45.09 1.64
CA PRO L 59 5.20 -45.91 2.84
C PRO L 59 6.66 -46.07 3.31
N ALA L 60 6.88 -45.96 4.61
CA ALA L 60 8.22 -46.05 5.21
C ALA L 60 8.90 -47.41 4.99
N ARG L 61 8.14 -48.47 4.71
CA ARG L 61 8.66 -49.81 4.41
C ARG L 61 9.60 -49.85 3.21
N PHE L 62 9.48 -48.91 2.27
CA PHE L 62 10.39 -48.79 1.13
C PHE L 62 11.70 -48.07 1.50
N SER L 63 12.83 -48.51 0.95
CA SER L 63 14.14 -47.87 1.12
C SER L 63 15.06 -48.24 -0.04
N GLY L 64 16.17 -47.53 -0.21
CA GLY L 64 17.11 -47.81 -1.31
C GLY L 64 18.49 -47.23 -1.12
N SER L 65 19.44 -47.76 -1.89
CA SER L 65 20.87 -47.46 -1.81
C SER L 65 21.59 -47.76 -3.12
N ALA L 66 22.84 -47.33 -3.25
CA ALA L 66 23.63 -47.44 -4.47
C ALA L 66 25.12 -47.74 -4.21
N SER L 67 25.77 -48.33 -5.20
CA SER L 67 27.22 -48.56 -5.24
C SER L 67 27.71 -48.63 -6.68
N GLY L 68 28.51 -47.66 -7.11
CA GLY L 68 29.01 -47.59 -8.49
C GLY L 68 27.89 -47.62 -9.52
N THR L 69 27.91 -48.60 -10.42
CA THR L 69 26.89 -48.80 -11.47
C THR L 69 25.68 -49.63 -11.04
N GLU L 70 25.48 -49.85 -9.73
CA GLU L 70 24.43 -50.73 -9.21
C GLU L 70 23.56 -50.07 -8.14
N PHE L 71 22.26 -50.35 -8.19
CA PHE L 71 21.22 -49.69 -7.43
C PHE L 71 20.29 -50.72 -6.82
N THR L 72 19.85 -50.48 -5.60
CA THR L 72 19.10 -51.46 -4.81
C THR L 72 17.88 -50.82 -4.18
N LEU L 73 16.73 -51.45 -4.37
CA LEU L 73 15.46 -51.11 -3.74
C LEU L 73 15.13 -52.21 -2.73
N ALA L 74 14.68 -51.84 -1.55
CA ALA L 74 14.23 -52.78 -0.53
C ALA L 74 12.84 -52.42 0.01
N ILE L 75 12.12 -53.45 0.45
CA ILE L 75 10.79 -53.34 1.06
C ILE L 75 10.82 -54.16 2.35
N SER L 76 10.41 -53.61 3.51
CA SER L 76 10.52 -54.34 4.79
C SER L 76 9.42 -55.39 5.02
N ASN L 77 8.24 -55.20 4.41
CA ASN L 77 7.06 -56.04 4.59
C ASN L 77 6.32 -56.17 3.26
N LEU L 78 6.39 -57.33 2.61
CA LEU L 78 5.50 -57.63 1.49
C LEU L 78 4.03 -57.70 1.95
N GLU L 79 3.13 -57.36 1.04
CA GLU L 79 1.67 -57.30 1.24
C GLU L 79 0.97 -57.52 -0.12
N SER L 80 -0.34 -57.76 -0.11
CA SER L 80 -1.15 -57.78 -1.34
C SER L 80 -1.03 -56.49 -2.18
N GLU L 81 -0.74 -55.34 -1.53
CA GLU L 81 -0.38 -54.10 -2.23
C GLU L 81 0.87 -54.26 -3.12
N ASP L 82 1.82 -55.06 -2.67
CA ASP L 82 3.21 -54.98 -3.11
C ASP L 82 3.68 -56.22 -3.88
N PHE L 83 2.90 -57.30 -3.92
CA PHE L 83 3.04 -58.36 -4.92
C PHE L 83 2.65 -57.83 -6.31
N THR L 84 3.49 -56.99 -6.88
CA THR L 84 3.20 -56.17 -8.06
C THR L 84 4.47 -55.86 -8.85
N VAL L 85 4.33 -55.14 -9.97
CA VAL L 85 5.46 -54.70 -10.79
C VAL L 85 6.13 -53.45 -10.21
N TYR L 86 7.45 -53.36 -10.36
CA TYR L 86 8.27 -52.20 -10.05
C TYR L 86 9.32 -51.98 -11.14
N PHE L 87 9.71 -50.72 -11.37
CA PHE L 87 10.79 -50.43 -12.30
C PHE L 87 11.74 -49.35 -11.81
N CYS L 88 13.02 -49.51 -12.18
CA CYS L 88 14.02 -48.47 -12.07
C CYS L 88 14.06 -47.61 -13.34
N LEU L 89 14.40 -46.34 -13.15
CA LEU L 89 14.53 -45.30 -14.15
C LEU L 89 15.83 -44.53 -13.88
N GLN L 90 16.56 -44.16 -14.92
CA GLN L 90 17.71 -43.28 -14.77
C GLN L 90 17.48 -41.99 -15.56
N TYR L 91 17.96 -40.88 -15.01
CA TYR L 91 17.85 -39.54 -15.60
C TYR L 91 19.19 -38.81 -15.60
N ASN L 92 20.30 -39.55 -15.54
CA ASN L 92 21.62 -38.95 -15.65
C ASN L 92 21.87 -38.43 -17.06
N ASN L 93 21.61 -39.28 -18.06
CA ASN L 93 21.84 -39.01 -19.47
C ASN L 93 20.66 -39.48 -20.30
N TRP L 94 20.27 -38.65 -21.28
CA TRP L 94 18.97 -38.71 -21.94
C TRP L 94 17.79 -38.60 -20.97
N TRP L 95 15.69 -40.36 -21.30
CA TRP L 95 15.48 -41.10 -20.08
C TRP L 95 15.33 -42.57 -20.45
N THR L 96 15.73 -43.50 -19.59
CA THR L 96 15.58 -44.92 -19.88
C THR L 96 15.16 -45.71 -18.66
N PHE L 97 14.37 -46.74 -18.89
CA PHE L 97 13.75 -47.57 -17.88
C PHE L 97 14.29 -48.99 -17.96
N GLY L 98 14.28 -49.70 -16.83
CA GLY L 98 14.46 -51.15 -16.83
C GLY L 98 13.29 -51.89 -17.47
N GLN L 99 13.46 -53.18 -17.73
CA GLN L 99 12.39 -54.07 -18.22
C GLN L 99 11.28 -54.32 -17.19
N GLY L 100 11.37 -53.73 -15.99
CA GLY L 100 10.46 -53.98 -14.88
C GLY L 100 10.70 -55.34 -14.20
N THR L 101 10.25 -55.45 -12.96
CA THR L 101 10.33 -56.67 -12.15
C THR L 101 8.98 -56.90 -11.50
N ARG L 102 8.51 -58.14 -11.48
CA ARG L 102 7.29 -58.54 -10.76
C ARG L 102 7.66 -59.23 -9.44
N VAL L 103 6.99 -58.89 -8.35
CA VAL L 103 7.09 -59.65 -7.08
C VAL L 103 5.84 -60.49 -6.93
N ASP L 104 5.97 -61.80 -6.71
CA ASP L 104 4.81 -62.71 -6.56
C ASP L 104 5.02 -63.77 -5.47
N ILE L 105 3.95 -64.51 -5.16
CA ILE L 105 3.86 -65.35 -3.96
C ILE L 105 5.01 -66.37 -3.88
#